data_3E5F
# 
_entry.id   3E5F 
# 
_audit_conform.dict_name       mmcif_pdbx.dic 
_audit_conform.dict_version    5.387 
_audit_conform.dict_location   http://mmcif.pdb.org/dictionaries/ascii/mmcif_pdbx.dic 
# 
loop_
_database_2.database_id 
_database_2.database_code 
_database_2.pdbx_database_accession 
_database_2.pdbx_DOI 
PDB   3E5F         pdb_00003e5f 10.2210/pdb3e5f/pdb 
NDB   UR0168       ?            ?                   
RCSB  RCSB048897   ?            ?                   
WWPDB D_1000048897 ?            ?                   
# 
loop_
_pdbx_audit_revision_history.ordinal 
_pdbx_audit_revision_history.data_content_type 
_pdbx_audit_revision_history.major_revision 
_pdbx_audit_revision_history.minor_revision 
_pdbx_audit_revision_history.revision_date 
1 'Structure model' 1 0 2008-10-07 
2 'Structure model' 1 1 2011-07-13 
3 'Structure model' 1 2 2024-02-21 
# 
_pdbx_audit_revision_details.ordinal             1 
_pdbx_audit_revision_details.revision_ordinal    1 
_pdbx_audit_revision_details.data_content_type   'Structure model' 
_pdbx_audit_revision_details.provider            repository 
_pdbx_audit_revision_details.type                'Initial release' 
_pdbx_audit_revision_details.description         ? 
_pdbx_audit_revision_details.details             ? 
# 
loop_
_pdbx_audit_revision_group.ordinal 
_pdbx_audit_revision_group.revision_ordinal 
_pdbx_audit_revision_group.data_content_type 
_pdbx_audit_revision_group.group 
1 2 'Structure model' 'Version format compliance' 
2 3 'Structure model' 'Data collection'           
3 3 'Structure model' 'Database references'       
4 3 'Structure model' 'Derived calculations'      
# 
loop_
_pdbx_audit_revision_category.ordinal 
_pdbx_audit_revision_category.revision_ordinal 
_pdbx_audit_revision_category.data_content_type 
_pdbx_audit_revision_category.category 
1 3 'Structure model' chem_comp_atom   
2 3 'Structure model' chem_comp_bond   
3 3 'Structure model' database_2       
4 3 'Structure model' struct_conn      
5 3 'Structure model' struct_conn_type 
6 3 'Structure model' struct_site      
# 
loop_
_pdbx_audit_revision_item.ordinal 
_pdbx_audit_revision_item.revision_ordinal 
_pdbx_audit_revision_item.data_content_type 
_pdbx_audit_revision_item.item 
1  3 'Structure model' '_database_2.pdbx_DOI'                
2  3 'Structure model' '_database_2.pdbx_database_accession' 
3  3 'Structure model' '_struct_conn.conn_type_id'           
4  3 'Structure model' '_struct_conn.id'                     
5  3 'Structure model' '_struct_conn.pdbx_dist_value'        
6  3 'Structure model' '_struct_conn.pdbx_leaving_atom_flag' 
7  3 'Structure model' '_struct_conn.ptnr1_auth_comp_id'     
8  3 'Structure model' '_struct_conn.ptnr1_auth_seq_id'      
9  3 'Structure model' '_struct_conn.ptnr1_label_asym_id'    
10 3 'Structure model' '_struct_conn.ptnr1_label_atom_id'    
11 3 'Structure model' '_struct_conn.ptnr1_label_comp_id'    
12 3 'Structure model' '_struct_conn.ptnr1_label_seq_id'     
13 3 'Structure model' '_struct_conn.ptnr2_auth_comp_id'     
14 3 'Structure model' '_struct_conn.ptnr2_auth_seq_id'      
15 3 'Structure model' '_struct_conn.ptnr2_label_asym_id'    
16 3 'Structure model' '_struct_conn.ptnr2_label_atom_id'    
17 3 'Structure model' '_struct_conn.ptnr2_label_comp_id'    
18 3 'Structure model' '_struct_conn.ptnr2_label_seq_id'     
19 3 'Structure model' '_struct_conn_type.id'                
20 3 'Structure model' '_struct_site.pdbx_auth_asym_id'      
21 3 'Structure model' '_struct_site.pdbx_auth_comp_id'      
22 3 'Structure model' '_struct_site.pdbx_auth_seq_id'       
# 
_pdbx_database_status.entry_id                        3E5F 
_pdbx_database_status.deposit_site                    RCSB 
_pdbx_database_status.process_site                    RCSB 
_pdbx_database_status.recvd_initial_deposition_date   2008-08-13 
_pdbx_database_status.status_code                     REL 
_pdbx_database_status.status_code_sf                  REL 
_pdbx_database_status.status_code_mr                  ? 
_pdbx_database_status.SG_entry                        ? 
_pdbx_database_status.pdb_format_compatible           Y 
_pdbx_database_status.status_code_cs                  ? 
_pdbx_database_status.status_code_nmr_data            ? 
_pdbx_database_status.methods_development_category    ? 
# 
loop_
_pdbx_database_related.db_name 
_pdbx_database_related.db_id 
_pdbx_database_related.details 
_pdbx_database_related.content_type 
PDB 3e5C 'Same RNA with SAM' unspecified 
PDB 3e5e 'Same RNA with SAH' unspecified 
# 
_audit_author.name           'Lu, C.' 
_audit_author.pdbx_ordinal   1 
# 
_citation.id                        primary 
_citation.title                     
'Crystal structures of the SAM-III/S(MK) riboswitch reveal the SAM-dependent translation inhibition mechanism.' 
_citation.journal_abbrev            Nat.Struct.Mol.Biol. 
_citation.journal_volume            15 
_citation.page_first                1076 
_citation.page_last                 1083 
_citation.year                      2008 
_citation.journal_id_ASTM           ? 
_citation.country                   US 
_citation.journal_id_ISSN           1545-9993 
_citation.journal_id_CSD            ? 
_citation.book_publisher            ? 
_citation.pdbx_database_id_PubMed   18806797 
_citation.pdbx_database_id_DOI      10.1038/nsmb.1494 
# 
loop_
_citation_author.citation_id 
_citation_author.name 
_citation_author.ordinal 
_citation_author.identifier_ORCID 
primary 'Lu, C.'          1 ? 
primary 'Smith, A.M.'     2 ? 
primary 'Fuchs, R.T.'     3 ? 
primary 'Ding, F.'        4 ? 
primary 'Rajashankar, K.' 5 ? 
primary 'Henkin, T.M.'    6 ? 
primary 'Ke, A.'          7 ? 
# 
loop_
_entity.id 
_entity.type 
_entity.src_method 
_entity.pdbx_description 
_entity.formula_weight 
_entity.pdbx_number_of_molecules 
_entity.pdbx_ec 
_entity.pdbx_mutation 
_entity.pdbx_fragment 
_entity.details 
1 polymer     syn 'SMK box (SAM-III) Riboswitch for RNA' 17402.322 1  ? ? ? ? 
2 non-polymer syn 'STRONTIUM ION' 87.620    15 ? ? ? ? 
3 non-polymer syn 
'[(3S)-3-amino-4-hydroxy-4-oxo-butyl]-[[(2S,3S,4R,5R)-5-(6-aminopurin-9-yl)-3,4-dihydroxy-oxolan-2-yl]methyl]-methyl-selanium' 
446.340   1  ? ? ? ? 
4 water       nat water 18.015    11 ? ? ? ? 
# 
_entity_poly.entity_id                      1 
_entity_poly.type                           polyribonucleotide 
_entity_poly.nstd_linkage                   no 
_entity_poly.nstd_monomer                   yes 
_entity_poly.pdbx_seq_one_letter_code       '(GTP)UUCCCGAAAGGAUGGCGGAAACGCCAGAUGCCUUGUAACCGAAAGGGGGAAU' 
_entity_poly.pdbx_seq_one_letter_code_can   GUUCCCGAAAGGAUGGCGGAAACGCCAGAUGCCUUGUAACCGAAAGGGGGAAU 
_entity_poly.pdbx_strand_id                 A 
_entity_poly.pdbx_target_identifier         ? 
# 
loop_
_pdbx_entity_nonpoly.entity_id 
_pdbx_entity_nonpoly.name 
_pdbx_entity_nonpoly.comp_id 
2 'STRONTIUM ION'                                                                                                                
SR  
3 '[(3S)-3-amino-4-hydroxy-4-oxo-butyl]-[[(2S,3S,4R,5R)-5-(6-aminopurin-9-yl)-3,4-dihydroxy-oxolan-2-yl]methyl]-methyl-selanium' 
EEM 
4 water                                                                                                                          
HOH 
# 
loop_
_entity_poly_seq.entity_id 
_entity_poly_seq.num 
_entity_poly_seq.mon_id 
_entity_poly_seq.hetero 
1 1  GTP n 
1 2  U   n 
1 3  U   n 
1 4  C   n 
1 5  C   n 
1 6  C   n 
1 7  G   n 
1 8  A   n 
1 9  A   n 
1 10 A   n 
1 11 G   n 
1 12 G   n 
1 13 A   n 
1 14 U   n 
1 15 G   n 
1 16 G   n 
1 17 C   n 
1 18 G   n 
1 19 G   n 
1 20 A   n 
1 21 A   n 
1 22 A   n 
1 23 C   n 
1 24 G   n 
1 25 C   n 
1 26 C   n 
1 27 A   n 
1 28 G   n 
1 29 A   n 
1 30 U   n 
1 31 G   n 
1 32 C   n 
1 33 C   n 
1 34 U   n 
1 35 U   n 
1 36 G   n 
1 37 U   n 
1 38 A   n 
1 39 A   n 
1 40 C   n 
1 41 C   n 
1 42 G   n 
1 43 A   n 
1 44 A   n 
1 45 A   n 
1 46 G   n 
1 47 G   n 
1 48 G   n 
1 49 G   n 
1 50 G   n 
1 51 A   n 
1 52 A   n 
1 53 U   n 
# 
_pdbx_entity_src_syn.entity_id              1 
_pdbx_entity_src_syn.pdbx_src_id            1 
_pdbx_entity_src_syn.pdbx_alt_source_flag   sample 
_pdbx_entity_src_syn.pdbx_beg_seq_num       ? 
_pdbx_entity_src_syn.pdbx_end_seq_num       ? 
_pdbx_entity_src_syn.organism_scientific    ? 
_pdbx_entity_src_syn.organism_common_name   ? 
_pdbx_entity_src_syn.ncbi_taxonomy_id       ? 
_pdbx_entity_src_syn.details                'The RNA is prepared by in vitro transcription' 
# 
loop_
_chem_comp.id 
_chem_comp.type 
_chem_comp.mon_nstd_flag 
_chem_comp.name 
_chem_comp.pdbx_synonyms 
_chem_comp.formula 
_chem_comp.formula_weight 
A   'RNA linking' y "ADENOSINE-5'-MONOPHOSPHATE" ?                           'C10 H14 N5 O7 P'    347.221 
C   'RNA linking' y "CYTIDINE-5'-MONOPHOSPHATE" ?                           'C9 H14 N3 O8 P'     323.197 
EEM non-polymer   . 
'[(3S)-3-amino-4-hydroxy-4-oxo-butyl]-[[(2S,3S,4R,5R)-5-(6-aminopurin-9-yl)-3,4-dihydroxy-oxolan-2-yl]methyl]-methyl-selanium' 
Se-ADENOSYLSELENOMETHIONINE 'C15 H23 N6 O5 Se 1' 446.340 
G   'RNA linking' y "GUANOSINE-5'-MONOPHOSPHATE" ?                           'C10 H14 N5 O8 P'    363.221 
GTP non-polymer   n "GUANOSINE-5'-TRIPHOSPHATE" ?                           'C10 H16 N5 O14 P3'  523.180 
HOH non-polymer   . WATER ?                           'H2 O'               18.015  
SR  non-polymer   . 'STRONTIUM ION' ?                           'Sr 2'               87.620  
U   'RNA linking' y "URIDINE-5'-MONOPHOSPHATE" ?                           'C9 H13 N2 O9 P'     324.181 
# 
loop_
_pdbx_poly_seq_scheme.asym_id 
_pdbx_poly_seq_scheme.entity_id 
_pdbx_poly_seq_scheme.seq_id 
_pdbx_poly_seq_scheme.mon_id 
_pdbx_poly_seq_scheme.ndb_seq_num 
_pdbx_poly_seq_scheme.pdb_seq_num 
_pdbx_poly_seq_scheme.auth_seq_num 
_pdbx_poly_seq_scheme.pdb_mon_id 
_pdbx_poly_seq_scheme.auth_mon_id 
_pdbx_poly_seq_scheme.pdb_strand_id 
_pdbx_poly_seq_scheme.pdb_ins_code 
_pdbx_poly_seq_scheme.hetero 
A 1 1  GTP 1  1  1  GTP GTP A . n 
A 1 2  U   2  2  2  U   U   A . n 
A 1 3  U   3  3  3  U   U   A . n 
A 1 4  C   4  4  4  C   C   A . n 
A 1 5  C   5  5  5  C   C   A . n 
A 1 6  C   6  6  6  C   C   A . n 
A 1 7  G   7  7  7  G   G   A . n 
A 1 8  A   8  8  8  A   A   A . n 
A 1 9  A   9  9  9  A   A   A . n 
A 1 10 A   10 10 10 A   A   A . n 
A 1 11 G   11 11 11 G   G   A . n 
A 1 12 G   12 12 12 G   G   A . n 
A 1 13 A   13 13 13 A   A   A . n 
A 1 14 U   14 14 14 U   U   A . n 
A 1 15 G   15 15 15 G   G   A . n 
A 1 16 G   16 16 16 G   G   A . n 
A 1 17 C   17 17 17 C   C   A . n 
A 1 18 G   18 18 18 G   G   A . n 
A 1 19 G   19 19 19 G   G   A . n 
A 1 20 A   20 20 20 A   A   A . n 
A 1 21 A   21 21 21 A   A   A . n 
A 1 22 A   22 22 22 A   A   A . n 
A 1 23 C   23 23 23 C   C   A . n 
A 1 24 G   24 24 24 G   G   A . n 
A 1 25 C   25 25 25 C   C   A . n 
A 1 26 C   26 26 26 C   C   A . n 
A 1 27 A   27 27 27 A   A   A . n 
A 1 28 G   28 28 28 G   G   A . n 
A 1 29 A   29 29 29 A   A   A . n 
A 1 30 U   30 30 30 U   U   A . n 
A 1 31 G   31 31 31 G   G   A . n 
A 1 32 C   32 32 32 C   C   A . n 
A 1 33 C   33 33 33 C   C   A . n 
A 1 34 U   34 34 34 U   U   A . n 
A 1 35 U   35 35 35 U   U   A . n 
A 1 36 G   36 36 36 G   G   A . n 
A 1 37 U   37 37 37 U   U   A . n 
A 1 38 A   38 38 38 A   A   A . n 
A 1 39 A   39 39 39 A   A   A . n 
A 1 40 C   40 40 40 C   C   A . n 
A 1 41 C   41 41 41 C   C   A . n 
A 1 42 G   42 42 42 G   G   A . n 
A 1 43 A   43 43 43 A   A   A . n 
A 1 44 A   44 44 44 A   A   A . n 
A 1 45 A   45 45 45 A   A   A . n 
A 1 46 G   46 46 46 G   G   A . n 
A 1 47 G   47 47 47 G   G   A . n 
A 1 48 G   48 48 48 G   G   A . n 
A 1 49 G   49 49 49 G   G   A . n 
A 1 50 G   50 50 50 G   G   A . n 
A 1 51 A   51 51 51 A   A   A . n 
A 1 52 A   52 52 52 A   A   A . n 
A 1 53 U   53 53 53 U   U   A . n 
# 
loop_
_pdbx_nonpoly_scheme.asym_id 
_pdbx_nonpoly_scheme.entity_id 
_pdbx_nonpoly_scheme.mon_id 
_pdbx_nonpoly_scheme.ndb_seq_num 
_pdbx_nonpoly_scheme.pdb_seq_num 
_pdbx_nonpoly_scheme.auth_seq_num 
_pdbx_nonpoly_scheme.pdb_mon_id 
_pdbx_nonpoly_scheme.auth_mon_id 
_pdbx_nonpoly_scheme.pdb_strand_id 
_pdbx_nonpoly_scheme.pdb_ins_code 
B 2 SR  1  201 201 SR  SR  A . 
C 2 SR  1  202 202 SR  SR  A . 
D 2 SR  1  203 203 SR  SR  A . 
E 2 SR  1  204 204 SR  SR  A . 
F 2 SR  1  205 205 SR  SR  A . 
G 2 SR  1  206 206 SR  SR  A . 
H 2 SR  1  207 207 SR  SR  A . 
I 2 SR  1  208 208 SR  SR  A . 
J 2 SR  1  209 209 SR  SR  A . 
K 2 SR  1  210 210 SR  SR  A . 
L 2 SR  1  211 211 SR  SR  A . 
M 2 SR  1  212 212 SR  SR  A . 
N 2 SR  1  213 213 SR  SR  A . 
O 2 SR  1  214 214 SR  SR  A . 
P 2 SR  1  215 215 SR  SR  A . 
Q 3 EEM 1  216 216 EEM EEM A . 
R 4 HOH 1  217 217 HOH HOH A . 
R 4 HOH 2  218 218 HOH HOH A . 
R 4 HOH 3  219 219 HOH HOH A . 
R 4 HOH 4  220 220 HOH HOH A . 
R 4 HOH 5  221 221 HOH HOH A . 
R 4 HOH 6  222 222 HOH HOH A . 
R 4 HOH 7  223 223 HOH HOH A . 
R 4 HOH 8  224 224 HOH HOH A . 
R 4 HOH 9  225 225 HOH HOH A . 
R 4 HOH 10 226 226 HOH HOH A . 
R 4 HOH 11 227 227 HOH HOH A . 
# 
loop_
_software.name 
_software.version 
_software.date 
_software.type 
_software.contact_author 
_software.contact_author_email 
_software.classification 
_software.location 
_software.language 
_software.citation_id 
_software.pdbx_ordinal 
CNS         1.2   ?               package 'Axel T. Brunger' axel.brunger@yale.edu refinement        http://cns-online.org/ 
Fortran_77 ? 1 
PDB_EXTRACT 3.006 'June 11, 2008' package PDB               help@deposit.rcsb.org 'data extraction' 
http://sw-tools.pdb.org/apps/PDB_EXTRACT/ C++        ? 2 
HKL-2000    .     ?               ?       ?                 ?                     'data collection' ? ?          ? 3 
HKL-2000    .     ?               ?       ?                 ?                     'data reduction'  ? ?          ? 4 
HKL-2000    .     ?               ?       ?                 ?                     'data scaling'    ? ?          ? 5 
PHASER      .     ?               ?       ?                 ?                     phasing           ? ?          ? 6 
# 
_cell.entry_id           3E5F 
_cell.length_a           96.776 
_cell.length_b           96.776 
_cell.length_c           86.765 
_cell.angle_alpha        90.00 
_cell.angle_beta         90.00 
_cell.angle_gamma        90.00 
_cell.Z_PDB              16 
_cell.pdbx_unique_axis   ? 
_cell.length_a_esd       ? 
_cell.length_b_esd       ? 
_cell.length_c_esd       ? 
_cell.angle_alpha_esd    ? 
_cell.angle_beta_esd     ? 
_cell.angle_gamma_esd    ? 
# 
_symmetry.entry_id                         3E5F 
_symmetry.space_group_name_H-M             'I 41 2 2' 
_symmetry.pdbx_full_space_group_name_H-M   ? 
_symmetry.cell_setting                     ? 
_symmetry.Int_Tables_number                98 
_symmetry.space_group_name_Hall            ? 
# 
_exptl.entry_id          3E5F 
_exptl.method            'X-RAY DIFFRACTION' 
_exptl.crystals_number   1 
# 
_exptl_crystal.id                    1 
_exptl_crystal.density_meas          ? 
_exptl_crystal.density_Matthews      2.92 
_exptl_crystal.density_percent_sol   57.85 
_exptl_crystal.description           ? 
_exptl_crystal.F_000                 ? 
_exptl_crystal.preparation           ? 
# 
_exptl_crystal_grow.crystal_id      1 
_exptl_crystal_grow.method          'VAPOR DIFFUSION, HANGING DROP' 
_exptl_crystal_grow.temp            298 
_exptl_crystal_grow.temp_details    ? 
_exptl_crystal_grow.pH              7 
_exptl_crystal_grow.pdbx_pH_range   ? 
_exptl_crystal_grow.pdbx_details    
'40 mM sodium cacodylate, 80 mM SrCl, 15% MPD, 2 mM spermine-HCl, pH 7, vapor diffusion, hanging drop, temperature 298K' 
# 
loop_
_exptl_crystal_grow_comp.crystal_id 
_exptl_crystal_grow_comp.id 
_exptl_crystal_grow_comp.sol_id 
_exptl_crystal_grow_comp.name 
_exptl_crystal_grow_comp.conc 
_exptl_crystal_grow_comp.volume 
_exptl_crystal_grow_comp.details 
1 1 1 'sodium cacodylate' ? ? ? 
1 2 1 MPD                 ? ? ? 
1 3 1 spermine-HCl        ? ? ? 
1 4 2 'sodium cacodylate' ? ? ? 
1 5 2 MPD                 ? ? ? 
# 
_diffrn.id                     1 
_diffrn.ambient_temp           100 
_diffrn.ambient_temp_details   ? 
_diffrn.crystal_id             1 
# 
_diffrn_detector.diffrn_id              1 
_diffrn_detector.detector               CCD 
_diffrn_detector.type                   'ADSC QUANTUM 315' 
_diffrn_detector.pdbx_collection_date   2008-03-02 
_diffrn_detector.details                ? 
# 
_diffrn_radiation.diffrn_id                        1 
_diffrn_radiation.wavelength_id                    1 
_diffrn_radiation.pdbx_monochromatic_or_laue_m_l   M 
_diffrn_radiation.monochromator                    ? 
_diffrn_radiation.pdbx_diffrn_protocol             'SINGLE WAVELENGTH' 
_diffrn_radiation.pdbx_scattering_type             x-ray 
# 
_diffrn_radiation_wavelength.id           1 
_diffrn_radiation_wavelength.wavelength   0.9792 
_diffrn_radiation_wavelength.wt           1.0 
# 
_diffrn_source.diffrn_id                   1 
_diffrn_source.source                      SYNCHROTRON 
_diffrn_source.type                        'APS BEAMLINE 24-ID-E' 
_diffrn_source.pdbx_synchrotron_site       APS 
_diffrn_source.pdbx_synchrotron_beamline   24-ID-E 
_diffrn_source.pdbx_wavelength             ? 
_diffrn_source.pdbx_wavelength_list        0.9792 
# 
_reflns.entry_id                     3E5F 
_reflns.observed_criterion_sigma_I   9.3 
_reflns.observed_criterion_sigma_F   ? 
_reflns.d_resolution_low             20 
_reflns.d_resolution_high            2.7 
_reflns.number_obs                   5520 
_reflns.number_all                   ? 
_reflns.percent_possible_obs         93.7 
_reflns.pdbx_Rmerge_I_obs            0.076 
_reflns.pdbx_Rsym_value              0.076 
_reflns.pdbx_netI_over_sigmaI        13.3 
_reflns.B_iso_Wilson_estimate        71.1 
_reflns.pdbx_redundancy              3.9 
_reflns.R_free_details               ? 
_reflns.pdbx_chi_squared             ? 
_reflns.pdbx_scaling_rejects         ? 
_reflns.pdbx_diffrn_id               1 
_reflns.pdbx_ordinal                 1 
# 
_reflns_shell.d_res_high             2.7 
_reflns_shell.d_res_low              2.8 
_reflns_shell.percent_possible_all   74 
_reflns_shell.Rmerge_I_obs           0.236 
_reflns_shell.pdbx_Rsym_value        0.284 
_reflns_shell.meanI_over_sigI_obs    1.7 
_reflns_shell.pdbx_redundancy        2.8 
_reflns_shell.percent_possible_obs   ? 
_reflns_shell.number_unique_all      ? 
_reflns_shell.number_measured_all    ? 
_reflns_shell.number_measured_obs    ? 
_reflns_shell.number_unique_obs      ? 
_reflns_shell.pdbx_chi_squared       ? 
_reflns_shell.pdbx_diffrn_id         ? 
_reflns_shell.pdbx_ordinal           1 
# 
_refine.entry_id                                 3E5F 
_refine.ls_number_reflns_obs                     5519 
_refine.ls_number_reflns_all                     ? 
_refine.pdbx_ls_sigma_I                          ? 
_refine.pdbx_ls_sigma_F                          0.0 
_refine.pdbx_data_cutoff_high_absF               1444146.87 
_refine.pdbx_data_cutoff_low_absF                0.000000 
_refine.pdbx_data_cutoff_high_rms_absF           ? 
_refine.ls_d_res_low                             19.79 
_refine.ls_d_res_high                            2.70 
_refine.ls_percent_reflns_obs                    93.6 
_refine.ls_R_factor_obs                          0.227 
_refine.ls_R_factor_all                          ? 
_refine.ls_R_factor_R_work                       0.227 
_refine.ls_R_factor_R_free                       0.255 
_refine.ls_R_factor_R_free_error                 0.011 
_refine.ls_R_factor_R_free_error_details         ? 
_refine.ls_percent_reflns_R_free                 9.7 
_refine.ls_number_reflns_R_free                  538 
_refine.ls_number_parameters                     ? 
_refine.ls_number_restraints                     ? 
_refine.occupancy_min                            0.50 
_refine.occupancy_max                            1.00 
_refine.correlation_coeff_Fo_to_Fc               ? 
_refine.correlation_coeff_Fo_to_Fc_free          ? 
_refine.B_iso_mean                               57.1 
_refine.aniso_B[1][1]                            -8.04 
_refine.aniso_B[2][2]                            -8.04 
_refine.aniso_B[3][3]                            16.08 
_refine.aniso_B[1][2]                            0.00 
_refine.aniso_B[1][3]                            0.00 
_refine.aniso_B[2][3]                            0.00 
_refine.solvent_model_details                    'FLAT MODEL' 
_refine.solvent_model_param_ksol                 0.4 
_refine.solvent_model_param_bsol                 56.7708 
_refine.pdbx_solvent_vdw_probe_radii             ? 
_refine.pdbx_solvent_ion_probe_radii             ? 
_refine.pdbx_solvent_shrinkage_radii             ? 
_refine.pdbx_ls_cross_valid_method               THROUGHOUT 
_refine.details                                  'BULK SOLVENT MODEL USED, REFMAC WAS ALSO USED FOR REFINEMENT' 
_refine.pdbx_starting_model                      ? 
_refine.pdbx_method_to_determine_struct          ? 
_refine.pdbx_isotropic_thermal_model             RESTRAINED 
_refine.pdbx_stereochemistry_target_values       ? 
_refine.pdbx_stereochem_target_val_spec_case     ? 
_refine.pdbx_R_Free_selection_details            RANDOM 
_refine.pdbx_overall_ESU_R                       ? 
_refine.pdbx_overall_ESU_R_Free                  ? 
_refine.overall_SU_ML                            ? 
_refine.pdbx_overall_phase_error                 ? 
_refine.overall_SU_B                             ? 
_refine.pdbx_refine_id                           'X-RAY DIFFRACTION' 
_refine.ls_redundancy_reflns_obs                 ? 
_refine.overall_SU_R_Cruickshank_DPI             ? 
_refine.overall_SU_R_free                        ? 
_refine.ls_wR_factor_R_free                      ? 
_refine.ls_wR_factor_R_work                      ? 
_refine.overall_FOM_free_R_set                   ? 
_refine.overall_FOM_work_R_set                   ? 
_refine.pdbx_diffrn_id                           1 
_refine.pdbx_TLS_residual_ADP_flag               ? 
_refine.pdbx_overall_SU_R_free_Cruickshank_DPI   ? 
_refine.pdbx_overall_SU_R_Blow_DPI               ? 
_refine.pdbx_overall_SU_R_free_Blow_DPI          ? 
# 
_refine_analyze.entry_id                        3E5F 
_refine_analyze.Luzzati_coordinate_error_obs    0.32 
_refine_analyze.Luzzati_sigma_a_obs             0.41 
_refine_analyze.Luzzati_d_res_low_obs           5.00 
_refine_analyze.Luzzati_coordinate_error_free   0.38 
_refine_analyze.Luzzati_sigma_a_free            0.36 
_refine_analyze.Luzzati_d_res_low_free          ? 
_refine_analyze.number_disordered_residues      ? 
_refine_analyze.occupancy_sum_hydrogen          ? 
_refine_analyze.occupancy_sum_non_hydrogen      ? 
_refine_analyze.pdbx_refine_id                  'X-RAY DIFFRACTION' 
# 
_refine_hist.pdbx_refine_id                   'X-RAY DIFFRACTION' 
_refine_hist.cycle_id                         LAST 
_refine_hist.pdbx_number_atoms_protein        0 
_refine_hist.pdbx_number_atoms_nucleic_acid   1155 
_refine_hist.pdbx_number_atoms_ligand         42 
_refine_hist.number_atoms_solvent             11 
_refine_hist.number_atoms_total               1208 
_refine_hist.d_res_high                       2.70 
_refine_hist.d_res_low                        19.79 
# 
loop_
_refine_ls_restr.type 
_refine_ls_restr.dev_ideal 
_refine_ls_restr.dev_ideal_target 
_refine_ls_restr.weight 
_refine_ls_restr.number 
_refine_ls_restr.pdbx_refine_id 
_refine_ls_restr.pdbx_restraint_function 
c_bond_d                0.005 ? ? ? 'X-RAY DIFFRACTION' ? 
c_bond_d_na             ?     ? ? ? 'X-RAY DIFFRACTION' ? 
c_bond_d_prot           ?     ? ? ? 'X-RAY DIFFRACTION' ? 
c_angle_d               ?     ? ? ? 'X-RAY DIFFRACTION' ? 
c_angle_d_na            ?     ? ? ? 'X-RAY DIFFRACTION' ? 
c_angle_d_prot          ?     ? ? ? 'X-RAY DIFFRACTION' ? 
c_angle_deg             1.3   ? ? ? 'X-RAY DIFFRACTION' ? 
c_angle_deg_na          ?     ? ? ? 'X-RAY DIFFRACTION' ? 
c_angle_deg_prot        ?     ? ? ? 'X-RAY DIFFRACTION' ? 
c_dihedral_angle_d      17.0  ? ? ? 'X-RAY DIFFRACTION' ? 
c_dihedral_angle_d_na   ?     ? ? ? 'X-RAY DIFFRACTION' ? 
c_dihedral_angle_d_prot ?     ? ? ? 'X-RAY DIFFRACTION' ? 
c_improper_angle_d      1.49  ? ? ? 'X-RAY DIFFRACTION' ? 
c_improper_angle_d_na   ?     ? ? ? 'X-RAY DIFFRACTION' ? 
c_improper_angle_d_prot ?     ? ? ? 'X-RAY DIFFRACTION' ? 
c_mcbond_it             ?     ? ? ? 'X-RAY DIFFRACTION' ? 
c_mcangle_it            ?     ? ? ? 'X-RAY DIFFRACTION' ? 
c_scbond_it             ?     ? ? ? 'X-RAY DIFFRACTION' ? 
c_scangle_it            ?     ? ? ? 'X-RAY DIFFRACTION' ? 
# 
_refine_ls_shell.pdbx_total_number_of_bins_used   6 
_refine_ls_shell.d_res_high                       2.70 
_refine_ls_shell.d_res_low                        2.87 
_refine_ls_shell.number_reflns_R_work             648 
_refine_ls_shell.R_factor_R_work                  0.326 
_refine_ls_shell.percent_reflns_obs               75.8 
_refine_ls_shell.R_factor_R_free                  0.329 
_refine_ls_shell.R_factor_R_free_error            0.038 
_refine_ls_shell.percent_reflns_R_free            10.2 
_refine_ls_shell.number_reflns_R_free             74 
_refine_ls_shell.number_reflns_all                ? 
_refine_ls_shell.R_factor_all                     ? 
_refine_ls_shell.pdbx_refine_id                   'X-RAY DIFFRACTION' 
_refine_ls_shell.redundancy_reflns_obs            ? 
_refine_ls_shell.number_reflns_obs                ? 
# 
loop_
_pdbx_xplor_file.serial_no 
_pdbx_xplor_file.param_file 
_pdbx_xplor_file.topol_file 
_pdbx_xplor_file.pdbx_refine_id 
1 ion.param         ion.top     'X-RAY DIFFRACTION' 
2 water_rep.param   dna-rna.top 'X-RAY DIFFRACTION' 
3 dna-rna_rep.param water.top   'X-RAY DIFFRACTION' 
4 gtp.param         gtp.top     'X-RAY DIFFRACTION' 
5 sesam.param       sesam.top   'X-RAY DIFFRACTION' 
# 
_struct.entry_id                  3E5F 
_struct.title                     'Crystal Structures of the SMK box (SAM-III) Riboswitch with Se-SAM' 
_struct.pdbx_model_details        ? 
_struct.pdbx_CASP_flag            ? 
_struct.pdbx_model_type_details   ? 
# 
_struct_keywords.entry_id        3E5F 
_struct_keywords.text            'SMK SAM riboswitch Shine-Delgarno translation regulation, RNA' 
_struct_keywords.pdbx_keywords   RNA 
# 
loop_
_struct_asym.id 
_struct_asym.pdbx_blank_PDB_chainid_flag 
_struct_asym.pdbx_modified 
_struct_asym.entity_id 
_struct_asym.details 
A N N 1 ? 
B N N 2 ? 
C N N 2 ? 
D N N 2 ? 
E N N 2 ? 
F N N 2 ? 
G N N 2 ? 
H N N 2 ? 
I N N 2 ? 
J N N 2 ? 
K N N 2 ? 
L N N 2 ? 
M N N 2 ? 
N N N 2 ? 
O N N 2 ? 
P N N 2 ? 
Q N N 3 ? 
R N N 4 ? 
# 
_struct_ref.id                         1 
_struct_ref.db_name                    PDB 
_struct_ref.db_code                    3E5F 
_struct_ref.pdbx_db_accession          3E5F 
_struct_ref.entity_id                  1 
_struct_ref.pdbx_align_begin           ? 
_struct_ref.pdbx_seq_one_letter_code   GUUCCCGAAAGGAUGGCGGAAACGCCAGAUGCCUUGUAACCGAAAGGGGGAAU 
_struct_ref.pdbx_db_isoform            ? 
# 
_struct_ref_seq.align_id                      1 
_struct_ref_seq.ref_id                        1 
_struct_ref_seq.pdbx_PDB_id_code              3E5F 
_struct_ref_seq.pdbx_strand_id                A 
_struct_ref_seq.seq_align_beg                 1 
_struct_ref_seq.pdbx_seq_align_beg_ins_code   ? 
_struct_ref_seq.seq_align_end                 53 
_struct_ref_seq.pdbx_seq_align_end_ins_code   ? 
_struct_ref_seq.pdbx_db_accession             3E5F 
_struct_ref_seq.db_align_beg                  1 
_struct_ref_seq.pdbx_db_align_beg_ins_code    ? 
_struct_ref_seq.db_align_end                  53 
_struct_ref_seq.pdbx_db_align_end_ins_code    ? 
_struct_ref_seq.pdbx_auth_seq_align_beg       1 
_struct_ref_seq.pdbx_auth_seq_align_end       53 
# 
_pdbx_struct_assembly.id                   1 
_pdbx_struct_assembly.details              author_and_software_defined_assembly 
_pdbx_struct_assembly.method_details       PISA 
_pdbx_struct_assembly.oligomeric_details   monomeric 
_pdbx_struct_assembly.oligomeric_count     1 
# 
_pdbx_struct_assembly_gen.assembly_id       1 
_pdbx_struct_assembly_gen.oper_expression   1 
_pdbx_struct_assembly_gen.asym_id_list      A,B,C,D,E,F,G,H,I,J,K,L,M,N,O,P,Q,R 
# 
_pdbx_struct_oper_list.id                   1 
_pdbx_struct_oper_list.type                 'identity operation' 
_pdbx_struct_oper_list.name                 1_555 
_pdbx_struct_oper_list.symmetry_operation   x,y,z 
_pdbx_struct_oper_list.matrix[1][1]         1.0000000000 
_pdbx_struct_oper_list.matrix[1][2]         0.0000000000 
_pdbx_struct_oper_list.matrix[1][3]         0.0000000000 
_pdbx_struct_oper_list.vector[1]            0.0000000000 
_pdbx_struct_oper_list.matrix[2][1]         0.0000000000 
_pdbx_struct_oper_list.matrix[2][2]         1.0000000000 
_pdbx_struct_oper_list.matrix[2][3]         0.0000000000 
_pdbx_struct_oper_list.vector[2]            0.0000000000 
_pdbx_struct_oper_list.matrix[3][1]         0.0000000000 
_pdbx_struct_oper_list.matrix[3][2]         0.0000000000 
_pdbx_struct_oper_list.matrix[3][3]         1.0000000000 
_pdbx_struct_oper_list.vector[3]            0.0000000000 
# 
_struct_biol.id        1 
_struct_biol.details   ? 
# 
loop_
_struct_conn.id 
_struct_conn.conn_type_id 
_struct_conn.pdbx_leaving_atom_flag 
_struct_conn.pdbx_PDB_id 
_struct_conn.ptnr1_label_asym_id 
_struct_conn.ptnr1_label_comp_id 
_struct_conn.ptnr1_label_seq_id 
_struct_conn.ptnr1_label_atom_id 
_struct_conn.pdbx_ptnr1_label_alt_id 
_struct_conn.pdbx_ptnr1_PDB_ins_code 
_struct_conn.pdbx_ptnr1_standard_comp_id 
_struct_conn.ptnr1_symmetry 
_struct_conn.ptnr2_label_asym_id 
_struct_conn.ptnr2_label_comp_id 
_struct_conn.ptnr2_label_seq_id 
_struct_conn.ptnr2_label_atom_id 
_struct_conn.pdbx_ptnr2_label_alt_id 
_struct_conn.pdbx_ptnr2_PDB_ins_code 
_struct_conn.ptnr1_auth_asym_id 
_struct_conn.ptnr1_auth_comp_id 
_struct_conn.ptnr1_auth_seq_id 
_struct_conn.ptnr2_auth_asym_id 
_struct_conn.ptnr2_auth_comp_id 
_struct_conn.ptnr2_auth_seq_id 
_struct_conn.ptnr2_symmetry 
_struct_conn.pdbx_ptnr3_label_atom_id 
_struct_conn.pdbx_ptnr3_label_seq_id 
_struct_conn.pdbx_ptnr3_label_comp_id 
_struct_conn.pdbx_ptnr3_label_asym_id 
_struct_conn.pdbx_ptnr3_label_alt_id 
_struct_conn.pdbx_ptnr3_PDB_ins_code 
_struct_conn.details 
_struct_conn.pdbx_dist_value 
_struct_conn.pdbx_value_order 
_struct_conn.pdbx_role 
covale1  covale both ? A GTP 1  "O3'" ? ? ? 1_555 A U   2  P  ? ? A GTP 1   A U   2   1_555 ? ? ? ? ? ? ?             1.691 ? ? 
metalc1  metalc ?    ? A C   6  OP2   ? ? ? 1_555 H SR  .  SR ? ? A C   6   A SR  207 1_555 ? ? ? ? ? ? ?             2.630 ? ? 
metalc2  metalc ?    ? A U   14 O4    ? ? ? 1_555 N SR  .  SR ? ? A U   14  A SR  213 1_555 ? ? ? ? ? ? ?             2.760 ? ? 
metalc3  metalc ?    ? A U   34 OP2   ? ? ? 1_555 I SR  .  SR ? ? A U   34  A SR  208 1_555 ? ? ? ? ? ? ?             2.777 ? ? 
metalc4  metalc ?    ? A A   38 OP2   ? ? ? 1_555 P SR  .  SR ? ? A A   38  A SR  215 1_555 ? ? ? ? ? ? ?             2.681 ? ? 
metalc5  metalc ?    ? I SR  .  SR    ? ? ? 1_555 R HOH .  O  ? ? A SR  208 A HOH 217 1_555 ? ? ? ? ? ? ?             2.760 ? ? 
metalc6  metalc ?    ? N SR  .  SR    ? ? ? 1_555 R HOH .  O  ? ? A SR  213 A HOH 223 1_555 ? ? ? ? ? ? ?             2.732 ? ? 
hydrog1  hydrog ?    ? A GTP 1  N1    ? ? ? 1_555 A U   53 O2 ? ? A GTP 1   A U   53  1_555 ? ? ? ? ? ? TYPE_28_PAIR  ?     ? ? 
hydrog2  hydrog ?    ? A GTP 1  O6    ? ? ? 1_555 A U   53 N3 ? ? A GTP 1   A U   53  1_555 ? ? ? ? ? ? TYPE_28_PAIR  ?     ? ? 
hydrog3  hydrog ?    ? A U   2  N3    ? ? ? 1_555 A A   52 N1 ? ? A U   2   A A   52  1_555 ? ? ? ? ? ? WATSON-CRICK  ?     ? ? 
hydrog4  hydrog ?    ? A U   2  O4    ? ? ? 1_555 A A   52 N6 ? ? A U   2   A A   52  1_555 ? ? ? ? ? ? WATSON-CRICK  ?     ? ? 
hydrog5  hydrog ?    ? A U   3  N3    ? ? ? 1_555 A A   51 N1 ? ? A U   3   A A   51  1_555 ? ? ? ? ? ? WATSON-CRICK  ?     ? ? 
hydrog6  hydrog ?    ? A U   3  O4    ? ? ? 1_555 A A   51 N6 ? ? A U   3   A A   51  1_555 ? ? ? ? ? ? WATSON-CRICK  ?     ? ? 
hydrog7  hydrog ?    ? A C   4  N3    ? ? ? 1_555 A G   50 N1 ? ? A C   4   A G   50  1_555 ? ? ? ? ? ? WATSON-CRICK  ?     ? ? 
hydrog8  hydrog ?    ? A C   4  N4    ? ? ? 1_555 A G   50 O6 ? ? A C   4   A G   50  1_555 ? ? ? ? ? ? WATSON-CRICK  ?     ? ? 
hydrog9  hydrog ?    ? A C   4  O2    ? ? ? 1_555 A G   50 N2 ? ? A C   4   A G   50  1_555 ? ? ? ? ? ? WATSON-CRICK  ?     ? ? 
hydrog10 hydrog ?    ? A C   5  N3    ? ? ? 1_555 A G   49 N1 ? ? A C   5   A G   49  1_555 ? ? ? ? ? ? WATSON-CRICK  ?     ? ? 
hydrog11 hydrog ?    ? A C   5  N4    ? ? ? 1_555 A G   49 O6 ? ? A C   5   A G   49  1_555 ? ? ? ? ? ? WATSON-CRICK  ?     ? ? 
hydrog12 hydrog ?    ? A C   5  O2    ? ? ? 1_555 A G   49 N2 ? ? A C   5   A G   49  1_555 ? ? ? ? ? ? WATSON-CRICK  ?     ? ? 
hydrog13 hydrog ?    ? A C   6  N3    ? ? ? 1_555 A G   48 N1 ? ? A C   6   A G   48  1_555 ? ? ? ? ? ? WATSON-CRICK  ?     ? ? 
hydrog14 hydrog ?    ? A C   6  N4    ? ? ? 1_555 A G   48 O6 ? ? A C   6   A G   48  1_555 ? ? ? ? ? ? WATSON-CRICK  ?     ? ? 
hydrog15 hydrog ?    ? A C   6  O2    ? ? ? 1_555 A G   48 N2 ? ? A C   6   A G   48  1_555 ? ? ? ? ? ? WATSON-CRICK  ?     ? ? 
hydrog16 hydrog ?    ? A A   8  N6    ? ? ? 1_555 A G   36 N3 ? ? A A   8   A G   36  1_555 ? ? ? ? ? ? TYPE_11_PAIR  ?     ? ? 
hydrog17 hydrog ?    ? A A   8  N7    ? ? ? 1_555 A G   36 N2 ? ? A A   8   A G   36  1_555 ? ? ? ? ? ? TYPE_11_PAIR  ?     ? ? 
hydrog18 hydrog ?    ? A A   9  N1    ? ? ? 1_555 A U   35 N3 ? ? A A   9   A U   35  1_555 ? ? ? ? ? ? WATSON-CRICK  ?     ? ? 
hydrog19 hydrog ?    ? A A   9  N6    ? ? ? 1_555 A U   35 O4 ? ? A A   9   A U   35  1_555 ? ? ? ? ? ? WATSON-CRICK  ?     ? ? 
hydrog20 hydrog ?    ? A A   10 N1    ? ? ? 1_555 A U   34 N3 ? ? A A   10  A U   34  1_555 ? ? ? ? ? ? WATSON-CRICK  ?     ? ? 
hydrog21 hydrog ?    ? A A   10 N6    ? ? ? 1_555 A U   34 O4 ? ? A A   10  A U   34  1_555 ? ? ? ? ? ? WATSON-CRICK  ?     ? ? 
hydrog22 hydrog ?    ? A G   11 N1    ? ? ? 1_555 A C   33 N3 ? ? A G   11  A C   33  1_555 ? ? ? ? ? ? WATSON-CRICK  ?     ? ? 
hydrog23 hydrog ?    ? A G   11 N2    ? ? ? 1_555 A C   33 O2 ? ? A G   11  A C   33  1_555 ? ? ? ? ? ? WATSON-CRICK  ?     ? ? 
hydrog24 hydrog ?    ? A G   11 O6    ? ? ? 1_555 A C   33 N4 ? ? A G   11  A C   33  1_555 ? ? ? ? ? ? WATSON-CRICK  ?     ? ? 
hydrog25 hydrog ?    ? A G   12 N1    ? ? ? 1_555 A C   32 N3 ? ? A G   12  A C   32  1_555 ? ? ? ? ? ? WATSON-CRICK  ?     ? ? 
hydrog26 hydrog ?    ? A G   12 N2    ? ? ? 1_555 A C   32 O2 ? ? A G   12  A C   32  1_555 ? ? ? ? ? ? WATSON-CRICK  ?     ? ? 
hydrog27 hydrog ?    ? A G   12 O6    ? ? ? 1_555 A C   32 N4 ? ? A G   12  A C   32  1_555 ? ? ? ? ? ? WATSON-CRICK  ?     ? ? 
hydrog28 hydrog ?    ? A A   13 N1    ? ? ? 1_555 A G   28 N1 ? ? A A   13  A G   28  1_555 ? ? ? ? ? ? TYPE_8_PAIR   ?     ? ? 
hydrog29 hydrog ?    ? A A   13 N6    ? ? ? 1_555 A G   28 O6 ? ? A A   13  A G   28  1_555 ? ? ? ? ? ? TYPE_8_PAIR   ?     ? ? 
hydrog30 hydrog ?    ? A U   14 N3    ? ? ? 1_555 A A   27 N1 ? ? A U   14  A A   27  1_555 ? ? ? ? ? ? WATSON-CRICK  ?     ? ? 
hydrog31 hydrog ?    ? A U   14 O4    ? ? ? 1_555 A A   27 N6 ? ? A U   14  A A   27  1_555 ? ? ? ? ? ? WATSON-CRICK  ?     ? ? 
hydrog32 hydrog ?    ? A G   15 N1    ? ? ? 1_555 A C   26 N3 ? ? A G   15  A C   26  1_555 ? ? ? ? ? ? WATSON-CRICK  ?     ? ? 
hydrog33 hydrog ?    ? A G   15 N2    ? ? ? 1_555 A C   26 O2 ? ? A G   15  A C   26  1_555 ? ? ? ? ? ? WATSON-CRICK  ?     ? ? 
hydrog34 hydrog ?    ? A G   15 O6    ? ? ? 1_555 A C   26 N4 ? ? A G   15  A C   26  1_555 ? ? ? ? ? ? WATSON-CRICK  ?     ? ? 
hydrog35 hydrog ?    ? A G   16 N1    ? ? ? 1_555 A C   25 N3 ? ? A G   16  A C   25  1_555 ? ? ? ? ? ? WATSON-CRICK  ?     ? ? 
hydrog36 hydrog ?    ? A G   16 N2    ? ? ? 1_555 A C   25 O2 ? ? A G   16  A C   25  1_555 ? ? ? ? ? ? WATSON-CRICK  ?     ? ? 
hydrog37 hydrog ?    ? A G   16 O6    ? ? ? 1_555 A C   25 N4 ? ? A G   16  A C   25  1_555 ? ? ? ? ? ? WATSON-CRICK  ?     ? ? 
hydrog38 hydrog ?    ? A C   17 N3    ? ? ? 1_555 A G   24 N1 ? ? A C   17  A G   24  1_555 ? ? ? ? ? ? WATSON-CRICK  ?     ? ? 
hydrog39 hydrog ?    ? A C   17 N4    ? ? ? 1_555 A G   24 O6 ? ? A C   17  A G   24  1_555 ? ? ? ? ? ? WATSON-CRICK  ?     ? ? 
hydrog40 hydrog ?    ? A C   17 O2    ? ? ? 1_555 A G   24 N2 ? ? A C   17  A G   24  1_555 ? ? ? ? ? ? WATSON-CRICK  ?     ? ? 
hydrog41 hydrog ?    ? A G   18 N1    ? ? ? 1_555 A C   23 N3 ? ? A G   18  A C   23  1_555 ? ? ? ? ? ? WATSON-CRICK  ?     ? ? 
hydrog42 hydrog ?    ? A G   18 N2    ? ? ? 1_555 A C   23 O2 ? ? A G   18  A C   23  1_555 ? ? ? ? ? ? WATSON-CRICK  ?     ? ? 
hydrog43 hydrog ?    ? A G   18 O6    ? ? ? 1_555 A C   23 N4 ? ? A G   18  A C   23  1_555 ? ? ? ? ? ? WATSON-CRICK  ?     ? ? 
hydrog44 hydrog ?    ? A G   19 N2    ? ? ? 1_555 A A   22 N7 ? ? A G   19  A A   22  1_555 ? ? ? ? ? ? TYPE_11_PAIR  ?     ? ? 
hydrog45 hydrog ?    ? A G   19 N3    ? ? ? 1_555 A A   22 N6 ? ? A G   19  A A   22  1_555 ? ? ? ? ? ? TYPE_11_PAIR  ?     ? ? 
hydrog46 hydrog ?    ? A G   31 N7    ? ? ? 1_555 A G   36 N1 ? ? A G   31  A G   36  1_555 ? ? ? ? ? ? TYPE_7_PAIR   ?     ? ? 
hydrog47 hydrog ?    ? A G   31 O6    ? ? ? 1_555 A G   36 N2 ? ? A G   31  A G   36  1_555 ? ? ? ? ? ? TYPE_7_PAIR   ?     ? ? 
hydrog48 hydrog ?    ? A A   38 N1    ? ? ? 1_555 A G   48 N2 ? ? A A   38  A G   48  1_555 ? ? ? ? ? ? TYPE_10_PAIR  ?     ? ? 
hydrog49 hydrog ?    ? A A   38 N6    ? ? ? 1_555 A G   48 N3 ? ? A A   38  A G   48  1_555 ? ? ? ? ? ? TYPE_10_PAIR  ?     ? ? 
hydrog50 hydrog ?    ? A C   40 N3    ? ? ? 1_555 A G   47 N1 ? ? A C   40  A G   47  1_555 ? ? ? ? ? ? WATSON-CRICK  ?     ? ? 
hydrog51 hydrog ?    ? A C   40 N4    ? ? ? 1_555 A G   47 O6 ? ? A C   40  A G   47  1_555 ? ? ? ? ? ? WATSON-CRICK  ?     ? ? 
hydrog52 hydrog ?    ? A C   40 O2    ? ? ? 1_555 A G   47 N2 ? ? A C   40  A G   47  1_555 ? ? ? ? ? ? WATSON-CRICK  ?     ? ? 
hydrog53 hydrog ?    ? A C   41 N3    ? ? ? 1_555 A G   46 N1 ? ? A C   41  A G   46  1_555 ? ? ? ? ? ? WATSON-CRICK  ?     ? ? 
hydrog54 hydrog ?    ? A C   41 N4    ? ? ? 1_555 A G   46 O6 ? ? A C   41  A G   46  1_555 ? ? ? ? ? ? WATSON-CRICK  ?     ? ? 
hydrog55 hydrog ?    ? A C   41 O2    ? ? ? 1_555 A G   46 N2 ? ? A C   41  A G   46  1_555 ? ? ? ? ? ? WATSON-CRICK  ?     ? ? 
hydrog56 hydrog ?    ? A G   42 N2    ? ? ? 1_555 A A   45 N7 ? ? A G   42  A A   45  1_555 ? ? ? ? ? ? 'G-A MISPAIR' ?     ? ? 
# 
loop_
_struct_conn_type.id 
_struct_conn_type.criteria 
_struct_conn_type.reference 
covale ? ? 
metalc ? ? 
hydrog ? ? 
# 
loop_
_pdbx_struct_conn_angle.id 
_pdbx_struct_conn_angle.ptnr1_label_atom_id 
_pdbx_struct_conn_angle.ptnr1_label_alt_id 
_pdbx_struct_conn_angle.ptnr1_label_asym_id 
_pdbx_struct_conn_angle.ptnr1_label_comp_id 
_pdbx_struct_conn_angle.ptnr1_label_seq_id 
_pdbx_struct_conn_angle.ptnr1_auth_atom_id 
_pdbx_struct_conn_angle.ptnr1_auth_asym_id 
_pdbx_struct_conn_angle.ptnr1_auth_comp_id 
_pdbx_struct_conn_angle.ptnr1_auth_seq_id 
_pdbx_struct_conn_angle.ptnr1_PDB_ins_code 
_pdbx_struct_conn_angle.ptnr1_symmetry 
_pdbx_struct_conn_angle.ptnr2_label_atom_id 
_pdbx_struct_conn_angle.ptnr2_label_alt_id 
_pdbx_struct_conn_angle.ptnr2_label_asym_id 
_pdbx_struct_conn_angle.ptnr2_label_comp_id 
_pdbx_struct_conn_angle.ptnr2_label_seq_id 
_pdbx_struct_conn_angle.ptnr2_auth_atom_id 
_pdbx_struct_conn_angle.ptnr2_auth_asym_id 
_pdbx_struct_conn_angle.ptnr2_auth_comp_id 
_pdbx_struct_conn_angle.ptnr2_auth_seq_id 
_pdbx_struct_conn_angle.ptnr2_PDB_ins_code 
_pdbx_struct_conn_angle.ptnr2_symmetry 
_pdbx_struct_conn_angle.ptnr3_label_atom_id 
_pdbx_struct_conn_angle.ptnr3_label_alt_id 
_pdbx_struct_conn_angle.ptnr3_label_asym_id 
_pdbx_struct_conn_angle.ptnr3_label_comp_id 
_pdbx_struct_conn_angle.ptnr3_label_seq_id 
_pdbx_struct_conn_angle.ptnr3_auth_atom_id 
_pdbx_struct_conn_angle.ptnr3_auth_asym_id 
_pdbx_struct_conn_angle.ptnr3_auth_comp_id 
_pdbx_struct_conn_angle.ptnr3_auth_seq_id 
_pdbx_struct_conn_angle.ptnr3_PDB_ins_code 
_pdbx_struct_conn_angle.ptnr3_symmetry 
_pdbx_struct_conn_angle.value 
_pdbx_struct_conn_angle.value_esd 
1 O4  ? A U 14 ? A U 14 ? 1_555 SR ? N SR . ? A SR 213 ? 1_555 O ? R HOH . ? A HOH 223 ? 1_555 102.6 ? 
2 OP2 ? A U 34 ? A U 34 ? 1_555 SR ? I SR . ? A SR 208 ? 1_555 O ? R HOH . ? A HOH 217 ? 1_555 94.3  ? 
# 
loop_
_struct_site.id 
_struct_site.pdbx_evidence_code 
_struct_site.pdbx_auth_asym_id 
_struct_site.pdbx_auth_comp_id 
_struct_site.pdbx_auth_seq_id 
_struct_site.pdbx_auth_ins_code 
_struct_site.pdbx_num_residues 
_struct_site.details 
AC1 Software A SR  204 ? 1 'BINDING SITE FOR RESIDUE SR A 204'  
AC2 Software A SR  206 ? 2 'BINDING SITE FOR RESIDUE SR A 206'  
AC3 Software A SR  207 ? 2 'BINDING SITE FOR RESIDUE SR A 207'  
AC4 Software A SR  208 ? 3 'BINDING SITE FOR RESIDUE SR A 208'  
AC5 Software A SR  209 ? 1 'BINDING SITE FOR RESIDUE SR A 209'  
AC6 Software A SR  211 ? 1 'BINDING SITE FOR RESIDUE SR A 211'  
AC7 Software A SR  212 ? 1 'BINDING SITE FOR RESIDUE SR A 212'  
AC8 Software A SR  213 ? 3 'BINDING SITE FOR RESIDUE SR A 213'  
AC9 Software A SR  215 ? 2 'BINDING SITE FOR RESIDUE SR A 215'  
BC1 Software A EEM 216 ? 8 'BINDING SITE FOR RESIDUE EEM A 216' 
# 
loop_
_struct_site_gen.id 
_struct_site_gen.site_id 
_struct_site_gen.pdbx_num_res 
_struct_site_gen.label_comp_id 
_struct_site_gen.label_asym_id 
_struct_site_gen.label_seq_id 
_struct_site_gen.pdbx_auth_ins_code 
_struct_site_gen.auth_comp_id 
_struct_site_gen.auth_asym_id 
_struct_site_gen.auth_seq_id 
_struct_site_gen.label_atom_id 
_struct_site_gen.label_alt_id 
_struct_site_gen.symmetry 
_struct_site_gen.details 
1  AC1 1 G   A 46 ? G   A 46  . ? 1_555 ? 
2  AC2 2 G   A 19 ? G   A 19  . ? 1_555 ? 
3  AC2 2 A   A 21 ? A   A 21  . ? 1_555 ? 
4  AC3 2 C   A 6  ? C   A 6   . ? 1_555 ? 
5  AC3 2 HOH R .  ? HOH A 219 . ? 1_555 ? 
6  AC4 3 U   A 34 ? U   A 34  . ? 1_555 ? 
7  AC4 3 G   A 36 ? G   A 36  . ? 1_555 ? 
8  AC4 3 HOH R .  ? HOH A 217 . ? 1_555 ? 
9  AC5 1 A   A 38 ? A   A 38  . ? 1_555 ? 
10 AC6 1 G   A 19 ? G   A 19  . ? 1_555 ? 
11 AC7 1 GTP A 1  ? GTP A 1   . ? 1_555 ? 
12 AC8 3 U   A 14 ? U   A 14  . ? 1_555 ? 
13 AC8 3 G   A 15 ? G   A 15  . ? 1_555 ? 
14 AC8 3 HOH R .  ? HOH A 223 . ? 1_555 ? 
15 AC9 2 A   A 38 ? A   A 38  . ? 1_555 ? 
16 AC9 2 A   A 39 ? A   A 39  . ? 1_555 ? 
17 BC1 8 G   A 7  ? G   A 7   . ? 1_555 ? 
18 BC1 8 U   A 30 ? U   A 30  . ? 1_555 ? 
19 BC1 8 G   A 31 ? G   A 31  . ? 1_555 ? 
20 BC1 8 G   A 36 ? G   A 36  . ? 1_555 ? 
21 BC1 8 U   A 37 ? U   A 37  . ? 1_555 ? 
22 BC1 8 A   A 38 ? A   A 38  . ? 1_555 ? 
23 BC1 8 G   A 47 ? G   A 47  . ? 1_555 ? 
24 BC1 8 G   A 48 ? G   A 48  . ? 1_555 ? 
# 
loop_
_pdbx_validate_close_contact.id 
_pdbx_validate_close_contact.PDB_model_num 
_pdbx_validate_close_contact.auth_atom_id_1 
_pdbx_validate_close_contact.auth_asym_id_1 
_pdbx_validate_close_contact.auth_comp_id_1 
_pdbx_validate_close_contact.auth_seq_id_1 
_pdbx_validate_close_contact.PDB_ins_code_1 
_pdbx_validate_close_contact.label_alt_id_1 
_pdbx_validate_close_contact.auth_atom_id_2 
_pdbx_validate_close_contact.auth_asym_id_2 
_pdbx_validate_close_contact.auth_comp_id_2 
_pdbx_validate_close_contact.auth_seq_id_2 
_pdbx_validate_close_contact.PDB_ins_code_2 
_pdbx_validate_close_contact.label_alt_id_2 
_pdbx_validate_close_contact.dist 
1 1 OP2   A G 12 ? ? O A HOH 225 ? ? 2.19 
2 1 "O2'" A U 53 ? ? O A HOH 220 ? ? 2.19 
# 
_pdbx_validate_rmsd_bond.id                        1 
_pdbx_validate_rmsd_bond.PDB_model_num             1 
_pdbx_validate_rmsd_bond.auth_atom_id_1            "O3'" 
_pdbx_validate_rmsd_bond.auth_asym_id_1            A 
_pdbx_validate_rmsd_bond.auth_comp_id_1            GTP 
_pdbx_validate_rmsd_bond.auth_seq_id_1             1 
_pdbx_validate_rmsd_bond.PDB_ins_code_1            ? 
_pdbx_validate_rmsd_bond.label_alt_id_1            ? 
_pdbx_validate_rmsd_bond.auth_atom_id_2            P 
_pdbx_validate_rmsd_bond.auth_asym_id_2            A 
_pdbx_validate_rmsd_bond.auth_comp_id_2            U 
_pdbx_validate_rmsd_bond.auth_seq_id_2             2 
_pdbx_validate_rmsd_bond.PDB_ins_code_2            ? 
_pdbx_validate_rmsd_bond.label_alt_id_2            ? 
_pdbx_validate_rmsd_bond.bond_value                1.691 
_pdbx_validate_rmsd_bond.bond_target_value         1.607 
_pdbx_validate_rmsd_bond.bond_deviation            0.084 
_pdbx_validate_rmsd_bond.bond_standard_deviation   0.012 
_pdbx_validate_rmsd_bond.linker_flag               Y 
# 
loop_
_pdbx_validate_rmsd_angle.id 
_pdbx_validate_rmsd_angle.PDB_model_num 
_pdbx_validate_rmsd_angle.auth_atom_id_1 
_pdbx_validate_rmsd_angle.auth_asym_id_1 
_pdbx_validate_rmsd_angle.auth_comp_id_1 
_pdbx_validate_rmsd_angle.auth_seq_id_1 
_pdbx_validate_rmsd_angle.PDB_ins_code_1 
_pdbx_validate_rmsd_angle.label_alt_id_1 
_pdbx_validate_rmsd_angle.auth_atom_id_2 
_pdbx_validate_rmsd_angle.auth_asym_id_2 
_pdbx_validate_rmsd_angle.auth_comp_id_2 
_pdbx_validate_rmsd_angle.auth_seq_id_2 
_pdbx_validate_rmsd_angle.PDB_ins_code_2 
_pdbx_validate_rmsd_angle.label_alt_id_2 
_pdbx_validate_rmsd_angle.auth_atom_id_3 
_pdbx_validate_rmsd_angle.auth_asym_id_3 
_pdbx_validate_rmsd_angle.auth_comp_id_3 
_pdbx_validate_rmsd_angle.auth_seq_id_3 
_pdbx_validate_rmsd_angle.PDB_ins_code_3 
_pdbx_validate_rmsd_angle.label_alt_id_3 
_pdbx_validate_rmsd_angle.angle_value 
_pdbx_validate_rmsd_angle.angle_target_value 
_pdbx_validate_rmsd_angle.angle_deviation 
_pdbx_validate_rmsd_angle.angle_standard_deviation 
_pdbx_validate_rmsd_angle.linker_flag 
1 1 "O3'" A GTP 1 ? ? P A U 2 ? ? "O5'" A U 2 ? ? 89.25  104.00 -14.75 1.90 Y 
2 1 "O3'" A GTP 1 ? ? P A U 2 ? ? OP2   A U 2 ? ? 120.37 110.50 9.87   1.10 Y 
# 
_pdbx_struct_mod_residue.id               1 
_pdbx_struct_mod_residue.label_asym_id    A 
_pdbx_struct_mod_residue.label_comp_id    GTP 
_pdbx_struct_mod_residue.label_seq_id     1 
_pdbx_struct_mod_residue.auth_asym_id     A 
_pdbx_struct_mod_residue.auth_comp_id     GTP 
_pdbx_struct_mod_residue.auth_seq_id      1 
_pdbx_struct_mod_residue.PDB_ins_code     ? 
_pdbx_struct_mod_residue.parent_comp_id   G 
_pdbx_struct_mod_residue.details          "GUANOSINE-5'-TRIPHOSPHATE" 
# 
loop_
_chem_comp_atom.comp_id 
_chem_comp_atom.atom_id 
_chem_comp_atom.type_symbol 
_chem_comp_atom.pdbx_aromatic_flag 
_chem_comp_atom.pdbx_stereo_config 
_chem_comp_atom.pdbx_ordinal 
A   OP3    O  N N 1   
A   P      P  N N 2   
A   OP1    O  N N 3   
A   OP2    O  N N 4   
A   "O5'"  O  N N 5   
A   "C5'"  C  N N 6   
A   "C4'"  C  N R 7   
A   "O4'"  O  N N 8   
A   "C3'"  C  N S 9   
A   "O3'"  O  N N 10  
A   "C2'"  C  N R 11  
A   "O2'"  O  N N 12  
A   "C1'"  C  N R 13  
A   N9     N  Y N 14  
A   C8     C  Y N 15  
A   N7     N  Y N 16  
A   C5     C  Y N 17  
A   C6     C  Y N 18  
A   N6     N  N N 19  
A   N1     N  Y N 20  
A   C2     C  Y N 21  
A   N3     N  Y N 22  
A   C4     C  Y N 23  
A   HOP3   H  N N 24  
A   HOP2   H  N N 25  
A   "H5'"  H  N N 26  
A   "H5''" H  N N 27  
A   "H4'"  H  N N 28  
A   "H3'"  H  N N 29  
A   "HO3'" H  N N 30  
A   "H2'"  H  N N 31  
A   "HO2'" H  N N 32  
A   "H1'"  H  N N 33  
A   H8     H  N N 34  
A   H61    H  N N 35  
A   H62    H  N N 36  
A   H2     H  N N 37  
C   OP3    O  N N 38  
C   P      P  N N 39  
C   OP1    O  N N 40  
C   OP2    O  N N 41  
C   "O5'"  O  N N 42  
C   "C5'"  C  N N 43  
C   "C4'"  C  N R 44  
C   "O4'"  O  N N 45  
C   "C3'"  C  N S 46  
C   "O3'"  O  N N 47  
C   "C2'"  C  N R 48  
C   "O2'"  O  N N 49  
C   "C1'"  C  N R 50  
C   N1     N  N N 51  
C   C2     C  N N 52  
C   O2     O  N N 53  
C   N3     N  N N 54  
C   C4     C  N N 55  
C   N4     N  N N 56  
C   C5     C  N N 57  
C   C6     C  N N 58  
C   HOP3   H  N N 59  
C   HOP2   H  N N 60  
C   "H5'"  H  N N 61  
C   "H5''" H  N N 62  
C   "H4'"  H  N N 63  
C   "H3'"  H  N N 64  
C   "HO3'" H  N N 65  
C   "H2'"  H  N N 66  
C   "HO2'" H  N N 67  
C   "H1'"  H  N N 68  
C   H41    H  N N 69  
C   H42    H  N N 70  
C   H5     H  N N 71  
C   H6     H  N N 72  
EEM C2     C  Y N 73  
EEM N3     N  Y N 74  
EEM C4     C  Y N 75  
EEM "C1'"  C  N R 76  
EEM "C2'"  C  N R 77  
EEM "C3'"  C  N S 78  
EEM "C4'"  C  N S 79  
EEM "C5'"  C  N N 80  
EEM O      O  N N 81  
EEM C      C  N N 82  
EEM OXT    O  N N 83  
EEM CA     C  N S 84  
EEM N      N  N N 85  
EEM CB     C  N N 86  
EEM CG     C  N N 87  
EEM SE     SE N S 88  
EEM CE     C  N N 89  
EEM "O4'"  O  N N 90  
EEM "O3'"  O  N N 91  
EEM "O2'"  O  N N 92  
EEM N9     N  Y N 93  
EEM C8     C  Y N 94  
EEM N7     N  Y N 95  
EEM C5     C  Y N 96  
EEM N1     N  Y N 97  
EEM C6     C  Y N 98  
EEM N6     N  N N 99  
EEM H2     H  N N 100 
EEM "H1'"  H  N N 101 
EEM "H2'"  H  N N 102 
EEM "H3'"  H  N N 103 
EEM "H4'"  H  N N 104 
EEM "H5'"  H  N N 105 
EEM "H5'A" H  N N 106 
EEM HOXT   H  N N 107 
EEM HA     H  N N 108 
EEM HN     H  N N 109 
EEM HNA    H  N N 110 
EEM HB     H  N N 111 
EEM HBA    H  N N 112 
EEM HG     H  N N 113 
EEM HGA    H  N N 114 
EEM HE     H  N N 115 
EEM HEA    H  N N 116 
EEM HEB    H  N N 117 
EEM "HO3'" H  N N 118 
EEM "HO2'" H  N N 119 
EEM H8     H  N N 120 
EEM HN6    H  N N 121 
EEM HN6A   H  N N 122 
G   OP3    O  N N 123 
G   P      P  N N 124 
G   OP1    O  N N 125 
G   OP2    O  N N 126 
G   "O5'"  O  N N 127 
G   "C5'"  C  N N 128 
G   "C4'"  C  N R 129 
G   "O4'"  O  N N 130 
G   "C3'"  C  N S 131 
G   "O3'"  O  N N 132 
G   "C2'"  C  N R 133 
G   "O2'"  O  N N 134 
G   "C1'"  C  N R 135 
G   N9     N  Y N 136 
G   C8     C  Y N 137 
G   N7     N  Y N 138 
G   C5     C  Y N 139 
G   C6     C  N N 140 
G   O6     O  N N 141 
G   N1     N  N N 142 
G   C2     C  N N 143 
G   N2     N  N N 144 
G   N3     N  N N 145 
G   C4     C  Y N 146 
G   HOP3   H  N N 147 
G   HOP2   H  N N 148 
G   "H5'"  H  N N 149 
G   "H5''" H  N N 150 
G   "H4'"  H  N N 151 
G   "H3'"  H  N N 152 
G   "HO3'" H  N N 153 
G   "H2'"  H  N N 154 
G   "HO2'" H  N N 155 
G   "H1'"  H  N N 156 
G   H8     H  N N 157 
G   H1     H  N N 158 
G   H21    H  N N 159 
G   H22    H  N N 160 
GTP PG     P  N N 161 
GTP O1G    O  N N 162 
GTP O2G    O  N N 163 
GTP O3G    O  N N 164 
GTP O3B    O  N N 165 
GTP PB     P  N N 166 
GTP O1B    O  N N 167 
GTP O2B    O  N N 168 
GTP O3A    O  N N 169 
GTP PA     P  N N 170 
GTP O1A    O  N N 171 
GTP O2A    O  N N 172 
GTP "O5'"  O  N N 173 
GTP "C5'"  C  N N 174 
GTP "C4'"  C  N R 175 
GTP "O4'"  O  N N 176 
GTP "C3'"  C  N S 177 
GTP "O3'"  O  N N 178 
GTP "C2'"  C  N R 179 
GTP "O2'"  O  N N 180 
GTP "C1'"  C  N R 181 
GTP N9     N  Y N 182 
GTP C8     C  Y N 183 
GTP N7     N  Y N 184 
GTP C5     C  Y N 185 
GTP C6     C  N N 186 
GTP O6     O  N N 187 
GTP N1     N  N N 188 
GTP C2     C  N N 189 
GTP N2     N  N N 190 
GTP N3     N  N N 191 
GTP C4     C  Y N 192 
GTP HOG2   H  N N 193 
GTP HOG3   H  N N 194 
GTP HOB2   H  N N 195 
GTP HOA2   H  N N 196 
GTP "H5'"  H  N N 197 
GTP "H5''" H  N N 198 
GTP "H4'"  H  N N 199 
GTP "H3'"  H  N N 200 
GTP "HO3'" H  N N 201 
GTP "H2'"  H  N N 202 
GTP "HO2'" H  N N 203 
GTP "H1'"  H  N N 204 
GTP H8     H  N N 205 
GTP HN1    H  N N 206 
GTP HN21   H  N N 207 
GTP HN22   H  N N 208 
HOH O      O  N N 209 
HOH H1     H  N N 210 
HOH H2     H  N N 211 
SR  SR     SR N N 212 
U   OP3    O  N N 213 
U   P      P  N N 214 
U   OP1    O  N N 215 
U   OP2    O  N N 216 
U   "O5'"  O  N N 217 
U   "C5'"  C  N N 218 
U   "C4'"  C  N R 219 
U   "O4'"  O  N N 220 
U   "C3'"  C  N S 221 
U   "O3'"  O  N N 222 
U   "C2'"  C  N R 223 
U   "O2'"  O  N N 224 
U   "C1'"  C  N R 225 
U   N1     N  N N 226 
U   C2     C  N N 227 
U   O2     O  N N 228 
U   N3     N  N N 229 
U   C4     C  N N 230 
U   O4     O  N N 231 
U   C5     C  N N 232 
U   C6     C  N N 233 
U   HOP3   H  N N 234 
U   HOP2   H  N N 235 
U   "H5'"  H  N N 236 
U   "H5''" H  N N 237 
U   "H4'"  H  N N 238 
U   "H3'"  H  N N 239 
U   "HO3'" H  N N 240 
U   "H2'"  H  N N 241 
U   "HO2'" H  N N 242 
U   "H1'"  H  N N 243 
U   H3     H  N N 244 
U   H5     H  N N 245 
U   H6     H  N N 246 
# 
loop_
_chem_comp_bond.comp_id 
_chem_comp_bond.atom_id_1 
_chem_comp_bond.atom_id_2 
_chem_comp_bond.value_order 
_chem_comp_bond.pdbx_aromatic_flag 
_chem_comp_bond.pdbx_stereo_config 
_chem_comp_bond.pdbx_ordinal 
A   OP3   P      sing N N 1   
A   OP3   HOP3   sing N N 2   
A   P     OP1    doub N N 3   
A   P     OP2    sing N N 4   
A   P     "O5'"  sing N N 5   
A   OP2   HOP2   sing N N 6   
A   "O5'" "C5'"  sing N N 7   
A   "C5'" "C4'"  sing N N 8   
A   "C5'" "H5'"  sing N N 9   
A   "C5'" "H5''" sing N N 10  
A   "C4'" "O4'"  sing N N 11  
A   "C4'" "C3'"  sing N N 12  
A   "C4'" "H4'"  sing N N 13  
A   "O4'" "C1'"  sing N N 14  
A   "C3'" "O3'"  sing N N 15  
A   "C3'" "C2'"  sing N N 16  
A   "C3'" "H3'"  sing N N 17  
A   "O3'" "HO3'" sing N N 18  
A   "C2'" "O2'"  sing N N 19  
A   "C2'" "C1'"  sing N N 20  
A   "C2'" "H2'"  sing N N 21  
A   "O2'" "HO2'" sing N N 22  
A   "C1'" N9     sing N N 23  
A   "C1'" "H1'"  sing N N 24  
A   N9    C8     sing Y N 25  
A   N9    C4     sing Y N 26  
A   C8    N7     doub Y N 27  
A   C8    H8     sing N N 28  
A   N7    C5     sing Y N 29  
A   C5    C6     sing Y N 30  
A   C5    C4     doub Y N 31  
A   C6    N6     sing N N 32  
A   C6    N1     doub Y N 33  
A   N6    H61    sing N N 34  
A   N6    H62    sing N N 35  
A   N1    C2     sing Y N 36  
A   C2    N3     doub Y N 37  
A   C2    H2     sing N N 38  
A   N3    C4     sing Y N 39  
C   OP3   P      sing N N 40  
C   OP3   HOP3   sing N N 41  
C   P     OP1    doub N N 42  
C   P     OP2    sing N N 43  
C   P     "O5'"  sing N N 44  
C   OP2   HOP2   sing N N 45  
C   "O5'" "C5'"  sing N N 46  
C   "C5'" "C4'"  sing N N 47  
C   "C5'" "H5'"  sing N N 48  
C   "C5'" "H5''" sing N N 49  
C   "C4'" "O4'"  sing N N 50  
C   "C4'" "C3'"  sing N N 51  
C   "C4'" "H4'"  sing N N 52  
C   "O4'" "C1'"  sing N N 53  
C   "C3'" "O3'"  sing N N 54  
C   "C3'" "C2'"  sing N N 55  
C   "C3'" "H3'"  sing N N 56  
C   "O3'" "HO3'" sing N N 57  
C   "C2'" "O2'"  sing N N 58  
C   "C2'" "C1'"  sing N N 59  
C   "C2'" "H2'"  sing N N 60  
C   "O2'" "HO2'" sing N N 61  
C   "C1'" N1     sing N N 62  
C   "C1'" "H1'"  sing N N 63  
C   N1    C2     sing N N 64  
C   N1    C6     sing N N 65  
C   C2    O2     doub N N 66  
C   C2    N3     sing N N 67  
C   N3    C4     doub N N 68  
C   C4    N4     sing N N 69  
C   C4    C5     sing N N 70  
C   N4    H41    sing N N 71  
C   N4    H42    sing N N 72  
C   C5    C6     doub N N 73  
C   C5    H5     sing N N 74  
C   C6    H6     sing N N 75  
EEM N1    C2     doub Y N 76  
EEM C2    N3     sing Y N 77  
EEM C2    H2     sing N N 78  
EEM C4    N3     doub Y N 79  
EEM C5    C4     sing Y N 80  
EEM N9    C4     sing Y N 81  
EEM N9    "C1'"  sing N N 82  
EEM "C1'" "O4'"  sing N N 83  
EEM "C1'" "C2'"  sing N N 84  
EEM "C1'" "H1'"  sing N N 85  
EEM "O2'" "C2'"  sing N N 86  
EEM "C2'" "C3'"  sing N N 87  
EEM "C2'" "H2'"  sing N N 88  
EEM "C4'" "C3'"  sing N N 89  
EEM "O3'" "C3'"  sing N N 90  
EEM "C3'" "H3'"  sing N N 91  
EEM "O4'" "C4'"  sing N N 92  
EEM "C4'" "C5'"  sing N N 93  
EEM "C4'" "H4'"  sing N N 94  
EEM "C5'" "H5'"  sing N N 95  
EEM "C5'" "H5'A" sing N N 96  
EEM "C5'" SE     sing N N 97  
EEM C     O      doub N N 98  
EEM CA    C      sing N N 99  
EEM C     OXT    sing N N 100 
EEM OXT   HOXT   sing N N 101 
EEM CB    CA     sing N N 102 
EEM N     CA     sing N N 103 
EEM CA    HA     sing N N 104 
EEM N     HN     sing N N 105 
EEM N     HNA    sing N N 106 
EEM CB    CG     sing N N 107 
EEM CB    HB     sing N N 108 
EEM CB    HBA    sing N N 109 
EEM SE    CG     sing N N 110 
EEM CG    HG     sing N N 111 
EEM CG    HGA    sing N N 112 
EEM SE    CE     sing N N 113 
EEM CE    HE     sing N N 114 
EEM CE    HEA    sing N N 115 
EEM CE    HEB    sing N N 116 
EEM "O3'" "HO3'" sing N N 117 
EEM "O2'" "HO2'" sing N N 118 
EEM C8    N9     sing Y N 119 
EEM N7    C8     doub Y N 120 
EEM C8    H8     sing N N 121 
EEM N7    C5     sing Y N 122 
EEM C6    C5     doub Y N 123 
EEM C6    N1     sing Y N 124 
EEM N6    C6     sing N N 125 
EEM N6    HN6    sing N N 126 
EEM N6    HN6A   sing N N 127 
G   OP3   P      sing N N 128 
G   OP3   HOP3   sing N N 129 
G   P     OP1    doub N N 130 
G   P     OP2    sing N N 131 
G   P     "O5'"  sing N N 132 
G   OP2   HOP2   sing N N 133 
G   "O5'" "C5'"  sing N N 134 
G   "C5'" "C4'"  sing N N 135 
G   "C5'" "H5'"  sing N N 136 
G   "C5'" "H5''" sing N N 137 
G   "C4'" "O4'"  sing N N 138 
G   "C4'" "C3'"  sing N N 139 
G   "C4'" "H4'"  sing N N 140 
G   "O4'" "C1'"  sing N N 141 
G   "C3'" "O3'"  sing N N 142 
G   "C3'" "C2'"  sing N N 143 
G   "C3'" "H3'"  sing N N 144 
G   "O3'" "HO3'" sing N N 145 
G   "C2'" "O2'"  sing N N 146 
G   "C2'" "C1'"  sing N N 147 
G   "C2'" "H2'"  sing N N 148 
G   "O2'" "HO2'" sing N N 149 
G   "C1'" N9     sing N N 150 
G   "C1'" "H1'"  sing N N 151 
G   N9    C8     sing Y N 152 
G   N9    C4     sing Y N 153 
G   C8    N7     doub Y N 154 
G   C8    H8     sing N N 155 
G   N7    C5     sing Y N 156 
G   C5    C6     sing N N 157 
G   C5    C4     doub Y N 158 
G   C6    O6     doub N N 159 
G   C6    N1     sing N N 160 
G   N1    C2     sing N N 161 
G   N1    H1     sing N N 162 
G   C2    N2     sing N N 163 
G   C2    N3     doub N N 164 
G   N2    H21    sing N N 165 
G   N2    H22    sing N N 166 
G   N3    C4     sing N N 167 
GTP PG    O1G    doub N N 168 
GTP PG    O2G    sing N N 169 
GTP PG    O3G    sing N N 170 
GTP PG    O3B    sing N N 171 
GTP O2G   HOG2   sing N N 172 
GTP O3G   HOG3   sing N N 173 
GTP O3B   PB     sing N N 174 
GTP PB    O1B    doub N N 175 
GTP PB    O2B    sing N N 176 
GTP PB    O3A    sing N N 177 
GTP O2B   HOB2   sing N N 178 
GTP O3A   PA     sing N N 179 
GTP PA    O1A    doub N N 180 
GTP PA    O2A    sing N N 181 
GTP PA    "O5'"  sing N N 182 
GTP O2A   HOA2   sing N N 183 
GTP "O5'" "C5'"  sing N N 184 
GTP "C5'" "C4'"  sing N N 185 
GTP "C5'" "H5'"  sing N N 186 
GTP "C5'" "H5''" sing N N 187 
GTP "C4'" "O4'"  sing N N 188 
GTP "C4'" "C3'"  sing N N 189 
GTP "C4'" "H4'"  sing N N 190 
GTP "O4'" "C1'"  sing N N 191 
GTP "C3'" "O3'"  sing N N 192 
GTP "C3'" "C2'"  sing N N 193 
GTP "C3'" "H3'"  sing N N 194 
GTP "O3'" "HO3'" sing N N 195 
GTP "C2'" "O2'"  sing N N 196 
GTP "C2'" "C1'"  sing N N 197 
GTP "C2'" "H2'"  sing N N 198 
GTP "O2'" "HO2'" sing N N 199 
GTP "C1'" N9     sing N N 200 
GTP "C1'" "H1'"  sing N N 201 
GTP N9    C8     sing Y N 202 
GTP N9    C4     sing Y N 203 
GTP C8    N7     doub Y N 204 
GTP C8    H8     sing N N 205 
GTP N7    C5     sing Y N 206 
GTP C5    C6     sing N N 207 
GTP C5    C4     doub Y N 208 
GTP C6    O6     doub N N 209 
GTP C6    N1     sing N N 210 
GTP N1    C2     sing N N 211 
GTP N1    HN1    sing N N 212 
GTP C2    N2     sing N N 213 
GTP C2    N3     doub N N 214 
GTP N2    HN21   sing N N 215 
GTP N2    HN22   sing N N 216 
GTP N3    C4     sing N N 217 
HOH O     H1     sing N N 218 
HOH O     H2     sing N N 219 
U   OP3   P      sing N N 220 
U   OP3   HOP3   sing N N 221 
U   P     OP1    doub N N 222 
U   P     OP2    sing N N 223 
U   P     "O5'"  sing N N 224 
U   OP2   HOP2   sing N N 225 
U   "O5'" "C5'"  sing N N 226 
U   "C5'" "C4'"  sing N N 227 
U   "C5'" "H5'"  sing N N 228 
U   "C5'" "H5''" sing N N 229 
U   "C4'" "O4'"  sing N N 230 
U   "C4'" "C3'"  sing N N 231 
U   "C4'" "H4'"  sing N N 232 
U   "O4'" "C1'"  sing N N 233 
U   "C3'" "O3'"  sing N N 234 
U   "C3'" "C2'"  sing N N 235 
U   "C3'" "H3'"  sing N N 236 
U   "O3'" "HO3'" sing N N 237 
U   "C2'" "O2'"  sing N N 238 
U   "C2'" "C1'"  sing N N 239 
U   "C2'" "H2'"  sing N N 240 
U   "O2'" "HO2'" sing N N 241 
U   "C1'" N1     sing N N 242 
U   "C1'" "H1'"  sing N N 243 
U   N1    C2     sing N N 244 
U   N1    C6     sing N N 245 
U   C2    O2     doub N N 246 
U   C2    N3     sing N N 247 
U   N3    C4     sing N N 248 
U   N3    H3     sing N N 249 
U   C4    O4     doub N N 250 
U   C4    C5     sing N N 251 
U   C5    C6     doub N N 252 
U   C5    H5     sing N N 253 
U   C6    H6     sing N N 254 
# 
loop_
_ndb_struct_conf_na.entry_id 
_ndb_struct_conf_na.feature 
3E5F 'double helix'         
3E5F 'a-form double helix'  
3E5F tetraloop              
3E5F 'bulge loop'           
3E5F 'mismatched base pair' 
3E5F 'three-way junction'   
# 
loop_
_ndb_struct_na_base_pair.model_number 
_ndb_struct_na_base_pair.i_label_asym_id 
_ndb_struct_na_base_pair.i_label_comp_id 
_ndb_struct_na_base_pair.i_label_seq_id 
_ndb_struct_na_base_pair.i_symmetry 
_ndb_struct_na_base_pair.j_label_asym_id 
_ndb_struct_na_base_pair.j_label_comp_id 
_ndb_struct_na_base_pair.j_label_seq_id 
_ndb_struct_na_base_pair.j_symmetry 
_ndb_struct_na_base_pair.shear 
_ndb_struct_na_base_pair.stretch 
_ndb_struct_na_base_pair.stagger 
_ndb_struct_na_base_pair.buckle 
_ndb_struct_na_base_pair.propeller 
_ndb_struct_na_base_pair.opening 
_ndb_struct_na_base_pair.pair_number 
_ndb_struct_na_base_pair.pair_name 
_ndb_struct_na_base_pair.i_auth_asym_id 
_ndb_struct_na_base_pair.i_auth_seq_id 
_ndb_struct_na_base_pair.i_PDB_ins_code 
_ndb_struct_na_base_pair.j_auth_asym_id 
_ndb_struct_na_base_pair.j_auth_seq_id 
_ndb_struct_na_base_pair.j_PDB_ins_code 
_ndb_struct_na_base_pair.hbond_type_28 
_ndb_struct_na_base_pair.hbond_type_12 
1 A GTP 1  1_555 A U 53 1_555 -2.211 -0.779 0.197  -1.219  -12.574 -6.190   1  A_GTP1:U53_A A 1  ? A 53 ? 28 ?  
1 A U   2  1_555 A A 52 1_555 -0.128 -0.257 0.112  5.302   -18.246 4.251    2  A_U2:A52_A   A 2  ? A 52 ? 20 1  
1 A U   3  1_555 A A 51 1_555 -0.090 -0.130 -0.007 8.813   -12.186 6.042    3  A_U3:A51_A   A 3  ? A 51 ? 20 1  
1 A C   4  1_555 A G 50 1_555 0.300  -0.191 0.080  8.730   -14.473 2.449    4  A_C4:G50_A   A 4  ? A 50 ? 19 1  
1 A C   5  1_555 A G 49 1_555 0.197  -0.101 -0.055 5.832   -0.106  2.358    5  A_C5:G49_A   A 5  ? A 49 ? 19 1  
1 A C   6  1_555 A G 48 1_555 0.390  -0.256 -0.374 15.277  -5.929  1.202    6  A_C6:G48_A   A 6  ? A 48 ? 19 1  
1 A A   22 1_555 A G 19 1_555 -6.662 -4.622 0.657  -15.351 3.751   -13.763  7  A_A22:G19_A  A 22 ? A 19 ? 11 10 
1 A C   23 1_555 A G 18 1_555 0.189  -0.179 0.049  0.881   1.909   -1.026   8  A_C23:G18_A  A 23 ? A 18 ? 19 1  
1 A G   24 1_555 A C 17 1_555 -0.568 -0.255 -0.039 1.293   -8.799  0.598    9  A_G24:C17_A  A 24 ? A 17 ? 19 1  
1 A C   25 1_555 A G 16 1_555 0.896  -0.173 -0.015 5.142   -9.794  8.987    10 A_C25:G16_A  A 25 ? A 16 ? 19 1  
1 A C   26 1_555 A G 15 1_555 0.582  -0.213 0.385  -4.179  -10.754 8.637    11 A_C26:G15_A  A 26 ? A 15 ? 19 1  
1 A A   27 1_555 A U 14 1_555 -0.942 -0.114 0.918  -7.654  -13.332 1.487    12 A_A27:U14_A  A 27 ? A 14 ? 20 1  
1 A G   28 1_555 A A 13 1_555 0.180  1.609  0.361  8.726   -18.680 -12.127  13 A_G28:A13_A  A 28 ? A 13 ? 8  1  
1 A C   32 1_555 A G 12 1_555 -0.007 -0.039 0.272  -3.768  -5.035  5.070    14 A_C32:G12_A  A 32 ? A 12 ? 19 1  
1 A C   33 1_555 A G 11 1_555 0.016  -0.187 -0.159 -3.750  -4.287  2.743    15 A_C33:G11_A  A 33 ? A 11 ? 19 1  
1 A U   34 1_555 A A 10 1_555 -0.001 -0.021 -0.060 2.676   0.577   0.217    16 A_U34:A10_A  A 34 ? A 10 ? 20 1  
1 A U   35 1_555 A A 9  1_555 -0.087 -0.044 -0.356 10.926  -0.999  10.606   17 A_U35:A9_A   A 35 ? A 9  ? 20 1  
1 A G   36 1_555 A G 31 1_555 5.118  -0.096 0.216  23.512  12.756  -115.799 18 A_G36:G31_A  A 36 ? A 31 ? 7  ?  
1 A C   40 1_555 A G 47 1_555 0.493  -0.284 -0.166 3.916   -12.245 1.580    19 A_C40:G47_A  A 40 ? A 47 ? 19 1  
1 A C   41 1_555 A G 46 1_555 0.515  -0.338 -0.033 0.577   -0.501  -2.062   20 A_C41:G46_A  A 41 ? A 46 ? 19 1  
1 A G   42 1_555 A A 45 1_555 7.891  -5.076 0.943  12.281  -12.004 -45.367  21 A_G42:A45_A  A 42 ? A 45 ? ?  ?  
# 
loop_
_ndb_struct_na_base_pair_step.model_number 
_ndb_struct_na_base_pair_step.i_label_asym_id_1 
_ndb_struct_na_base_pair_step.i_label_comp_id_1 
_ndb_struct_na_base_pair_step.i_label_seq_id_1 
_ndb_struct_na_base_pair_step.i_symmetry_1 
_ndb_struct_na_base_pair_step.j_label_asym_id_1 
_ndb_struct_na_base_pair_step.j_label_comp_id_1 
_ndb_struct_na_base_pair_step.j_label_seq_id_1 
_ndb_struct_na_base_pair_step.j_symmetry_1 
_ndb_struct_na_base_pair_step.i_label_asym_id_2 
_ndb_struct_na_base_pair_step.i_label_comp_id_2 
_ndb_struct_na_base_pair_step.i_label_seq_id_2 
_ndb_struct_na_base_pair_step.i_symmetry_2 
_ndb_struct_na_base_pair_step.j_label_asym_id_2 
_ndb_struct_na_base_pair_step.j_label_comp_id_2 
_ndb_struct_na_base_pair_step.j_label_seq_id_2 
_ndb_struct_na_base_pair_step.j_symmetry_2 
_ndb_struct_na_base_pair_step.shift 
_ndb_struct_na_base_pair_step.slide 
_ndb_struct_na_base_pair_step.rise 
_ndb_struct_na_base_pair_step.tilt 
_ndb_struct_na_base_pair_step.roll 
_ndb_struct_na_base_pair_step.twist 
_ndb_struct_na_base_pair_step.x_displacement 
_ndb_struct_na_base_pair_step.y_displacement 
_ndb_struct_na_base_pair_step.helical_rise 
_ndb_struct_na_base_pair_step.inclination 
_ndb_struct_na_base_pair_step.tip 
_ndb_struct_na_base_pair_step.helical_twist 
_ndb_struct_na_base_pair_step.step_number 
_ndb_struct_na_base_pair_step.step_name 
_ndb_struct_na_base_pair_step.i_auth_asym_id_1 
_ndb_struct_na_base_pair_step.i_auth_seq_id_1 
_ndb_struct_na_base_pair_step.i_PDB_ins_code_1 
_ndb_struct_na_base_pair_step.j_auth_asym_id_1 
_ndb_struct_na_base_pair_step.j_auth_seq_id_1 
_ndb_struct_na_base_pair_step.j_PDB_ins_code_1 
_ndb_struct_na_base_pair_step.i_auth_asym_id_2 
_ndb_struct_na_base_pair_step.i_auth_seq_id_2 
_ndb_struct_na_base_pair_step.i_PDB_ins_code_2 
_ndb_struct_na_base_pair_step.j_auth_asym_id_2 
_ndb_struct_na_base_pair_step.j_auth_seq_id_2 
_ndb_struct_na_base_pair_step.j_PDB_ins_code_2 
1 A GTP 1  1_555 A U 53 1_555 A U 2  1_555 A A 52 1_555 0.244  -0.899 3.087 -2.623 9.176  42.996  -1.993 -0.552 2.828 12.338 3.527 
43.993  1  AA_GTP1U2:A52U53_AA A 1  ? A 53 ? A 2  ? A 52 ? 
1 A U   2  1_555 A A 52 1_555 A U 3  1_555 A A 51 1_555 -0.045 -0.969 3.099 -2.926 7.215  32.578  -2.775 -0.365 2.819 12.638 5.125 
33.471  2  AA_U2U3:A51A52_AA   A 2  ? A 52 ? A 3  ? A 51 ? 
1 A U   3  1_555 A A 51 1_555 A C 4  1_555 A G 50 1_555 0.069  -1.571 3.296 -0.789 -0.747 35.521  -2.463 -0.230 3.325 -1.224 1.292 
35.537  3  AA_U3C4:G50A51_AA   A 3  ? A 51 ? A 4  ? A 50 ? 
1 A C   4  1_555 A G 50 1_555 A C 5  1_555 A G 49 1_555 -0.570 -2.078 3.282 -2.564 8.881  27.432  -5.961 0.622  2.540 18.088 5.223 
28.919  4  AA_C4C5:G49G50_AA   A 4  ? A 50 ? A 5  ? A 49 ? 
1 A C   5  1_555 A G 49 1_555 A C 6  1_555 A G 48 1_555 -0.358 -1.797 3.115 -0.316 5.050  28.089  -4.689 0.662  2.760 10.299 0.645 
28.532  5  AA_C5C6:G48G49_AA   A 5  ? A 49 ? A 6  ? A 48 ? 
1 A A   22 1_555 A G 19 1_555 A C 23 1_555 A G 18 1_555 1.833  -0.998 2.837 3.162  3.603  49.317  -1.423 -1.984 2.867 4.306  
-3.779  49.535  6  AA_A22C23:G18G19_AA A 22 ? A 19 ? A 23 ? A 18 ? 
1 A C   23 1_555 A G 18 1_555 A G 24 1_555 A C 17 1_555 -0.764 -2.076 3.162 -0.508 5.713  24.316  -6.328 1.632  2.628 13.327 1.186 
24.974  7  AA_C23G24:C17G18_AA A 23 ? A 18 ? A 24 ? A 17 ? 
1 A G   24 1_555 A C 17 1_555 A C 25 1_555 A G 16 1_555 0.807  -1.664 3.179 -0.912 1.646  36.105  -2.904 -1.423 3.082 2.653  1.470 
36.153  8  AA_G24C25:G16C17_AA A 24 ? A 17 ? A 25 ? A 16 ? 
1 A C   25 1_555 A G 16 1_555 A C 26 1_555 A G 15 1_555 0.422  -1.988 3.154 0.596  10.660 30.299  -5.256 -0.671 2.346 19.644 
-1.098  32.084  9  AA_C25C26:G15G16_AA A 25 ? A 16 ? A 26 ? A 15 ? 
1 A C   26 1_555 A G 15 1_555 A A 27 1_555 A U 14 1_555 -0.377 -1.967 2.719 -2.706 19.069 29.619  -5.150 0.354  1.285 33.245 4.717 
35.212  10 AA_C26A27:U14G15_AA A 26 ? A 15 ? A 27 ? A 14 ? 
1 A A   27 1_555 A U 14 1_555 A G 28 1_555 A A 13 1_555 -1.113 -0.694 2.948 5.731  4.278  33.561  -1.755 2.663  2.622 7.306  
-9.788  34.293  11 AA_A27G28:A13U14_AA A 27 ? A 14 ? A 28 ? A 13 ? 
1 A G   28 1_555 A A 13 1_555 A C 32 1_555 A G 12 1_555 -1.423 -2.509 2.892 -7.388 13.869 50.893  -3.535 1.203  2.353 15.715 8.371 
53.109  12 AA_G28C32:G12A13_AA A 28 ? A 13 ? A 32 ? A 12 ? 
1 A C   32 1_555 A G 12 1_555 A C 33 1_555 A G 11 1_555 -0.991 -2.341 2.916 0.299  6.819  30.544  -5.391 1.884  2.342 12.745 
-0.558  31.280  13 AA_C32C33:G11G12_AA A 32 ? A 12 ? A 33 ? A 11 ? 
1 A C   33 1_555 A G 11 1_555 A U 34 1_555 A A 10 1_555 -0.404 -1.866 3.145 -2.019 6.719  29.122  -4.867 0.405  2.678 13.122 3.943 
29.937  14 AA_C33U34:A10G11_AA A 33 ? A 11 ? A 34 ? A 10 ? 
1 A U   34 1_555 A A 10 1_555 A U 35 1_555 A A 9  1_555 0.152  -1.619 3.047 -0.075 15.235 20.558  -7.024 -0.360 1.504 36.851 0.182 
25.539  15 AA_U34U35:A9A10_AA  A 34 ? A 10 ? A 35 ? A 9  ? 
1 A U   35 1_555 A A 9  1_555 A G 36 1_555 A G 31 1_555 2.803  -4.231 2.207 23.898 9.215  114.260 -2.562 -1.474 2.340 5.448  
-14.130 116.092 16 AA_U35G36:G31A9_AA  A 35 ? A 9  ? A 36 ? A 31 ? 
1 A C   40 1_555 A G 47 1_555 A C 41 1_555 A G 46 1_555 -0.548 -2.413 3.295 -0.097 7.159  29.908  -5.849 1.016  2.661 13.627 0.185 
30.734  17 AA_C40C41:G46G47_AA A 40 ? A 47 ? A 41 ? A 46 ? 
1 A C   41 1_555 A G 46 1_555 A G 42 1_555 A A 45 1_555 -4.384 -1.561 2.859 0.219  10.594 52.611  -2.282 4.874  2.507 11.817 
-0.244  53.593  18 AA_C41G42:A45G46_AA A 41 ? A 46 ? A 42 ? A 45 ? 
# 
_atom_sites.entry_id                    3E5F 
_atom_sites.fract_transf_matrix[1][1]   -0.00262421 
_atom_sites.fract_transf_matrix[1][2]   -0.00129117 
_atom_sites.fract_transf_matrix[1][3]   -0.00991046 
_atom_sites.fract_transf_matrix[2][1]   0.00321861 
_atom_sites.fract_transf_matrix[2][2]   -0.00980970 
_atom_sites.fract_transf_matrix[2][3]   0.00042578 
_atom_sites.fract_transf_matrix[3][1]   -0.01055326 
_atom_sites.fract_transf_matrix[3][2]   -0.00332250 
_atom_sites.fract_transf_matrix[3][3]   0.00322728 
_atom_sites.fract_transf_vector[1]      0.170164 
_atom_sites.fract_transf_vector[2]      -0.058206 
_atom_sites.fract_transf_vector[3]      -0.208280 
# 
loop_
_atom_type.symbol 
C  
N  
O  
P  
SE 
SR 
# 
loop_
_atom_site.group_PDB 
_atom_site.id 
_atom_site.type_symbol 
_atom_site.label_atom_id 
_atom_site.label_alt_id 
_atom_site.label_comp_id 
_atom_site.label_asym_id 
_atom_site.label_entity_id 
_atom_site.label_seq_id 
_atom_site.pdbx_PDB_ins_code 
_atom_site.Cartn_x 
_atom_site.Cartn_y 
_atom_site.Cartn_z 
_atom_site.occupancy 
_atom_site.B_iso_or_equiv 
_atom_site.pdbx_formal_charge 
_atom_site.auth_seq_id 
_atom_site.auth_comp_id 
_atom_site.auth_asym_id 
_atom_site.auth_atom_id 
_atom_site.pdbx_PDB_model_num 
HETATM 1    P  PG    . GTP A 1 1  ? -5.273 6.159   -16.533 1.00 87.13  ? 1   GTP A PG    1 
HETATM 2    O  O1G   . GTP A 1 1  ? -4.419 5.080   -15.986 1.00 85.89  ? 1   GTP A O1G   1 
HETATM 3    O  O2G   . GTP A 1 1  ? -5.350 6.133   -18.141 1.00 86.93  ? 1   GTP A O2G   1 
HETATM 4    O  O3G   . GTP A 1 1  ? -4.706 7.620   -16.161 1.00 85.09  ? 1   GTP A O3G   1 
HETATM 5    O  O3B   . GTP A 1 1  ? -6.803 6.139   -16.023 1.00 80.18  ? 1   GTP A O3B   1 
HETATM 6    P  PB    . GTP A 1 1  ? -7.502 4.970   -15.155 1.00 76.15  ? 1   GTP A PB    1 
HETATM 7    O  O1B   . GTP A 1 1  ? -7.273 5.260   -13.722 1.00 76.57  ? 1   GTP A O1B   1 
HETATM 8    O  O2B   . GTP A 1 1  ? -8.902 4.909   -15.632 1.00 72.65  ? 1   GTP A O2B   1 
HETATM 9    O  O3A   . GTP A 1 1  ? -6.751 3.601   -15.567 1.00 73.31  ? 1   GTP A O3A   1 
HETATM 10   P  PA    . GTP A 1 1  ? -5.951 2.596   -14.584 1.00 67.96  ? 1   GTP A PA    1 
HETATM 11   O  O1A   . GTP A 1 1  ? -4.672 3.238   -14.210 1.00 64.39  ? 1   GTP A O1A   1 
HETATM 12   O  O2A   . GTP A 1 1  ? -6.825 2.112   -13.492 1.00 67.41  ? 1   GTP A O2A   1 
HETATM 13   O  "O5'" . GTP A 1 1  ? -5.641 1.354   -15.564 1.00 63.36  ? 1   GTP A "O5'" 1 
HETATM 14   C  "C5'" . GTP A 1 1  ? -6.620 0.331   -15.785 1.00 57.80  ? 1   GTP A "C5'" 1 
HETATM 15   C  "C4'" . GTP A 1 1  ? -6.464 -0.323  -17.161 1.00 52.98  ? 1   GTP A "C4'" 1 
HETATM 16   O  "O4'" . GTP A 1 1  ? -6.462 0.669   -18.198 1.00 50.33  ? 1   GTP A "O4'" 1 
HETATM 17   C  "C3'" . GTP A 1 1  ? -4.995 -0.923  -17.281 1.00 51.35  ? 1   GTP A "C3'" 1 
HETATM 18   O  "O3'" . GTP A 1 1  ? -4.923 -2.388  -16.660 1.00 53.35  ? 1   GTP A "O3'" 1 
HETATM 19   C  "C2'" . GTP A 1 1  ? -4.896 -1.037  -18.809 1.00 49.30  ? 1   GTP A "C2'" 1 
HETATM 20   O  "O2'" . GTP A 1 1  ? -5.518 -2.133  -19.484 1.00 50.91  ? 1   GTP A "O2'" 1 
HETATM 21   C  "C1'" . GTP A 1 1  ? -5.538 0.285   -19.230 1.00 46.73  ? 1   GTP A "C1'" 1 
HETATM 22   N  N9    . GTP A 1 1  ? -4.539 1.372   -19.285 1.00 41.86  ? 1   GTP A N9    1 
HETATM 23   C  C8    . GTP A 1 1  ? -4.479 2.409   -18.452 1.00 37.82  ? 1   GTP A C8    1 
HETATM 24   N  N7    . GTP A 1 1  ? -3.507 3.226   -18.843 1.00 36.89  ? 1   GTP A N7    1 
HETATM 25   C  C5    . GTP A 1 1  ? -2.942 2.707   -19.931 1.00 35.75  ? 1   GTP A C5    1 
HETATM 26   C  C6    . GTP A 1 1  ? -1.896 3.117   -20.743 1.00 37.68  ? 1   GTP A C6    1 
HETATM 27   O  O6    . GTP A 1 1  ? -1.332 4.192   -20.534 1.00 40.53  ? 1   GTP A O6    1 
HETATM 28   N  N1    . GTP A 1 1  ? -1.520 2.310   -21.822 1.00 38.85  ? 1   GTP A N1    1 
HETATM 29   C  C2    . GTP A 1 1  ? -2.216 1.118   -22.055 1.00 38.92  ? 1   GTP A C2    1 
HETATM 30   N  N2    . GTP A 1 1  ? -1.863 0.334   -23.068 1.00 37.97  ? 1   GTP A N2    1 
HETATM 31   N  N3    . GTP A 1 1  ? -3.229 0.756   -21.254 1.00 37.85  ? 1   GTP A N3    1 
HETATM 32   C  C4    . GTP A 1 1  ? -3.597 1.517   -20.213 1.00 37.60  ? 1   GTP A C4    1 
ATOM   33   P  P     . U   A 1 2  ? -3.537 -2.956  -15.876 1.00 50.09  ? 2   U   A P     1 
ATOM   34   O  OP1   . U   A 1 2  ? -3.924 -4.359  -15.599 1.00 47.56  ? 2   U   A OP1   1 
ATOM   35   O  OP2   . U   A 1 2  ? -2.873 -2.132  -14.837 1.00 44.27  ? 2   U   A OP2   1 
ATOM   36   O  "O5'" . U   A 1 2  ? -2.742 -2.858  -17.255 1.00 49.72  ? 2   U   A "O5'" 1 
ATOM   37   C  "C5'" . U   A 1 2  ? -2.706 -3.948  -18.169 1.00 48.99  ? 2   U   A "C5'" 1 
ATOM   38   C  "C4'" . U   A 1 2  ? -1.570 -3.758  -19.149 1.00 48.14  ? 2   U   A "C4'" 1 
ATOM   39   O  "O4'" . U   A 1 2  ? -1.747 -2.501  -19.854 1.00 48.31  ? 2   U   A "O4'" 1 
ATOM   40   C  "C3'" . U   A 1 2  ? -0.184 -3.644  -18.536 1.00 47.64  ? 2   U   A "C3'" 1 
ATOM   41   O  "O3'" . U   A 1 2  ? 0.357  -4.939  -18.367 1.00 48.11  ? 2   U   A "O3'" 1 
ATOM   42   C  "C2'" . U   A 1 2  ? 0.573  -2.904  -19.625 1.00 47.66  ? 2   U   A "C2'" 1 
ATOM   43   O  "O2'" . U   A 1 2  ? 0.898  -3.780  -20.686 1.00 49.84  ? 2   U   A "O2'" 1 
ATOM   44   C  "C1'" . U   A 1 2  ? -0.483 -1.905  -20.099 1.00 46.10  ? 2   U   A "C1'" 1 
ATOM   45   N  N1    . U   A 1 2  ? -0.441 -0.617  -19.390 1.00 40.05  ? 2   U   A N1    1 
ATOM   46   C  C2    . U   A 1 2  ? 0.434  0.358   -19.851 1.00 39.64  ? 2   U   A C2    1 
ATOM   47   O  O2    . U   A 1 2  ? 1.179  0.193   -20.808 1.00 41.63  ? 2   U   A O2    1 
ATOM   48   N  N3    . U   A 1 2  ? 0.401  1.536   -19.151 1.00 38.23  ? 2   U   A N3    1 
ATOM   49   C  C4    . U   A 1 2  ? -0.392 1.830   -18.067 1.00 37.45  ? 2   U   A C4    1 
ATOM   50   O  O4    . U   A 1 2  ? -0.289 2.928   -17.532 1.00 36.32  ? 2   U   A O4    1 
ATOM   51   C  C5    . U   A 1 2  ? -1.261 0.774   -17.650 1.00 35.99  ? 2   U   A C5    1 
ATOM   52   C  C6    . U   A 1 2  ? -1.254 -0.383  -18.305 1.00 37.75  ? 2   U   A C6    1 
ATOM   53   P  P     . U   A 1 3  ? 1.397  -5.230  -17.182 1.00 48.41  ? 3   U   A P     1 
ATOM   54   O  OP1   . U   A 1 3  ? 1.551  -6.708  -17.173 1.00 47.45  ? 3   U   A OP1   1 
ATOM   55   O  OP2   . U   A 1 3  ? 0.957  -4.529  -15.944 1.00 45.44  ? 3   U   A OP2   1 
ATOM   56   O  "O5'" . U   A 1 3  ? 2.764  -4.574  -17.678 1.00 43.90  ? 3   U   A "O5'" 1 
ATOM   57   C  "C5'" . U   A 1 3  ? 3.505  -5.152  -18.741 1.00 43.23  ? 3   U   A "C5'" 1 
ATOM   58   C  "C4'" . U   A 1 3  ? 4.541  -4.179  -19.241 1.00 44.98  ? 3   U   A "C4'" 1 
ATOM   59   O  "O4'" . U   A 1 3  ? 3.877  -2.973  -19.717 1.00 45.35  ? 3   U   A "O4'" 1 
ATOM   60   C  "C3'" . U   A 1 3  ? 5.509  -3.660  -18.190 1.00 46.26  ? 3   U   A "C3'" 1 
ATOM   61   O  "O3'" . U   A 1 3  ? 6.585  -4.565  -17.984 1.00 47.53  ? 3   U   A "O3'" 1 
ATOM   62   C  "C2'" . U   A 1 3  ? 5.984  -2.358  -18.822 1.00 45.77  ? 3   U   A "C2'" 1 
ATOM   63   O  "O2'" . U   A 1 3  ? 6.910  -2.584  -19.865 1.00 45.59  ? 3   U   A "O2'" 1 
ATOM   64   C  "C1'" . U   A 1 3  ? 4.680  -1.839  -19.428 1.00 44.26  ? 3   U   A "C1'" 1 
ATOM   65   N  N1    . U   A 1 3  ? 3.929  -0.946  -18.534 1.00 39.68  ? 3   U   A N1    1 
ATOM   66   C  C2    . U   A 1 3  ? 4.330  0.372   -18.462 1.00 39.91  ? 3   U   A C2    1 
ATOM   67   O  O2    . U   A 1 3  ? 5.273  0.807   -19.093 1.00 41.30  ? 3   U   A O2    1 
ATOM   68   N  N3    . U   A 1 3  ? 3.585  1.163   -17.630 1.00 37.82  ? 3   U   A N3    1 
ATOM   69   C  C4    . U   A 1 3  ? 2.501  0.788   -16.879 1.00 37.64  ? 3   U   A C4    1 
ATOM   70   O  O4    . U   A 1 3  ? 1.911  1.634   -16.199 1.00 36.73  ? 3   U   A O4    1 
ATOM   71   C  C5    . U   A 1 3  ? 2.146  -0.594  -16.996 1.00 38.97  ? 3   U   A C5    1 
ATOM   72   C  C6    . U   A 1 3  ? 2.859  -1.394  -17.798 1.00 39.93  ? 3   U   A C6    1 
ATOM   73   P  P     . C   A 1 4  ? 7.353  -4.573  -16.578 1.00 48.09  ? 4   C   A P     1 
ATOM   74   O  OP1   . C   A 1 4  ? 8.307  -5.713  -16.640 1.00 48.96  ? 4   C   A OP1   1 
ATOM   75   O  OP2   . C   A 1 4  ? 6.374  -4.499  -15.468 1.00 43.75  ? 4   C   A OP2   1 
ATOM   76   O  "O5'" . C   A 1 4  ? 8.179  -3.213  -16.593 1.00 47.50  ? 4   C   A "O5'" 1 
ATOM   77   C  "C5'" . C   A 1 4  ? 9.244  -3.023  -17.510 1.00 45.32  ? 4   C   A "C5'" 1 
ATOM   78   C  "C4'" . C   A 1 4  ? 9.729  -1.599  -17.452 1.00 45.14  ? 4   C   A "C4'" 1 
ATOM   79   O  "O4'" . C   A 1 4  ? 8.642  -0.709  -17.815 1.00 44.99  ? 4   C   A "O4'" 1 
ATOM   80   C  "C3'" . C   A 1 4  ? 10.141 -1.085  -16.088 1.00 43.87  ? 4   C   A "C3'" 1 
ATOM   81   O  "O3'" . C   A 1 4  ? 11.444 -1.526  -15.756 1.00 43.16  ? 4   C   A "O3'" 1 
ATOM   82   C  "C2'" . C   A 1 4  ? 10.064 0.420   -16.309 1.00 43.75  ? 4   C   A "C2'" 1 
ATOM   83   O  "O2'" . C   A 1 4  ? 11.114 0.935   -17.098 1.00 45.96  ? 4   C   A "O2'" 1 
ATOM   84   C  "C1'" . C   A 1 4  ? 8.778  0.523   -17.123 1.00 42.06  ? 4   C   A "C1'" 1 
ATOM   85   N  N1    . C   A 1 4  ? 7.615  0.702   -16.245 1.00 39.26  ? 4   C   A N1    1 
ATOM   86   C  C2    . C   A 1 4  ? 7.333  1.986   -15.761 1.00 38.65  ? 4   C   A C2    1 
ATOM   87   O  O2    . C   A 1 4  ? 8.048  2.932   -16.116 1.00 39.05  ? 4   C   A O2    1 
ATOM   88   N  N3    . C   A 1 4  ? 6.289  2.166   -14.924 1.00 36.51  ? 4   C   A N3    1 
ATOM   89   C  C4    . C   A 1 4  ? 5.534  1.128   -14.571 1.00 35.85  ? 4   C   A C4    1 
ATOM   90   N  N4    . C   A 1 4  ? 4.521  1.357   -13.742 1.00 34.95  ? 4   C   A N4    1 
ATOM   91   C  C5    . C   A 1 4  ? 5.786  -0.191  -15.056 1.00 36.68  ? 4   C   A C5    1 
ATOM   92   C  C6    . C   A 1 4  ? 6.825  -0.357  -15.886 1.00 37.34  ? 4   C   A C6    1 
ATOM   93   P  P     . C   A 1 5  ? 11.854 -1.737  -14.218 1.00 40.66  ? 5   C   A P     1 
ATOM   94   O  OP1   . C   A 1 5  ? 13.144 -2.459  -14.238 1.00 46.69  ? 5   C   A OP1   1 
ATOM   95   O  OP2   . C   A 1 5  ? 10.739 -2.263  -13.403 1.00 39.87  ? 5   C   A OP2   1 
ATOM   96   O  "O5'" . C   A 1 5  ? 12.157 -0.274  -13.707 1.00 40.42  ? 5   C   A "O5'" 1 
ATOM   97   C  "C5'" . C   A 1 5  ? 13.164 0.493   -14.318 1.00 39.55  ? 5   C   A "C5'" 1 
ATOM   98   C  "C4'" . C   A 1 5  ? 13.128 1.880   -13.766 1.00 38.64  ? 5   C   A "C4'" 1 
ATOM   99   O  "O4'" . C   A 1 5  ? 11.879 2.509   -14.143 1.00 37.05  ? 5   C   A "O4'" 1 
ATOM   100  C  "C3'" . C   A 1 5  ? 13.112 1.947   -12.251 1.00 37.97  ? 5   C   A "C3'" 1 
ATOM   101  O  "O3'" . C   A 1 5  ? 14.426 1.840   -11.744 1.00 38.05  ? 5   C   A "O3'" 1 
ATOM   102  C  "C2'" . C   A 1 5  ? 12.548 3.337   -12.021 1.00 37.54  ? 5   C   A "C2'" 1 
ATOM   103  O  "O2'" . C   A 1 5  ? 13.532 4.323   -12.252 1.00 38.71  ? 5   C   A "O2'" 1 
ATOM   104  C  "C1'" . C   A 1 5  ? 11.476 3.404   -13.113 1.00 35.56  ? 5   C   A "C1'" 1 
ATOM   105  N  N1    . C   A 1 5  ? 10.133 3.013   -12.645 1.00 35.24  ? 5   C   A N1    1 
ATOM   106  C  C2    . C   A 1 5  ? 9.399  3.925   -11.877 1.00 35.55  ? 5   C   A C2    1 
ATOM   107  O  O2    . C   A 1 5  ? 9.910  5.018   -11.598 1.00 38.72  ? 5   C   A O2    1 
ATOM   108  N  N3    . C   A 1 5  ? 8.156  3.593   -11.459 1.00 33.41  ? 5   C   A N3    1 
ATOM   109  C  C4    . C   A 1 5  ? 7.642  2.401   -11.782 1.00 33.30  ? 5   C   A C4    1 
ATOM   110  N  N4    . C   A 1 5  ? 6.412  2.117   -11.360 1.00 29.57  ? 5   C   A N4    1 
ATOM   111  C  C5    . C   A 1 5  ? 8.373  1.448   -12.558 1.00 33.73  ? 5   C   A C5    1 
ATOM   112  C  C6    . C   A 1 5  ? 9.603  1.790   -12.961 1.00 34.32  ? 5   C   A C6    1 
ATOM   113  P  P     . C   A 1 6  ? 14.679 1.168   -10.309 1.00 41.19  ? 6   C   A P     1 
ATOM   114  O  OP1   . C   A 1 6  ? 16.141 0.926   -10.195 1.00 40.66  ? 6   C   A OP1   1 
ATOM   115  O  OP2   . C   A 1 6  ? 13.746 0.046   -10.165 1.00 40.11  ? 6   C   A OP2   1 
ATOM   116  O  "O5'" . C   A 1 6  ? 14.253 2.290   -9.266  1.00 41.81  ? 6   C   A "O5'" 1 
ATOM   117  C  "C5'" . C   A 1 6  ? 15.060 3.433   -9.091  1.00 42.40  ? 6   C   A "C5'" 1 
ATOM   118  C  "C4'" . C   A 1 6  ? 14.309 4.490   -8.337  1.00 41.93  ? 6   C   A "C4'" 1 
ATOM   119  O  "O4'" . C   A 1 6  ? 13.048 4.737   -9.016  1.00 42.17  ? 6   C   A "O4'" 1 
ATOM   120  C  "C3'" . C   A 1 6  ? 13.829 4.123   -6.950  1.00 43.40  ? 6   C   A "C3'" 1 
ATOM   121  O  "O3'" . C   A 1 6  ? 14.856 4.163   -5.975  1.00 43.38  ? 6   C   A "O3'" 1 
ATOM   122  C  "C2'" . C   A 1 6  ? 12.784 5.199   -6.723  1.00 42.48  ? 6   C   A "C2'" 1 
ATOM   123  O  "O2'" . C   A 1 6  ? 13.393 6.461   -6.554  1.00 45.49  ? 6   C   A "O2'" 1 
ATOM   124  C  "C1'" . C   A 1 6  ? 12.086 5.193   -8.077  1.00 40.42  ? 6   C   A "C1'" 1 
ATOM   125  N  N1    . C   A 1 6  ? 10.912 4.304   -8.113  1.00 37.19  ? 6   C   A N1    1 
ATOM   126  C  C2    . C   A 1 6  ? 9.732  4.753   -7.511  1.00 37.03  ? 6   C   A C2    1 
ATOM   127  O  O2    . C   A 1 6  ? 9.741  5.859   -6.951  1.00 37.89  ? 6   C   A O2    1 
ATOM   128  N  N3    . C   A 1 6  ? 8.622  3.970   -7.546  1.00 36.40  ? 6   C   A N3    1 
ATOM   129  C  C4    . C   A 1 6  ? 8.667  2.780   -8.147  1.00 35.18  ? 6   C   A C4    1 
ATOM   130  N  N4    . C   A 1 6  ? 7.553  2.052   -8.173  1.00 32.67  ? 6   C   A N4    1 
ATOM   131  C  C5    . C   A 1 6  ? 9.865  2.286   -8.757  1.00 33.67  ? 6   C   A C5    1 
ATOM   132  C  C6    . C   A 1 6  ? 10.953 3.073   -8.717  1.00 34.61  ? 6   C   A C6    1 
ATOM   133  P  P     . G   A 1 7  ? 14.800 3.127   -4.748  1.00 43.80  ? 7   G   A P     1 
ATOM   134  O  OP1   . G   A 1 7  ? 15.983 3.358   -3.880  1.00 40.16  ? 7   G   A OP1   1 
ATOM   135  O  OP2   . G   A 1 7  ? 14.545 1.773   -5.300  1.00 37.60  ? 7   G   A OP2   1 
ATOM   136  O  "O5'" . G   A 1 7  ? 13.470 3.526   -3.973  1.00 43.35  ? 7   G   A "O5'" 1 
ATOM   137  C  "C5'" . G   A 1 7  ? 13.390 4.676   -3.136  1.00 40.08  ? 7   G   A "C5'" 1 
ATOM   138  C  "C4'" . G   A 1 7  ? 11.992 4.780   -2.577  1.00 39.77  ? 7   G   A "C4'" 1 
ATOM   139  O  "O4'" . G   A 1 7  ? 11.066 4.741   -3.701  1.00 40.18  ? 7   G   A "O4'" 1 
ATOM   140  C  "C3'" . G   A 1 7  ? 11.569 3.585   -1.733  1.00 40.71  ? 7   G   A "C3'" 1 
ATOM   141  O  "O3'" . G   A 1 7  ? 11.942 3.762   -0.378  1.00 44.29  ? 7   G   A "O3'" 1 
ATOM   142  C  "C2'" . G   A 1 7  ? 10.057 3.604   -1.878  1.00 38.07  ? 7   G   A "C2'" 1 
ATOM   143  O  "O2'" . G   A 1 7  ? 9.444  4.583   -1.075  1.00 34.72  ? 7   G   A "O2'" 1 
ATOM   144  C  "C1'" . G   A 1 7  ? 9.913  3.984   -3.348  1.00 37.31  ? 7   G   A "C1'" 1 
ATOM   145  N  N9    . G   A 1 7  ? 9.834  2.806   -4.203  1.00 29.69  ? 7   G   A N9    1 
ATOM   146  C  C8    . G   A 1 7  ? 10.830 2.259   -4.975  1.00 28.85  ? 7   G   A C8    1 
ATOM   147  N  N7    . G   A 1 7  ? 10.431 1.215   -5.657  1.00 27.76  ? 7   G   A N7    1 
ATOM   148  C  C5    . G   A 1 7  ? 9.100  1.061   -5.304  1.00 27.56  ? 7   G   A C5    1 
ATOM   149  C  C6    . G   A 1 7  ? 8.152  0.108   -5.726  1.00 29.25  ? 7   G   A C6    1 
ATOM   150  O  O6    . G   A 1 7  ? 8.296  -0.814  -6.541  1.00 33.39  ? 7   G   A O6    1 
ATOM   151  N  N1    . G   A 1 7  ? 6.917  0.303   -5.110  1.00 27.52  ? 7   G   A N1    1 
ATOM   152  C  C2    . G   A 1 7  ? 6.634  1.301   -4.211  1.00 28.21  ? 7   G   A C2    1 
ATOM   153  N  N2    . G   A 1 7  ? 5.391  1.317   -3.727  1.00 23.79  ? 7   G   A N2    1 
ATOM   154  N  N3    . G   A 1 7  ? 7.514  2.213   -3.816  1.00 27.97  ? 7   G   A N3    1 
ATOM   155  C  C4    . G   A 1 7  ? 8.719  2.030   -4.400  1.00 28.47  ? 7   G   A C4    1 
ATOM   156  P  P     . A   A 1 8  ? 12.918 2.703   0.323   1.00 39.60  ? 8   A   A P     1 
ATOM   157  O  OP1   . A   A 1 8  ? 14.133 2.560   -0.514  1.00 37.11  ? 8   A   A OP1   1 
ATOM   158  O  OP2   . A   A 1 8  ? 12.135 1.503   0.716   1.00 40.11  ? 8   A   A OP2   1 
ATOM   159  O  "O5'" . A   A 1 8  ? 13.381 3.507   1.602   1.00 41.69  ? 8   A   A "O5'" 1 
ATOM   160  C  "C5'" . A   A 1 8  ? 14.008 4.767   1.431   1.00 43.07  ? 8   A   A "C5'" 1 
ATOM   161  C  "C4'" . A   A 1 8  ? 14.058 5.502   2.733   1.00 43.33  ? 8   A   A "C4'" 1 
ATOM   162  O  "O4'" . A   A 1 8  ? 12.708 5.693   3.221   1.00 43.61  ? 8   A   A "O4'" 1 
ATOM   163  C  "C3'" . A   A 1 8  ? 14.752 4.758   3.851   1.00 43.29  ? 8   A   A "C3'" 1 
ATOM   164  O  "O3'" . A   A 1 8  ? 16.153 4.938   3.720   1.00 45.40  ? 8   A   A "O3'" 1 
ATOM   165  C  "C2'" . A   A 1 8  ? 14.160 5.437   5.076   1.00 43.84  ? 8   A   A "C2'" 1 
ATOM   166  O  "O2'" . A   A 1 8  ? 14.717 6.717   5.288   1.00 44.40  ? 8   A   A "O2'" 1 
ATOM   167  C  "C1'" . A   A 1 8  ? 12.712 5.646   4.630   1.00 41.80  ? 8   A   A "C1'" 1 
ATOM   168  N  N9    . A   A 1 8  ? 11.745 4.640   5.057   1.00 40.34  ? 8   A   A N9    1 
ATOM   169  C  C8    . A   A 1 8  ? 11.081 3.716   4.293   1.00 39.91  ? 8   A   A C8    1 
ATOM   170  N  N7    . A   A 1 8  ? 10.197 3.012   4.961   1.00 39.25  ? 8   A   A N7    1 
ATOM   171  C  C5    . A   A 1 8  ? 10.299 3.496   6.255   1.00 39.90  ? 8   A   A C5    1 
ATOM   172  C  C6    . A   A 1 8  ? 9.612  3.181   7.443   1.00 40.05  ? 8   A   A C6    1 
ATOM   173  N  N6    . A   A 1 8  ? 8.617  2.298   7.521   1.00 41.70  ? 8   A   A N6    1 
ATOM   174  N  N1    . A   A 1 8  ? 9.977  3.829   8.567   1.00 40.16  ? 8   A   A N1    1 
ATOM   175  C  C2    . A   A 1 8  ? 10.945 4.748   8.492   1.00 41.31  ? 8   A   A C2    1 
ATOM   176  N  N3    . A   A 1 8  ? 11.647 5.150   7.437   1.00 42.92  ? 8   A   A N3    1 
ATOM   177  C  C4    . A   A 1 8  ? 11.272 4.476   6.335   1.00 41.82  ? 8   A   A C4    1 
ATOM   178  P  P     . A   A 1 9  ? 17.137 3.681   3.899   1.00 50.70  ? 9   A   A P     1 
ATOM   179  O  OP1   . A   A 1 9  ? 18.529 4.122   3.614   1.00 44.88  ? 9   A   A OP1   1 
ATOM   180  O  OP2   . A   A 1 9  ? 16.570 2.525   3.147   1.00 46.42  ? 9   A   A OP2   1 
ATOM   181  O  "O5'" . A   A 1 9  ? 17.001 3.385   5.459   1.00 53.01  ? 9   A   A "O5'" 1 
ATOM   182  C  "C5'" . A   A 1 9  ? 17.347 4.381   6.416   1.00 55.09  ? 9   A   A "C5'" 1 
ATOM   183  C  "C4'" . A   A 1 9  ? 16.821 4.000   7.776   1.00 56.92  ? 9   A   A "C4'" 1 
ATOM   184  O  "O4'" . A   A 1 9  ? 15.376 4.151   7.807   1.00 56.99  ? 9   A   A "O4'" 1 
ATOM   185  C  "C3'" . A   A 1 9  ? 17.049 2.551   8.159   1.00 57.70  ? 9   A   A "C3'" 1 
ATOM   186  O  "O3'" . A   A 1 9  ? 18.358 2.344   8.658   1.00 59.61  ? 9   A   A "O3'" 1 
ATOM   187  C  "C2'" . A   A 1 9  ? 15.953 2.316   9.195   1.00 56.80  ? 9   A   A "C2'" 1 
ATOM   188  O  "O2'" . A   A 1 9  ? 16.247 2.826   10.474  1.00 55.75  ? 9   A   A "O2'" 1 
ATOM   189  C  "C1'" . A   A 1 9  ? 14.800 3.106   8.578   1.00 55.88  ? 9   A   A "C1'" 1 
ATOM   190  N  N9    . A   A 1 9  ? 13.995 2.269   7.686   1.00 51.32  ? 9   A   A N9    1 
ATOM   191  C  C8    . A   A 1 9  ? 14.233 1.958   6.371   1.00 49.95  ? 9   A   A C8    1 
ATOM   192  N  N7    . A   A 1 9  ? 13.324 1.178   5.841   1.00 48.89  ? 9   A   A N7    1 
ATOM   193  C  C5    . A   A 1 9  ? 12.427 0.961   6.876   1.00 47.52  ? 9   A   A C5    1 
ATOM   194  C  C6    . A   A 1 9  ? 11.237 0.224   6.955   1.00 48.17  ? 9   A   A C6    1 
ATOM   195  N  N6    . A   A 1 9  ? 10.713 -0.453  5.928   1.00 47.80  ? 9   A   A N6    1 
ATOM   196  N  N1    . A   A 1 9  ? 10.591 0.208   8.139   1.00 49.41  ? 9   A   A N1    1 
ATOM   197  C  C2    . A   A 1 9  ? 11.111 0.896   9.169   1.00 48.88  ? 9   A   A C2    1 
ATOM   198  N  N3    . A   A 1 9  ? 12.214 1.630   9.212   1.00 49.14  ? 9   A   A N3    1 
ATOM   199  C  C4    . A   A 1 9  ? 12.833 1.622   8.020   1.00 48.78  ? 9   A   A C4    1 
ATOM   200  P  P     . A   A 1 10 ? 18.973 0.864   8.664   1.00 64.30  ? 10  A   A P     1 
ATOM   201  O  OP1   . A   A 1 10 ? 20.449 1.004   8.724   1.00 61.87  ? 10  A   A OP1   1 
ATOM   202  O  OP2   . A   A 1 10 ? 18.362 0.045   7.579   1.00 58.69  ? 10  A   A OP2   1 
ATOM   203  O  "O5'" . A   A 1 10 ? 18.467 0.285   10.057  1.00 62.91  ? 10  A   A "O5'" 1 
ATOM   204  C  "C5'" . A   A 1 10 ? 18.114 -1.075  10.169  1.00 61.87  ? 10  A   A "C5'" 1 
ATOM   205  C  "C4'" . A   A 1 10 ? 17.090 -1.275  11.251  1.00 60.98  ? 10  A   A "C4'" 1 
ATOM   206  O  "O4'" . A   A 1 10 ? 15.863 -0.552  10.960  1.00 60.91  ? 10  A   A "O4'" 1 
ATOM   207  C  "C3'" . A   A 1 10 ? 16.647 -2.715  11.296  1.00 62.01  ? 10  A   A "C3'" 1 
ATOM   208  O  "O3'" . A   A 1 10 ? 17.620 -3.463  11.988  1.00 62.17  ? 10  A   A "O3'" 1 
ATOM   209  C  "C2'" . A   A 1 10 ? 15.282 -2.623  11.959  1.00 62.17  ? 10  A   A "C2'" 1 
ATOM   210  O  "O2'" . A   A 1 10 ? 15.319 -2.494  13.363  1.00 67.21  ? 10  A   A "O2'" 1 
ATOM   211  C  "C1'" . A   A 1 10 ? 14.738 -1.351  11.312  1.00 59.71  ? 10  A   A "C1'" 1 
ATOM   212  N  N9    . A   A 1 10 ? 14.019 -1.696  10.089  1.00 53.81  ? 10  A   A N9    1 
ATOM   213  C  C8    . A   A 1 10 ? 14.427 -1.537  8.793   1.00 52.29  ? 10  A   A C8    1 
ATOM   214  N  N7    . A   A 1 10 ? 13.573 -1.999  7.912   1.00 52.49  ? 10  A   A N7    1 
ATOM   215  C  C5    . A   A 1 10 ? 12.527 -2.483  8.683   1.00 51.52  ? 10  A   A C5    1 
ATOM   216  C  C6    . A   A 1 10 ? 11.312 -3.106  8.348   1.00 50.69  ? 10  A   A C6    1 
ATOM   217  N  N6    . A   A 1 10 ? 10.927 -3.356  7.098   1.00 50.18  ? 10  A   A N6    1 
ATOM   218  N  N1    . A   A 1 10 ? 10.494 -3.466  9.356   1.00 52.17  ? 10  A   A N1    1 
ATOM   219  C  C2    . A   A 1 10 ? 10.877 -3.214  10.611  1.00 53.24  ? 10  A   A C2    1 
ATOM   220  N  N3    . A   A 1 10 ? 11.990 -2.638  11.054  1.00 53.35  ? 10  A   A N3    1 
ATOM   221  C  C4    . A   A 1 10 ? 12.783 -2.292  10.025  1.00 52.83  ? 10  A   A C4    1 
ATOM   222  P  P     . G   A 1 11 ? 18.046 -4.893  11.424  1.00 65.00  ? 11  G   A P     1 
ATOM   223  O  OP1   . G   A 1 11 ? 19.188 -5.304  12.279  1.00 63.59  ? 11  G   A OP1   1 
ATOM   224  O  OP2   . G   A 1 11 ? 18.232 -4.812  9.952   1.00 58.80  ? 11  G   A OP2   1 
ATOM   225  O  "O5'" . G   A 1 11 ? 16.778 -5.770  11.849  1.00 64.24  ? 11  G   A "O5'" 1 
ATOM   226  C  "C5'" . G   A 1 11 ? 16.410 -5.795  13.235  1.00 65.39  ? 11  G   A "C5'" 1 
ATOM   227  C  "C4'" . G   A 1 11 ? 15.076 -6.464  13.466  1.00 66.63  ? 11  G   A "C4'" 1 
ATOM   228  O  "O4'" . G   A 1 11 ? 13.983 -5.611  13.044  1.00 68.10  ? 11  G   A "O4'" 1 
ATOM   229  C  "C3'" . G   A 1 11 ? 14.808 -7.782  12.765  1.00 67.82  ? 11  G   A "C3'" 1 
ATOM   230  O  "O3'" . G   A 1 11 ? 15.456 -8.867  13.398  1.00 71.10  ? 11  G   A "O3'" 1 
ATOM   231  C  "C2'" . G   A 1 11 ? 13.290 -7.876  12.868  1.00 66.34  ? 11  G   A "C2'" 1 
ATOM   232  O  "O2'" . G   A 1 11 ? 12.801 -8.319  14.117  1.00 64.15  ? 11  G   A "O2'" 1 
ATOM   233  C  "C1'" . G   A 1 11 ? 12.901 -6.420  12.604  1.00 66.47  ? 11  G   A "C1'" 1 
ATOM   234  N  N9    . G   A 1 11 ? 12.775 -6.265  11.164  1.00 62.47  ? 11  G   A N9    1 
ATOM   235  C  C8    . G   A 1 11 ? 13.717 -5.796  10.282  1.00 61.53  ? 11  G   A C8    1 
ATOM   236  N  N7    . G   A 1 11 ? 13.329 -5.870  9.041   1.00 61.24  ? 11  G   A N7    1 
ATOM   237  C  C5    . G   A 1 11 ? 12.049 -6.401  9.116   1.00 61.10  ? 11  G   A C5    1 
ATOM   238  C  C6    . G   A 1 11 ? 11.121 -6.717  8.096   1.00 61.30  ? 11  G   A C6    1 
ATOM   239  O  O6    . G   A 1 11 ? 11.249 -6.592  6.869   1.00 62.33  ? 11  G   A O6    1 
ATOM   240  N  N1    . G   A 1 11 ? 9.941  -7.239  8.622   1.00 60.56  ? 11  G   A N1    1 
ATOM   241  C  C2    . G   A 1 11 ? 9.688  -7.425  9.957   1.00 59.30  ? 11  G   A C2    1 
ATOM   242  N  N2    . G   A 1 11 ? 8.499  -7.939  10.273  1.00 58.40  ? 11  G   A N2    1 
ATOM   243  N  N3    . G   A 1 11 ? 10.538 -7.130  10.911  1.00 60.91  ? 11  G   A N3    1 
ATOM   244  C  C4    . G   A 1 11 ? 11.691 -6.630  10.422  1.00 61.68  ? 11  G   A C4    1 
ATOM   245  P  P     . G   A 1 12 ? 15.897 -10.127 12.517  1.00 74.40  ? 12  G   A P     1 
ATOM   246  O  OP1   . G   A 1 12 ? 16.610 -11.068 13.412  1.00 75.38  ? 12  G   A OP1   1 
ATOM   247  O  OP2   . G   A 1 12 ? 16.571 -9.625  11.298  1.00 71.37  ? 12  G   A OP2   1 
ATOM   248  O  "O5'" . G   A 1 12 ? 14.513 -10.791 12.099  1.00 75.21  ? 12  G   A "O5'" 1 
ATOM   249  C  "C5'" . G   A 1 12 ? 13.658 -11.340 13.088  1.00 75.82  ? 12  G   A "C5'" 1 
ATOM   250  C  "C4'" . G   A 1 12 ? 12.354 -11.770 12.472  1.00 77.22  ? 12  G   A "C4'" 1 
ATOM   251  O  "O4'" . G   A 1 12 ? 11.705 -10.616 11.884  1.00 75.77  ? 12  G   A "O4'" 1 
ATOM   252  C  "C3'" . G   A 1 12 ? 12.439 -12.735 11.302  1.00 78.81  ? 12  G   A "C3'" 1 
ATOM   253  O  "O3'" . G   A 1 12 ? 12.670 -14.074 11.709  1.00 81.68  ? 12  G   A "O3'" 1 
ATOM   254  C  "C2'" . G   A 1 12 ? 11.060 -12.556 10.688  1.00 77.34  ? 12  G   A "C2'" 1 
ATOM   255  O  "O2'" . G   A 1 12 ? 10.040 -13.193 11.428  1.00 78.64  ? 12  G   A "O2'" 1 
ATOM   256  C  "C1'" . G   A 1 12 ? 10.908 -11.039 10.785  1.00 75.22  ? 12  G   A "C1'" 1 
ATOM   257  N  N9    . G   A 1 12 ? 11.432 -10.453 9.559   1.00 69.87  ? 12  G   A N9    1 
ATOM   258  C  C8    . G   A 1 12 ? 12.624 -9.791  9.365   1.00 68.78  ? 12  G   A C8    1 
ATOM   259  N  N7    . G   A 1 12 ? 12.824 -9.455  8.120   1.00 66.96  ? 12  G   A N7    1 
ATOM   260  C  C5    . G   A 1 12 ? 11.689 -9.911  7.458   1.00 65.27  ? 12  G   A C5    1 
ATOM   261  C  C6    . G   A 1 12 ? 11.327 -9.840  6.084   1.00 62.46  ? 12  G   A C6    1 
ATOM   262  O  O6    . G   A 1 12 ? 11.961 -9.338  5.141   1.00 60.14  ? 12  G   A O6    1 
ATOM   263  N  N1    . G   A 1 12 ? 10.090 -10.438 5.850   1.00 61.08  ? 12  G   A N1    1 
ATOM   264  C  C2    . G   A 1 12 ? 9.296  -11.013 6.812   1.00 61.77  ? 12  G   A C2    1 
ATOM   265  N  N2    . G   A 1 12 ? 8.141  -11.533 6.390   1.00 60.10  ? 12  G   A N2    1 
ATOM   266  N  N3    . G   A 1 12 ? 9.615  -11.072 8.092   1.00 64.02  ? 12  G   A N3    1 
ATOM   267  C  C4    . G   A 1 12 ? 10.816 -10.512 8.339   1.00 66.65  ? 12  G   A C4    1 
ATOM   268  P  P     . A   A 1 13 ? 13.463 -15.075 10.728  1.00 84.77  ? 13  A   A P     1 
ATOM   269  O  OP1   . A   A 1 13 ? 13.655 -16.334 11.488  1.00 84.54  ? 13  A   A OP1   1 
ATOM   270  O  OP2   . A   A 1 13 ? 14.639 -14.397 10.123  1.00 81.32  ? 13  A   A OP2   1 
ATOM   271  O  "O5'" . A   A 1 13 ? 12.425 -15.359 9.559   1.00 85.39  ? 13  A   A "O5'" 1 
ATOM   272  C  "C5'" . A   A 1 13 ? 11.209 -16.041 9.820   1.00 86.52  ? 13  A   A "C5'" 1 
ATOM   273  C  "C4'" . A   A 1 13 ? 10.423 -16.180 8.548   1.00 87.12  ? 13  A   A "C4'" 1 
ATOM   274  O  "O4'" . A   A 1 13 ? 10.039 -14.855 8.087   1.00 86.88  ? 13  A   A "O4'" 1 
ATOM   275  C  "C3'" . A   A 1 13 ? 11.212 -16.730 7.374   1.00 87.85  ? 13  A   A "C3'" 1 
ATOM   276  O  "O3'" . A   A 1 13 ? 11.347 -18.140 7.411   1.00 89.66  ? 13  A   A "O3'" 1 
ATOM   277  C  "C2'" . A   A 1 13 ? 10.383 -16.235 6.204   1.00 87.64  ? 13  A   A "C2'" 1 
ATOM   278  O  "O2'" . A   A 1 13 ? 9.171  -16.951 6.062   1.00 88.33  ? 13  A   A "O2'" 1 
ATOM   279  C  "C1'" . A   A 1 13 ? 10.088 -14.811 6.667   1.00 86.30  ? 13  A   A "C1'" 1 
ATOM   280  N  N9    . A   A 1 13 ? 11.165 -13.905 6.265   1.00 83.43  ? 13  A   A N9    1 
ATOM   281  C  C8    . A   A 1 13 ? 12.236 -13.448 7.001   1.00 82.74  ? 13  A   A C8    1 
ATOM   282  N  N7    . A   A 1 13 ? 13.048 -12.667 6.326   1.00 80.91  ? 13  A   A N7    1 
ATOM   283  C  C5    . A   A 1 13 ? 12.472 -12.604 5.063   1.00 80.52  ? 13  A   A C5    1 
ATOM   284  C  C6    . A   A 1 13 ? 12.847 -11.942 3.881   1.00 79.11  ? 13  A   A C6    1 
ATOM   285  N  N6    . A   A 1 13 ? 13.944 -11.188 3.766   1.00 77.38  ? 13  A   A N6    1 
ATOM   286  N  N1    . A   A 1 13 ? 12.050 -12.086 2.804   1.00 79.37  ? 13  A   A N1    1 
ATOM   287  C  C2    . A   A 1 13 ? 10.952 -12.842 2.911   1.00 79.36  ? 13  A   A C2    1 
ATOM   288  N  N3    . A   A 1 13 ? 10.494 -13.511 3.960   1.00 80.62  ? 13  A   A N3    1 
ATOM   289  C  C4    . A   A 1 13 ? 11.309 -13.353 5.015   1.00 81.55  ? 13  A   A C4    1 
ATOM   290  P  P     . U   A 1 14 ? 12.727 -18.807 6.929   1.00 91.12  ? 14  U   A P     1 
ATOM   291  O  OP1   . U   A 1 14 ? 12.712 -20.243 7.312   1.00 89.54  ? 14  U   A OP1   1 
ATOM   292  O  OP2   . U   A 1 14 ? 13.841 -17.934 7.385   1.00 90.08  ? 14  U   A OP2   1 
ATOM   293  O  "O5'" . U   A 1 14 ? 12.650 -18.712 5.345   1.00 92.57  ? 14  U   A "O5'" 1 
ATOM   294  C  "C5'" . U   A 1 14 ? 11.487 -19.145 4.652   1.00 94.27  ? 14  U   A "C5'" 1 
ATOM   295  C  "C4'" . U   A 1 14 ? 11.486 -18.596 3.252   1.00 95.05  ? 14  U   A "C4'" 1 
ATOM   296  O  "O4'" . U   A 1 14 ? 11.322 -17.151 3.289   1.00 94.53  ? 14  U   A "O4'" 1 
ATOM   297  C  "C3'" . U   A 1 14 ? 12.789 -18.773 2.498   1.00 95.97  ? 14  U   A "C3'" 1 
ATOM   298  O  "O3'" . U   A 1 14 ? 12.951 -20.096 2.008   1.00 96.75  ? 14  U   A "O3'" 1 
ATOM   299  C  "C2'" . U   A 1 14 ? 12.644 -17.719 1.414   1.00 95.30  ? 14  U   A "C2'" 1 
ATOM   300  O  "O2'" . U   A 1 14 ? 11.701 -18.095 0.430   1.00 94.96  ? 14  U   A "O2'" 1 
ATOM   301  C  "C1'" . U   A 1 14 ? 12.084 -16.560 2.240   1.00 94.98  ? 14  U   A "C1'" 1 
ATOM   302  N  N1    . U   A 1 14 ? 13.164 -15.761 2.843   1.00 94.03  ? 14  U   A N1    1 
ATOM   303  C  C2    . U   A 1 14 ? 13.792 -14.821 2.046   1.00 93.87  ? 14  U   A C2    1 
ATOM   304  O  O2    . U   A 1 14 ? 13.478 -14.620 0.888   1.00 93.79  ? 14  U   A O2    1 
ATOM   305  N  N3    . U   A 1 14 ? 14.803 -14.128 2.653   1.00 94.04  ? 14  U   A N3    1 
ATOM   306  C  C4    . U   A 1 14 ? 15.243 -14.270 3.949   1.00 94.17  ? 14  U   A C4    1 
ATOM   307  O  O4    . U   A 1 14 ? 16.153 -13.553 4.352   1.00 94.06  ? 14  U   A O4    1 
ATOM   308  C  C5    . U   A 1 14 ? 14.543 -15.253 4.718   1.00 94.21  ? 14  U   A C5    1 
ATOM   309  C  C6    . U   A 1 14 ? 13.548 -15.947 4.154   1.00 93.94  ? 14  U   A C6    1 
ATOM   310  P  P     . G   A 1 15 ? 14.424 -20.736 1.947   1.00 97.16  ? 15  G   A P     1 
ATOM   311  O  OP1   . G   A 1 15 ? 14.268 -22.198 2.185   1.00 95.04  ? 15  G   A OP1   1 
ATOM   312  O  OP2   . G   A 1 15 ? 15.337 -19.945 2.822   1.00 93.63  ? 15  G   A OP2   1 
ATOM   313  O  "O5'" . G   A 1 15 ? 14.849 -20.488 0.432   1.00 95.97  ? 15  G   A "O5'" 1 
ATOM   314  C  "C5'" . G   A 1 15 ? 16.082 -19.868 0.117   1.00 93.40  ? 15  G   A "C5'" 1 
ATOM   315  C  "C4'" . G   A 1 15 ? 16.058 -19.280 -1.276  1.00 91.60  ? 15  G   A "C4'" 1 
ATOM   316  O  "O4'" . G   A 1 15 ? 15.321 -18.023 -1.295  1.00 90.56  ? 15  G   A "O4'" 1 
ATOM   317  C  "C3'" . G   A 1 15 ? 17.471 -18.918 -1.690  1.00 91.45  ? 15  G   A "C3'" 1 
ATOM   318  O  "O3'" . G   A 1 15 ? 18.067 -20.001 -2.370  1.00 92.18  ? 15  G   A "O3'" 1 
ATOM   319  C  "C2'" . G   A 1 15 ? 17.311 -17.642 -2.500  1.00 90.33  ? 15  G   A "C2'" 1 
ATOM   320  O  "O2'" . G   A 1 15 ? 16.985 -17.848 -3.858  1.00 90.58  ? 15  G   A "O2'" 1 
ATOM   321  C  "C1'" . G   A 1 15 ? 16.173 -16.973 -1.735  1.00 88.91  ? 15  G   A "C1'" 1 
ATOM   322  N  N9    . G   A 1 15 ? 16.635 -16.290 -0.530  1.00 84.00  ? 15  G   A N9    1 
ATOM   323  C  C8    . G   A 1 15 ? 16.306 -16.635 0.759   1.00 82.71  ? 15  G   A C8    1 
ATOM   324  N  N7    . G   A 1 15 ? 16.842 -15.857 1.653   1.00 81.92  ? 15  G   A N7    1 
ATOM   325  C  C5    . G   A 1 15 ? 17.575 -14.938 0.916   1.00 80.90  ? 15  G   A C5    1 
ATOM   326  C  C6    . G   A 1 15 ? 18.360 -13.846 1.346   1.00 79.91  ? 15  G   A C6    1 
ATOM   327  O  O6    . G   A 1 15 ? 18.570 -13.460 2.506   1.00 78.76  ? 15  G   A O6    1 
ATOM   328  N  N1    . G   A 1 15 ? 18.927 -13.170 0.272   1.00 78.94  ? 15  G   A N1    1 
ATOM   329  C  C2    . G   A 1 15 ? 18.756 -13.503 -1.049  1.00 78.91  ? 15  G   A C2    1 
ATOM   330  N  N2    . G   A 1 15 ? 19.380 -12.724 -1.936  1.00 77.79  ? 15  G   A N2    1 
ATOM   331  N  N3    . G   A 1 15 ? 18.026 -14.525 -1.467  1.00 80.38  ? 15  G   A N3    1 
ATOM   332  C  C4    . G   A 1 15 ? 17.465 -15.194 -0.437  1.00 81.78  ? 15  G   A C4    1 
ATOM   333  P  P     . G   A 1 16 ? 19.486 -20.538 -1.871  1.00 92.25  ? 16  G   A P     1 
ATOM   334  O  OP1   . G   A 1 16 ? 19.722 -21.857 -2.508  1.00 91.44  ? 16  G   A OP1   1 
ATOM   335  O  OP2   . G   A 1 16 ? 19.481 -20.428 -0.391  1.00 89.85  ? 16  G   A OP2   1 
ATOM   336  O  "O5'" . G   A 1 16 ? 20.505 -19.478 -2.482  1.00 90.50  ? 16  G   A "O5'" 1 
ATOM   337  C  "C5'" . G   A 1 16 ? 20.517 -19.217 -3.882  1.00 89.30  ? 16  G   A "C5'" 1 
ATOM   338  C  "C4'" . G   A 1 16 ? 21.370 -18.014 -4.189  1.00 88.56  ? 16  G   A "C4'" 1 
ATOM   339  O  "O4'" . G   A 1 16 ? 20.730 -16.810 -3.687  1.00 87.54  ? 16  G   A "O4'" 1 
ATOM   340  C  "C3'" . G   A 1 16 ? 22.734 -17.997 -3.521  1.00 88.54  ? 16  G   A "C3'" 1 
ATOM   341  O  "O3'" . G   A 1 16 ? 23.669 -18.819 -4.212  1.00 90.13  ? 16  G   A "O3'" 1 
ATOM   342  C  "C2'" . G   A 1 16 ? 23.076 -16.511 -3.570  1.00 86.81  ? 16  G   A "C2'" 1 
ATOM   343  O  "O2'" . G   A 1 16 ? 23.468 -16.079 -4.857  1.00 86.79  ? 16  G   A "O2'" 1 
ATOM   344  C  "C1'" . G   A 1 16 ? 21.720 -15.893 -3.239  1.00 84.91  ? 16  G   A "C1'" 1 
ATOM   345  N  N9    . G   A 1 16 ? 21.514 -15.663 -1.812  1.00 79.50  ? 16  G   A N9    1 
ATOM   346  C  C8    . G   A 1 16 ? 20.654 -16.343 -0.981  1.00 78.96  ? 16  G   A C8    1 
ATOM   347  N  N7    . G   A 1 16 ? 20.673 -15.905 0.248   1.00 77.31  ? 16  G   A N7    1 
ATOM   348  C  C5    . G   A 1 16 ? 21.605 -14.876 0.234   1.00 75.48  ? 16  G   A C5    1 
ATOM   349  C  C6    . G   A 1 16 ? 22.050 -14.024 1.279   1.00 74.50  ? 16  G   A C6    1 
ATOM   350  O  O6    . G   A 1 16 ? 21.707 -14.011 2.465   1.00 73.54  ? 16  G   A O6    1 
ATOM   351  N  N1    . G   A 1 16 ? 23.000 -13.115 0.823   1.00 73.46  ? 16  G   A N1    1 
ATOM   352  C  C2    . G   A 1 16 ? 23.461 -13.038 -0.468  1.00 72.81  ? 16  G   A C2    1 
ATOM   353  N  N2    . G   A 1 16 ? 24.368 -12.085 -0.715  1.00 72.98  ? 16  G   A N2    1 
ATOM   354  N  N3    . G   A 1 16 ? 23.059 -13.828 -1.448  1.00 73.89  ? 16  G   A N3    1 
ATOM   355  C  C4    . G   A 1 16 ? 22.136 -14.715 -1.031  1.00 76.42  ? 16  G   A C4    1 
ATOM   356  P  P     . C   A 1 17 ? 24.812 -19.589 -3.377  1.00 91.20  ? 17  C   A P     1 
ATOM   357  O  OP1   . C   A 1 17 ? 25.533 -20.499 -4.311  1.00 87.08  ? 17  C   A OP1   1 
ATOM   358  O  OP2   . C   A 1 17 ? 24.182 -20.140 -2.147  1.00 87.30  ? 17  C   A OP2   1 
ATOM   359  O  "O5'" . C   A 1 17 ? 25.818 -18.422 -2.966  1.00 90.02  ? 17  C   A "O5'" 1 
ATOM   360  C  "C5'" . C   A 1 17 ? 26.472 -17.665 -3.975  1.00 89.57  ? 17  C   A "C5'" 1 
ATOM   361  C  "C4'" . C   A 1 17 ? 27.267 -16.535 -3.371  1.00 89.22  ? 17  C   A "C4'" 1 
ATOM   362  O  "O4'" . C   A 1 17 ? 26.385 -15.537 -2.781  1.00 88.71  ? 17  C   A "O4'" 1 
ATOM   363  C  "C3'" . C   A 1 17 ? 28.196 -16.882 -2.228  1.00 89.51  ? 17  C   A "C3'" 1 
ATOM   364  O  "O3'" . C   A 1 17 ? 29.369 -17.541 -2.695  1.00 90.74  ? 17  C   A "O3'" 1 
ATOM   365  C  "C2'" . C   A 1 17 ? 28.463 -15.491 -1.663  1.00 88.12  ? 17  C   A "C2'" 1 
ATOM   366  O  "O2'" . C   A 1 17 ? 29.278 -14.728 -2.529  1.00 89.26  ? 17  C   A "O2'" 1 
ATOM   367  C  "C1'" . C   A 1 17 ? 27.051 -14.900 -1.695  1.00 86.46  ? 17  C   A "C1'" 1 
ATOM   368  N  N1    . C   A 1 17 ? 26.296 -15.185 -0.464  1.00 80.49  ? 17  C   A N1    1 
ATOM   369  C  C2    . C   A 1 17 ? 26.488 -14.367 0.673   1.00 79.15  ? 17  C   A C2    1 
ATOM   370  O  O2    . C   A 1 17 ? 27.285 -13.409 0.610   1.00 77.20  ? 17  C   A O2    1 
ATOM   371  N  N3    . C   A 1 17 ? 25.798 -14.647 1.807   1.00 78.23  ? 17  C   A N3    1 
ATOM   372  C  C4    . C   A 1 17 ? 24.953 -15.684 1.837   1.00 78.49  ? 17  C   A C4    1 
ATOM   373  N  N4    . C   A 1 17 ? 24.299 -15.926 2.974   1.00 77.46  ? 17  C   A N4    1 
ATOM   374  C  C5    . C   A 1 17 ? 24.742 -16.522 0.703   1.00 78.71  ? 17  C   A C5    1 
ATOM   375  C  C6    . C   A 1 17 ? 25.424 -16.237 -0.414  1.00 79.31  ? 17  C   A C6    1 
ATOM   376  P  P     . G   A 1 18 ? 30.021 -18.730 -1.817  1.00 91.24  ? 18  G   A P     1 
ATOM   377  O  OP1   . G   A 1 18 ? 31.163 -19.267 -2.610  1.00 85.80  ? 18  G   A OP1   1 
ATOM   378  O  OP2   . G   A 1 18 ? 28.955 -19.656 -1.341  1.00 83.40  ? 18  G   A OP2   1 
ATOM   379  O  "O5'" . G   A 1 18 ? 30.634 -17.965 -0.565  1.00 88.85  ? 18  G   A "O5'" 1 
ATOM   380  C  "C5'" . G   A 1 18 ? 31.583 -16.936 -0.770  1.00 85.78  ? 18  G   A "C5'" 1 
ATOM   381  C  "C4'" . G   A 1 18 ? 31.730 -16.094 0.466   1.00 84.22  ? 18  G   A "C4'" 1 
ATOM   382  O  "O4'" . G   A 1 18 ? 30.480 -15.429 0.793   1.00 81.38  ? 18  G   A "O4'" 1 
ATOM   383  C  "C3'" . G   A 1 18 ? 32.015 -16.818 1.767   1.00 84.06  ? 18  G   A "C3'" 1 
ATOM   384  O  "O3'" . G   A 1 18 ? 33.327 -17.349 1.828   1.00 85.61  ? 18  G   A "O3'" 1 
ATOM   385  C  "C2'" . G   A 1 18 ? 31.773 -15.691 2.761   1.00 82.09  ? 18  G   A "C2'" 1 
ATOM   386  O  "O2'" . G   A 1 18 ? 32.798 -14.715 2.779   1.00 83.54  ? 18  G   A "O2'" 1 
ATOM   387  C  "C1'" . G   A 1 18 ? 30.503 -15.078 2.174   1.00 78.89  ? 18  G   A "C1'" 1 
ATOM   388  N  N9    . G   A 1 18 ? 29.357 -15.661 2.857   1.00 67.74  ? 18  G   A N9    1 
ATOM   389  C  C8    . G   A 1 18 ? 28.485 -16.623 2.408   1.00 66.16  ? 18  G   A C8    1 
ATOM   390  N  N7    . G   A 1 18 ? 27.582 -16.945 3.298   1.00 64.26  ? 18  G   A N7    1 
ATOM   391  C  C5    . G   A 1 18 ? 27.876 -16.138 4.392   1.00 62.61  ? 18  G   A C5    1 
ATOM   392  C  C6    . G   A 1 18 ? 27.242 -16.031 5.661   1.00 61.25  ? 18  G   A C6    1 
ATOM   393  O  O6    . G   A 1 18 ? 26.258 -16.643 6.086   1.00 59.23  ? 18  G   A O6    1 
ATOM   394  N  N1    . G   A 1 18 ? 27.871 -15.090 6.472   1.00 61.14  ? 18  G   A N1    1 
ATOM   395  C  C2    . G   A 1 18 ? 28.967 -14.347 6.112   1.00 61.51  ? 18  G   A C2    1 
ATOM   396  N  N2    . G   A 1 18 ? 29.433 -13.497 7.035   1.00 60.01  ? 18  G   A N2    1 
ATOM   397  N  N3    . G   A 1 18 ? 29.562 -14.433 4.935   1.00 63.19  ? 18  G   A N3    1 
ATOM   398  C  C4    . G   A 1 18 ? 28.967 -15.343 4.132   1.00 64.36  ? 18  G   A C4    1 
ATOM   399  P  P     . G   A 1 19 ? 33.533 -18.881 2.266   1.00 84.03  ? 19  G   A P     1 
ATOM   400  O  OP1   . G   A 1 19 ? 34.855 -19.288 1.717   1.00 81.57  ? 19  G   A OP1   1 
ATOM   401  O  OP2   . G   A 1 19 ? 32.320 -19.660 1.918   1.00 81.08  ? 19  G   A OP2   1 
ATOM   402  O  "O5'" . G   A 1 19 ? 33.635 -18.797 3.849   1.00 83.93  ? 19  G   A "O5'" 1 
ATOM   403  C  "C5'" . G   A 1 19 ? 34.577 -17.925 4.444   1.00 83.54  ? 19  G   A "C5'" 1 
ATOM   404  C  "C4'" . G   A 1 19 ? 34.068 -17.419 5.766   1.00 83.21  ? 19  G   A "C4'" 1 
ATOM   405  O  "O4'" . G   A 1 19 ? 32.789 -16.741 5.588   1.00 82.25  ? 19  G   A "O4'" 1 
ATOM   406  C  "C3'" . G   A 1 19 ? 33.704 -18.471 6.796   1.00 83.93  ? 19  G   A "C3'" 1 
ATOM   407  O  "O3'" . G   A 1 19 ? 34.822 -19.146 7.360   1.00 86.99  ? 19  G   A "O3'" 1 
ATOM   408  C  "C2'" . G   A 1 19 ? 32.903 -17.625 7.771   1.00 81.92  ? 19  G   A "C2'" 1 
ATOM   409  O  "O2'" . G   A 1 19 ? 33.732 -16.712 8.469   1.00 82.89  ? 19  G   A "O2'" 1 
ATOM   410  C  "C1'" . G   A 1 19 ? 32.012 -16.877 6.782   1.00 79.95  ? 19  G   A "C1'" 1 
ATOM   411  N  N9    . G   A 1 19 ? 30.822 -17.669 6.475   1.00 73.75  ? 19  G   A N9    1 
ATOM   412  C  C8    . G   A 1 19 ? 30.548 -18.322 5.298   1.00 71.72  ? 19  G   A C8    1 
ATOM   413  N  N7    . G   A 1 19 ? 29.429 -18.995 5.331   1.00 69.34  ? 19  G   A N7    1 
ATOM   414  C  C5    . G   A 1 19 ? 28.921 -18.770 6.603   1.00 68.25  ? 19  G   A C5    1 
ATOM   415  C  C6    . G   A 1 19 ? 27.728 -19.255 7.218   1.00 67.05  ? 19  G   A C6    1 
ATOM   416  O  O6    . G   A 1 19 ? 26.866 -20.012 6.749   1.00 68.59  ? 19  G   A O6    1 
ATOM   417  N  N1    . G   A 1 19 ? 27.592 -18.774 8.516   1.00 65.25  ? 19  G   A N1    1 
ATOM   418  C  C2    . G   A 1 19 ? 28.481 -17.942 9.148   1.00 66.43  ? 19  G   A C2    1 
ATOM   419  N  N2    . G   A 1 19 ? 28.159 -17.591 10.401  1.00 65.36  ? 19  G   A N2    1 
ATOM   420  N  N3    . G   A 1 19 ? 29.597 -17.489 8.592   1.00 68.27  ? 19  G   A N3    1 
ATOM   421  C  C4    . G   A 1 19 ? 29.753 -17.941 7.323   1.00 70.39  ? 19  G   A C4    1 
ATOM   422  P  P     . A   A 1 20 ? 34.958 -20.740 7.146   1.00 87.57  ? 20  A   A P     1 
ATOM   423  O  OP1   . A   A 1 20 ? 36.379 -21.106 7.382   1.00 86.99  ? 20  A   A OP1   1 
ATOM   424  O  OP2   . A   A 1 20 ? 34.328 -21.053 5.830   1.00 86.55  ? 20  A   A OP2   1 
ATOM   425  O  "O5'" . A   A 1 20 ? 34.041 -21.382 8.287   1.00 86.09  ? 20  A   A "O5'" 1 
ATOM   426  C  "C5'" . A   A 1 20 ? 33.330 -22.607 8.057   1.00 85.42  ? 20  A   A "C5'" 1 
ATOM   427  C  "C4'" . A   A 1 20 ? 32.942 -23.246 9.373   1.00 84.73  ? 20  A   A "C4'" 1 
ATOM   428  O  "O4'" . A   A 1 20 ? 34.088 -23.110 10.258  1.00 84.78  ? 20  A   A "O4'" 1 
ATOM   429  C  "C3'" . A   A 1 20 ? 31.797 -22.596 10.139  1.00 84.14  ? 20  A   A "C3'" 1 
ATOM   430  O  "O3'" . A   A 1 20 ? 30.518 -23.114 9.775   1.00 82.98  ? 20  A   A "O3'" 1 
ATOM   431  C  "C2'" . A   A 1 20 ? 32.128 -22.944 11.582  1.00 83.77  ? 20  A   A "C2'" 1 
ATOM   432  O  "O2'" . A   A 1 20 ? 31.752 -24.267 11.930  1.00 83.00  ? 20  A   A "O2'" 1 
ATOM   433  C  "C1'" . A   A 1 20 ? 33.651 -22.829 11.577  1.00 84.25  ? 20  A   A "C1'" 1 
ATOM   434  N  N9    . A   A 1 20 ? 34.195 -21.526 11.967  1.00 83.20  ? 20  A   A N9    1 
ATOM   435  C  C8    . A   A 1 20 ? 34.904 -20.648 11.181  1.00 83.56  ? 20  A   A C8    1 
ATOM   436  N  N7    . A   A 1 20 ? 35.323 -19.581 11.820  1.00 83.44  ? 20  A   A N7    1 
ATOM   437  C  C5    . A   A 1 20 ? 34.848 -19.761 13.114  1.00 83.24  ? 20  A   A C5    1 
ATOM   438  C  C6    . A   A 1 20 ? 34.964 -18.983 14.288  1.00 83.15  ? 20  A   A C6    1 
ATOM   439  N  N6    . A   A 1 20 ? 35.633 -17.825 14.355  1.00 83.13  ? 20  A   A N6    1 
ATOM   440  N  N1    . A   A 1 20 ? 34.365 -19.444 15.406  1.00 82.78  ? 20  A   A N1    1 
ATOM   441  C  C2    . A   A 1 20 ? 33.700 -20.605 15.345  1.00 81.79  ? 20  A   A C2    1 
ATOM   442  N  N3    . A   A 1 20 ? 33.526 -21.425 14.311  1.00 82.45  ? 20  A   A N3    1 
ATOM   443  C  C4    . A   A 1 20 ? 34.134 -20.945 13.214  1.00 83.07  ? 20  A   A C4    1 
ATOM   444  P  P     . A   A 1 21 ? 29.300 -22.097 9.473   1.00 82.47  ? 21  A   A P     1 
ATOM   445  O  OP1   . A   A 1 21 ? 28.029 -22.878 9.360   1.00 76.86  ? 21  A   A OP1   1 
ATOM   446  O  OP2   . A   A 1 21 ? 29.758 -21.241 8.341   1.00 78.09  ? 21  A   A OP2   1 
ATOM   447  O  "O5'" . A   A 1 21 ? 29.192 -21.200 10.791  1.00 80.90  ? 21  A   A "O5'" 1 
ATOM   448  C  "C5'" . A   A 1 21 ? 28.515 -21.693 11.949  1.00 80.34  ? 21  A   A "C5'" 1 
ATOM   449  C  "C4'" . A   A 1 21 ? 28.967 -20.968 13.203  1.00 80.55  ? 21  A   A "C4'" 1 
ATOM   450  O  "O4'" . A   A 1 21 ? 30.382 -20.655 13.100  1.00 80.58  ? 21  A   A "O4'" 1 
ATOM   451  C  "C3'" . A   A 1 21 ? 28.339 -19.613 13.491  1.00 81.20  ? 21  A   A "C3'" 1 
ATOM   452  O  "O3'" . A   A 1 21 ? 27.066 -19.755 14.124  1.00 82.25  ? 21  A   A "O3'" 1 
ATOM   453  C  "C2'" . A   A 1 21 ? 29.353 -18.972 14.441  1.00 80.01  ? 21  A   A "C2'" 1 
ATOM   454  O  "O2'" . A   A 1 21 ? 29.213 -19.367 15.790  1.00 78.86  ? 21  A   A "O2'" 1 
ATOM   455  C  "C1'" . A   A 1 21 ? 30.677 -19.516 13.898  1.00 79.41  ? 21  A   A "C1'" 1 
ATOM   456  N  N9    . A   A 1 21 ? 31.432 -18.562 13.090  1.00 74.49  ? 21  A   A N9    1 
ATOM   457  C  C8    . A   A 1 21 ? 31.601 -18.578 11.729  1.00 73.11  ? 21  A   A C8    1 
ATOM   458  N  N7    . A   A 1 21 ? 32.375 -17.626 11.274  1.00 72.43  ? 21  A   A N7    1 
ATOM   459  C  C5    . A   A 1 21 ? 32.735 -16.921 12.417  1.00 72.89  ? 21  A   A C5    1 
ATOM   460  C  C6    . A   A 1 21 ? 33.562 -15.798 12.608  1.00 72.31  ? 21  A   A C6    1 
ATOM   461  N  N6    . A   A 1 21 ? 34.195 -15.176 11.610  1.00 70.82  ? 21  A   A N6    1 
ATOM   462  N  N1    . A   A 1 21 ? 33.718 -15.336 13.872  1.00 72.83  ? 21  A   A N1    1 
ATOM   463  C  C2    . A   A 1 21 ? 33.079 -15.970 14.868  1.00 73.42  ? 21  A   A C2    1 
ATOM   464  N  N3    . A   A 1 21 ? 32.277 -17.038 14.816  1.00 72.97  ? 21  A   A N3    1 
ATOM   465  C  C4    . A   A 1 21 ? 32.146 -17.475 13.544  1.00 73.61  ? 21  A   A C4    1 
ATOM   466  P  P     . A   A 1 22 ? 25.876 -18.736 13.750  1.00 83.15  ? 22  A   A P     1 
ATOM   467  O  OP1   . A   A 1 22 ? 24.601 -19.281 14.288  1.00 76.25  ? 22  A   A OP1   1 
ATOM   468  O  OP2   . A   A 1 22 ? 26.005 -18.453 12.293  1.00 78.36  ? 22  A   A OP2   1 
ATOM   469  O  "O5'" . A   A 1 22 ? 26.244 -17.382 14.508  1.00 83.26  ? 22  A   A "O5'" 1 
ATOM   470  C  "C5'" . A   A 1 22 ? 26.259 -17.289 15.932  1.00 82.05  ? 22  A   A "C5'" 1 
ATOM   471  C  "C4'" . A   A 1 22 ? 27.003 -16.041 16.350  1.00 81.95  ? 22  A   A "C4'" 1 
ATOM   472  O  "O4'" . A   A 1 22 ? 28.390 -16.158 15.922  1.00 81.40  ? 22  A   A "O4'" 1 
ATOM   473  C  "C3'" . A   A 1 22 ? 26.524 -14.754 15.689  1.00 82.51  ? 22  A   A "C3'" 1 
ATOM   474  O  "O3'" . A   A 1 22 ? 25.409 -14.176 16.374  1.00 82.57  ? 22  A   A "O3'" 1 
ATOM   475  C  "C2'" . A   A 1 22 ? 27.770 -13.884 15.769  1.00 82.27  ? 22  A   A "C2'" 1 
ATOM   476  O  "O2'" . A   A 1 22 ? 27.978 -13.377 17.076  1.00 83.70  ? 22  A   A "O2'" 1 
ATOM   477  C  "C1'" . A   A 1 22 ? 28.861 -14.906 15.449  1.00 80.21  ? 22  A   A "C1'" 1 
ATOM   478  N  N9    . A   A 1 22 ? 29.163 -15.045 14.022  1.00 74.33  ? 22  A   A N9    1 
ATOM   479  C  C8    . A   A 1 22 ? 28.604 -15.942 13.146  1.00 74.10  ? 22  A   A C8    1 
ATOM   480  N  N7    . A   A 1 22 ? 29.090 -15.869 11.930  1.00 73.50  ? 22  A   A N7    1 
ATOM   481  C  C5    . A   A 1 22 ? 30.025 -14.846 12.004  1.00 72.53  ? 22  A   A C5    1 
ATOM   482  C  C6    . A   A 1 22 ? 30.882 -14.273 11.040  1.00 71.92  ? 22  A   A C6    1 
ATOM   483  N  N6    . A   A 1 22 ? 30.938 -14.664 9.763   1.00 70.15  ? 22  A   A N6    1 
ATOM   484  N  N1    . A   A 1 22 ? 31.690 -13.265 11.437  1.00 73.23  ? 22  A   A N1    1 
ATOM   485  C  C2    . A   A 1 22 ? 31.631 -12.866 12.717  1.00 73.98  ? 22  A   A C2    1 
ATOM   486  N  N3    . A   A 1 22 ? 30.865 -13.322 13.714  1.00 74.11  ? 22  A   A N3    1 
ATOM   487  C  C4    . A   A 1 22 ? 30.076 -14.325 13.287  1.00 73.56  ? 22  A   A C4    1 
ATOM   488  P  P     . C   A 1 23 ? 24.031 -13.922 15.580  1.00 80.72  ? 23  C   A P     1 
ATOM   489  O  OP1   . C   A 1 23 ? 23.097 -13.198 16.481  1.00 79.33  ? 23  C   A OP1   1 
ATOM   490  O  OP2   . C   A 1 23 ? 23.617 -15.219 14.990  1.00 79.42  ? 23  C   A OP2   1 
ATOM   491  O  "O5'" . C   A 1 23 ? 24.433 -12.935 14.391  1.00 79.34  ? 23  C   A "O5'" 1 
ATOM   492  C  "C5'" . C   A 1 23 ? 25.027 -11.673 14.669  1.00 78.94  ? 23  C   A "C5'" 1 
ATOM   493  C  "C4'" . C   A 1 23 ? 26.106 -11.367 13.658  1.00 79.73  ? 23  C   A "C4'" 1 
ATOM   494  O  "O4'" . C   A 1 23 ? 26.752 -12.616 13.282  1.00 78.69  ? 23  C   A "O4'" 1 
ATOM   495  C  "C3'" . C   A 1 23 ? 25.666 -10.820 12.310  1.00 80.65  ? 23  C   A "C3'" 1 
ATOM   496  O  "O3'" . C   A 1 23 ? 25.413 -9.422  12.355  1.00 83.39  ? 23  C   A "O3'" 1 
ATOM   497  C  "C2'" . C   A 1 23 ? 26.886 -11.114 11.454  1.00 79.12  ? 23  C   A "C2'" 1 
ATOM   498  O  "O2'" . C   A 1 23 ? 27.962 -10.227 11.689  1.00 79.66  ? 23  C   A "O2'" 1 
ATOM   499  C  "C1'" . C   A 1 23 ? 27.262 -12.504 11.959  1.00 77.56  ? 23  C   A "C1'" 1 
ATOM   500  N  N1    . C   A 1 23 ? 26.661 -13.545 11.113  1.00 73.81  ? 23  C   A N1    1 
ATOM   501  C  C2    . C   A 1 23 ? 27.206 -13.757 9.832   1.00 72.48  ? 23  C   A C2    1 
ATOM   502  O  O2    . C   A 1 23 ? 28.185 -13.071 9.472   1.00 71.13  ? 23  C   A O2    1 
ATOM   503  N  N3    . C   A 1 23 ? 26.656 -14.697 9.028   1.00 70.94  ? 23  C   A N3    1 
ATOM   504  C  C4    . C   A 1 23 ? 25.610 -15.411 9.455   1.00 71.21  ? 23  C   A C4    1 
ATOM   505  N  N4    . C   A 1 23 ? 25.097 -16.321 8.626   1.00 72.11  ? 23  C   A N4    1 
ATOM   506  C  C5    . C   A 1 23 ? 25.040 -15.221 10.753  1.00 71.45  ? 23  C   A C5    1 
ATOM   507  C  C6    . C   A 1 23 ? 25.594 -14.287 11.541  1.00 72.64  ? 23  C   A C6    1 
ATOM   508  P  P     . G   A 1 24 ? 24.487 -8.745  11.225  1.00 85.34  ? 24  G   A P     1 
ATOM   509  O  OP1   . G   A 1 24 ? 24.092 -7.415  11.764  1.00 84.81  ? 24  G   A OP1   1 
ATOM   510  O  OP2   . G   A 1 24 ? 23.433 -9.724  10.855  1.00 83.13  ? 24  G   A OP2   1 
ATOM   511  O  "O5'" . G   A 1 24 ? 25.467 -8.531  9.978   1.00 83.27  ? 24  G   A "O5'" 1 
ATOM   512  C  "C5'" . G   A 1 24 ? 26.616 -7.691  10.099  1.00 81.60  ? 24  G   A "C5'" 1 
ATOM   513  C  "C4'" . G   A 1 24 ? 27.530 -7.813  8.889   1.00 80.87  ? 24  G   A "C4'" 1 
ATOM   514  O  "O4'" . G   A 1 24 ? 28.018 -9.178  8.747   1.00 79.39  ? 24  G   A "O4'" 1 
ATOM   515  C  "C3'" . G   A 1 24 ? 26.941 -7.508  7.525   1.00 81.47  ? 24  G   A "C3'" 1 
ATOM   516  O  "O3'" . G   A 1 24 ? 26.853 -6.113  7.273   1.00 84.67  ? 24  G   A "O3'" 1 
ATOM   517  C  "C2'" . G   A 1 24 ? 27.941 -8.189  6.600   1.00 79.01  ? 24  G   A "C2'" 1 
ATOM   518  O  "O2'" . G   A 1 24 ? 29.150 -7.470  6.463   1.00 78.22  ? 24  G   A "O2'" 1 
ATOM   519  C  "C1'" . G   A 1 24 ? 28.201 -9.480  7.369   1.00 76.52  ? 24  G   A "C1'" 1 
ATOM   520  N  N9    . G   A 1 24 ? 27.247 -10.525 7.016   1.00 71.75  ? 24  G   A N9    1 
ATOM   521  C  C8    . G   A 1 24 ? 26.240 -11.001 7.821   1.00 70.29  ? 24  G   A C8    1 
ATOM   522  N  N7    . G   A 1 24 ? 25.549 -11.960 7.264   1.00 69.26  ? 24  G   A N7    1 
ATOM   523  C  C5    . G   A 1 24 ? 26.127 -12.124 6.011   1.00 67.53  ? 24  G   A C5    1 
ATOM   524  C  C6    . G   A 1 24 ? 25.799 -13.019 4.969   1.00 65.74  ? 24  G   A C6    1 
ATOM   525  O  O6    . G   A 1 24 ? 24.901 -13.866 4.939   1.00 65.62  ? 24  G   A O6    1 
ATOM   526  N  N1    . G   A 1 24 ? 26.639 -12.860 3.874   1.00 64.91  ? 24  G   A N1    1 
ATOM   527  C  C2    . G   A 1 24 ? 27.662 -11.950 3.788   1.00 65.27  ? 24  G   A C2    1 
ATOM   528  N  N2    . G   A 1 24 ? 28.367 -11.963 2.640   1.00 64.81  ? 24  G   A N2    1 
ATOM   529  N  N3    . G   A 1 24 ? 27.974 -11.093 4.753   1.00 66.49  ? 24  G   A N3    1 
ATOM   530  C  C4    . G   A 1 24 ? 27.172 -11.240 5.833   1.00 69.06  ? 24  G   A C4    1 
ATOM   531  P  P     . C   A 1 25 ? 25.544 -5.529  6.544   1.00 87.35  ? 25  C   A P     1 
ATOM   532  O  OP1   . C   A 1 25 ? 25.624 -4.043  6.573   1.00 85.18  ? 25  C   A OP1   1 
ATOM   533  O  OP2   . C   A 1 25 ? 24.377 -6.218  7.155   1.00 84.08  ? 25  C   A OP2   1 
ATOM   534  O  "O5'" . C   A 1 25 ? 25.670 -6.025  5.031   1.00 87.80  ? 25  C   A "O5'" 1 
ATOM   535  C  "C5'" . C   A 1 25 ? 26.764 -5.624  4.208   1.00 88.91  ? 25  C   A "C5'" 1 
ATOM   536  C  "C4'" . C   A 1 25 ? 26.875 -6.534  3.003   1.00 90.22  ? 25  C   A "C4'" 1 
ATOM   537  O  "O4'" . C   A 1 25 ? 26.968 -7.911  3.469   1.00 90.52  ? 25  C   A "O4'" 1 
ATOM   538  C  "C3'" . C   A 1 25 ? 25.673 -6.585  2.074   1.00 90.66  ? 25  C   A "C3'" 1 
ATOM   539  O  "O3'" . C   A 1 25 ? 25.606 -5.478  1.186   1.00 91.33  ? 25  C   A "O3'" 1 
ATOM   540  C  "C2'" . C   A 1 25 ? 25.893 -7.908  1.353   1.00 90.09  ? 25  C   A "C2'" 1 
ATOM   541  O  "O2'" . C   A 1 25 ? 26.892 -7.857  0.351   1.00 91.24  ? 25  C   A "O2'" 1 
ATOM   542  C  "C1'" . C   A 1 25 ? 26.380 -8.780  2.507   1.00 89.47  ? 25  C   A "C1'" 1 
ATOM   543  N  N1    . C   A 1 25 ? 25.284 -9.534  3.142   1.00 85.91  ? 25  C   A N1    1 
ATOM   544  C  C2    . C   A 1 25 ? 24.716 -10.602 2.434   1.00 85.37  ? 25  C   A C2    1 
ATOM   545  O  O2    . C   A 1 25 ? 25.140 -10.854 1.299   1.00 84.45  ? 25  C   A O2    1 
ATOM   546  N  N3    . C   A 1 25 ? 23.723 -11.325 3.003   1.00 84.41  ? 25  C   A N3    1 
ATOM   547  C  C4    . C   A 1 25 ? 23.288 -11.008 4.226   1.00 84.79  ? 25  C   A C4    1 
ATOM   548  N  N4    . C   A 1 25 ? 22.316 -11.753 4.755   1.00 84.35  ? 25  C   A N4    1 
ATOM   549  C  C5    . C   A 1 25 ? 23.836 -9.913  4.963   1.00 85.04  ? 25  C   A C5    1 
ATOM   550  C  C6    . C   A 1 25 ? 24.824 -9.210  4.389   1.00 85.25  ? 25  C   A C6    1 
ATOM   551  P  P     . C   A 1 26 ? 24.228 -4.653  1.066   1.00 91.01  ? 26  C   A P     1 
ATOM   552  O  OP1   . C   A 1 26 ? 24.569 -3.267  0.653   1.00 87.78  ? 26  C   A OP1   1 
ATOM   553  O  OP2   . C   A 1 26 ? 23.479 -4.889  2.333   1.00 86.69  ? 26  C   A OP2   1 
ATOM   554  O  "O5'" . C   A 1 26 ? 23.428 -5.357  -0.124  1.00 87.44  ? 26  C   A "O5'" 1 
ATOM   555  C  "C5'" . C   A 1 26 ? 24.084 -5.698  -1.338  1.00 83.99  ? 26  C   A "C5'" 1 
ATOM   556  C  "C4'" . C   A 1 26 ? 23.501 -6.966  -1.928  1.00 81.32  ? 26  C   A "C4'" 1 
ATOM   557  O  "O4'" . C   A 1 26 ? 23.657 -8.091  -1.020  1.00 79.35  ? 26  C   A "O4'" 1 
ATOM   558  C  "C3'" . C   A 1 26 ? 22.012 -6.983  -2.221  1.00 80.28  ? 26  C   A "C3'" 1 
ATOM   559  O  "O3'" . C   A 1 26 ? 21.721 -6.245  -3.402  1.00 80.06  ? 26  C   A "O3'" 1 
ATOM   560  C  "C2'" . C   A 1 26 ? 21.756 -8.476  -2.396  1.00 78.87  ? 26  C   A "C2'" 1 
ATOM   561  O  "O2'" . C   A 1 26 ? 22.163 -8.970  -3.656  1.00 78.57  ? 26  C   A "O2'" 1 
ATOM   562  C  "C1'" . C   A 1 26 ? 22.675 -9.070  -1.324  1.00 77.72  ? 26  C   A "C1'" 1 
ATOM   563  N  N1    . C   A 1 26 ? 21.959 -9.449  -0.097  1.00 72.59  ? 26  C   A N1    1 
ATOM   564  C  C2    . C   A 1 26 ? 21.058 -10.514 -0.161  1.00 72.86  ? 26  C   A C2    1 
ATOM   565  O  O2    . C   A 1 26 ? 20.896 -11.094 -1.243  1.00 72.18  ? 26  C   A O2    1 
ATOM   566  N  N3    . C   A 1 26 ? 20.387 -10.884 0.952   1.00 72.79  ? 26  C   A N3    1 
ATOM   567  C  C4    . C   A 1 26 ? 20.586 -10.230 2.098   1.00 72.94  ? 26  C   A C4    1 
ATOM   568  N  N4    . C   A 1 26 ? 19.895 -10.629 3.173   1.00 73.11  ? 26  C   A N4    1 
ATOM   569  C  C5    . C   A 1 26 ? 21.501 -9.137  2.193   1.00 72.59  ? 26  C   A C5    1 
ATOM   570  C  C6    . C   A 1 26 ? 22.161 -8.785  1.079   1.00 72.15  ? 26  C   A C6    1 
ATOM   571  P  P     . A   A 1 27 ? 20.441 -5.269  -3.436  1.00 78.37  ? 27  A   A P     1 
ATOM   572  O  OP1   . A   A 1 27 ? 20.700 -4.284  -4.523  1.00 78.32  ? 27  A   A OP1   1 
ATOM   573  O  OP2   . A   A 1 27 ? 20.157 -4.789  -2.061  1.00 76.18  ? 27  A   A OP2   1 
ATOM   574  O  "O5'" . A   A 1 27 ? 19.247 -6.227  -3.886  1.00 76.47  ? 27  A   A "O5'" 1 
ATOM   575  C  "C5'" . A   A 1 27 ? 19.321 -6.960  -5.101  1.00 75.53  ? 27  A   A "C5'" 1 
ATOM   576  C  "C4'" . A   A 1 27 ? 18.273 -8.043  -5.120  1.00 76.26  ? 27  A   A "C4'" 1 
ATOM   577  O  "O4'" . A   A 1 27 ? 18.575 -9.053  -4.128  1.00 75.55  ? 27  A   A "O4'" 1 
ATOM   578  C  "C3'" . A   A 1 27 ? 16.871 -7.599  -4.745  1.00 77.00  ? 27  A   A "C3'" 1 
ATOM   579  O  "O3'" . A   A 1 27 ? 16.229 -6.985  -5.860  1.00 77.81  ? 27  A   A "O3'" 1 
ATOM   580  C  "C2'" . A   A 1 27 ? 16.208 -8.919  -4.365  1.00 76.70  ? 27  A   A "C2'" 1 
ATOM   581  O  "O2'" . A   A 1 27 ? 15.714 -9.621  -5.487  1.00 76.22  ? 27  A   A "O2'" 1 
ATOM   582  C  "C1'" . A   A 1 27 ? 17.373 -9.696  -3.742  1.00 76.59  ? 27  A   A "C1'" 1 
ATOM   583  N  N9    . A   A 1 27 ? 17.329 -9.789  -2.282  1.00 77.29  ? 27  A   A N9    1 
ATOM   584  C  C8    . A   A 1 27 ? 18.091 -9.104  -1.368  1.00 77.75  ? 27  A   A C8    1 
ATOM   585  N  N7    . A   A 1 27 ? 17.824 -9.412  -0.119  1.00 77.73  ? 27  A   A N7    1 
ATOM   586  C  C5    . A   A 1 27 ? 16.817 -10.363 -0.217  1.00 77.21  ? 27  A   A C5    1 
ATOM   587  C  C6    . A   A 1 27 ? 16.098 -11.088 0.758   1.00 77.68  ? 27  A   A C6    1 
ATOM   588  N  N6    . A   A 1 27 ? 16.289 -10.955 2.076   1.00 76.70  ? 27  A   A N6    1 
ATOM   589  N  N1    . A   A 1 27 ? 15.163 -11.964 0.325   1.00 77.71  ? 27  A   A N1    1 
ATOM   590  C  C2    . A   A 1 27 ? 14.965 -12.089 -0.996  1.00 77.55  ? 27  A   A C2    1 
ATOM   591  N  N3    . A   A 1 27 ? 15.574 -11.463 -2.005  1.00 77.25  ? 27  A   A N3    1 
ATOM   592  C  C4    . A   A 1 27 ? 16.500 -10.604 -1.543  1.00 77.03  ? 27  A   A C4    1 
ATOM   593  P  P     . G   A 1 28 ? 15.550 -5.532  -5.696  1.00 79.24  ? 28  G   A P     1 
ATOM   594  O  OP1   . G   A 1 28 ? 15.644 -4.871  -7.022  1.00 77.01  ? 28  G   A OP1   1 
ATOM   595  O  OP2   . G   A 1 28 ? 16.089 -4.845  -4.498  1.00 75.36  ? 28  G   A OP2   1 
ATOM   596  O  "O5'" . G   A 1 28 ? 14.018 -5.855  -5.425  1.00 77.77  ? 28  G   A "O5'" 1 
ATOM   597  C  "C5'" . G   A 1 28 ? 13.154 -6.167  -6.501  1.00 78.48  ? 28  G   A "C5'" 1 
ATOM   598  C  "C4'" . G   A 1 28 ? 12.125 -7.158  -6.054  1.00 79.03  ? 28  G   A "C4'" 1 
ATOM   599  O  "O4'" . G   A 1 28 ? 12.837 -8.204  -5.330  1.00 80.68  ? 28  G   A "O4'" 1 
ATOM   600  C  "C3'" . G   A 1 28 ? 11.114 -6.688  -5.018  1.00 78.42  ? 28  G   A "C3'" 1 
ATOM   601  O  "O3'" . G   A 1 28 ? 10.101 -5.775  -5.475  1.00 75.08  ? 28  G   A "O3'" 1 
ATOM   602  C  "C2'" . G   A 1 28 ? 10.662 -8.006  -4.412  1.00 80.41  ? 28  G   A "C2'" 1 
ATOM   603  O  "O2'" . G   A 1 28 ? 9.824  -8.786  -5.248  1.00 82.35  ? 28  G   A "O2'" 1 
ATOM   604  C  "C1'" . G   A 1 28 ? 12.010 -8.710  -4.288  1.00 80.37  ? 28  G   A "C1'" 1 
ATOM   605  N  N9    . G   A 1 28 ? 12.639 -8.465  -2.992  1.00 76.64  ? 28  G   A N9    1 
ATOM   606  C  C8    . G   A 1 28 ? 13.482 -7.446  -2.604  1.00 76.01  ? 28  G   A C8    1 
ATOM   607  N  N7    . G   A 1 28 ? 13.857 -7.542  -1.355  1.00 74.95  ? 28  G   A N7    1 
ATOM   608  C  C5    . G   A 1 28 ? 13.222 -8.691  -0.899  1.00 76.33  ? 28  G   A C5    1 
ATOM   609  C  C6    . G   A 1 28 ? 13.237 -9.322  0.380   1.00 75.92  ? 28  G   A C6    1 
ATOM   610  O  O6    . G   A 1 28 ? 13.849 -8.988  1.399   1.00 75.79  ? 28  G   A O6    1 
ATOM   611  N  N1    . G   A 1 28 ? 12.433 -10.461 0.397   1.00 75.14  ? 28  G   A N1    1 
ATOM   612  C  C2    . G   A 1 28 ? 11.712 -10.933 -0.675  1.00 76.00  ? 28  G   A C2    1 
ATOM   613  N  N2    . G   A 1 28 ? 10.981 -12.036 -0.474  1.00 76.93  ? 28  G   A N2    1 
ATOM   614  N  N3    . G   A 1 28 ? 11.701 -10.366 -1.859  1.00 76.34  ? 28  G   A N3    1 
ATOM   615  C  C4    . G   A 1 28 ? 12.466 -9.260  -1.900  1.00 76.28  ? 28  G   A C4    1 
ATOM   616  P  P     . A   A 1 29 ? 9.197  -6.099  -6.770  1.00 68.75  ? 29  A   A P     1 
ATOM   617  O  OP1   . A   A 1 29 ? 9.198  -7.536  -7.120  1.00 65.75  ? 29  A   A OP1   1 
ATOM   618  O  OP2   . A   A 1 29 ? 9.639  -5.103  -7.781  1.00 67.47  ? 29  A   A OP2   1 
ATOM   619  O  "O5'" . A   A 1 29 ? 7.718  -5.682  -6.336  1.00 65.56  ? 29  A   A "O5'" 1 
ATOM   620  C  "C5'" . A   A 1 29 ? 6.909  -6.468  -5.441  1.00 61.57  ? 29  A   A "C5'" 1 
ATOM   621  C  "C4'" . A   A 1 29 ? 5.963  -5.543  -4.704  1.00 59.95  ? 29  A   A "C4'" 1 
ATOM   622  O  "O4'" . A   A 1 29 ? 6.688  -4.766  -3.743  1.00 58.03  ? 29  A   A "O4'" 1 
ATOM   623  C  "C3'" . A   A 1 29 ? 5.241  -4.585  -5.645  1.00 59.12  ? 29  A   A "C3'" 1 
ATOM   624  O  "O3'" . A   A 1 29 ? 3.874  -4.634  -5.227  1.00 62.84  ? 29  A   A "O3'" 1 
ATOM   625  C  "C2'" . A   A 1 29 ? 5.801  -3.200  -5.316  1.00 56.11  ? 29  A   A "C2'" 1 
ATOM   626  O  "O2'" . A   A 1 29 ? 4.896  -2.124  -5.345  1.00 54.80  ? 29  A   A "O2'" 1 
ATOM   627  C  "C1'" . A   A 1 29 ? 6.410  -3.408  -3.927  1.00 52.82  ? 29  A   A "C1'" 1 
ATOM   628  N  N9    . A   A 1 29 ? 7.625  -2.674  -3.629  1.00 44.55  ? 29  A   A N9    1 
ATOM   629  C  C8    . A   A 1 29 ? 8.859  -2.827  -4.200  1.00 43.18  ? 29  A   A C8    1 
ATOM   630  N  N7    . A   A 1 29 ? 9.774  -2.046  -3.683  1.00 41.50  ? 29  A   A N7    1 
ATOM   631  C  C5    . A   A 1 29 ? 9.086  -1.325  -2.718  1.00 38.22  ? 29  A   A C5    1 
ATOM   632  C  C6    . A   A 1 29 ? 9.498  -0.344  -1.818  1.00 38.19  ? 29  A   A C6    1 
ATOM   633  N  N6    . A   A 1 29 ? 10.755 0.108   -1.743  1.00 39.50  ? 29  A   A N6    1 
ATOM   634  N  N1    . A   A 1 29 ? 8.570  0.170   -0.978  1.00 36.86  ? 29  A   A N1    1 
ATOM   635  C  C2    . A   A 1 29 ? 7.315  -0.296  -1.053  1.00 38.19  ? 29  A   A C2    1 
ATOM   636  N  N3    . A   A 1 29 ? 6.812  -1.224  -1.861  1.00 39.70  ? 29  A   A N3    1 
ATOM   637  C  C4    . A   A 1 29 ? 7.762  -1.699  -2.679  1.00 39.87  ? 29  A   A C4    1 
ATOM   638  P  P     . U   A 1 30 ? 2.670  -4.606  -6.285  1.00 68.76  ? 30  U   A P     1 
ATOM   639  O  OP1   . U   A 1 30 ? 1.866  -5.816  -5.956  1.00 69.11  ? 30  U   A OP1   1 
ATOM   640  O  OP2   . U   A 1 30 ? 3.226  -4.421  -7.648  1.00 70.19  ? 30  U   A OP2   1 
ATOM   641  O  "O5'" . U   A 1 30 ? 1.815  -3.342  -5.840  1.00 69.92  ? 30  U   A "O5'" 1 
ATOM   642  C  "C5'" . U   A 1 30 ? 1.669  -3.058  -4.458  1.00 74.10  ? 30  U   A "C5'" 1 
ATOM   643  C  "C4'" . U   A 1 30 ? 0.215  -2.910  -4.081  1.00 77.56  ? 30  U   A "C4'" 1 
ATOM   644  O  "O4'" . U   A 1 30 ? -0.665 -3.650  -4.981  1.00 81.38  ? 30  U   A "O4'" 1 
ATOM   645  C  "C3'" . U   A 1 30 ? -0.162 -3.534  -2.750  1.00 77.42  ? 30  U   A "C3'" 1 
ATOM   646  O  "O3'" . U   A 1 30 ? 0.339  -2.906  -1.583  1.00 70.95  ? 30  U   A "O3'" 1 
ATOM   647  C  "C2'" . U   A 1 30 ? -1.674 -3.502  -2.847  1.00 81.25  ? 30  U   A "C2'" 1 
ATOM   648  O  "O2'" . U   A 1 30 ? -2.179 -2.187  -2.714  1.00 81.79  ? 30  U   A "O2'" 1 
ATOM   649  C  "C1'" . U   A 1 30 ? -1.860 -4.009  -4.277  1.00 84.51  ? 30  U   A "C1'" 1 
ATOM   650  N  N1    . U   A 1 30 ? -2.006 -5.475  -4.249  1.00 90.77  ? 30  U   A N1    1 
ATOM   651  C  C2    . U   A 1 30 ? -3.281 -5.974  -4.034  1.00 93.10  ? 30  U   A C2    1 
ATOM   652  O  O2    . U   A 1 30 ? -4.256 -5.249  -3.901  1.00 94.44  ? 30  U   A O2    1 
ATOM   653  N  N3    . U   A 1 30 ? -3.371 -7.346  -3.975  1.00 94.40  ? 30  U   A N3    1 
ATOM   654  C  C4    . U   A 1 30 ? -2.339 -8.257  -4.106  1.00 95.47  ? 30  U   A C4    1 
ATOM   655  O  O4    . U   A 1 30 ? -2.580 -9.467  -4.026  1.00 95.90  ? 30  U   A O4    1 
ATOM   656  C  C5    . U   A 1 30 ? -1.050 -7.668  -4.335  1.00 95.44  ? 30  U   A C5    1 
ATOM   657  C  C6    . U   A 1 30 ? -0.929 -6.328  -4.401  1.00 93.53  ? 30  U   A C6    1 
ATOM   658  P  P     . G   A 1 31 ? 0.846  -3.832  -0.374  1.00 60.71  ? 31  G   A P     1 
ATOM   659  O  OP1   . G   A 1 31 ? 0.080  -5.101  -0.515  1.00 59.92  ? 31  G   A OP1   1 
ATOM   660  O  OP2   . G   A 1 31 ? 0.792  -3.090  0.905   1.00 57.86  ? 31  G   A OP2   1 
ATOM   661  O  "O5'" . G   A 1 31 ? 2.368  -4.114  -0.736  1.00 54.48  ? 31  G   A "O5'" 1 
ATOM   662  C  "C5'" . G   A 1 31 ? 2.770  -5.334  -1.348  1.00 51.43  ? 31  G   A "C5'" 1 
ATOM   663  C  "C4'" . G   A 1 31 ? 4.277  -5.388  -1.423  1.00 50.52  ? 31  G   A "C4'" 1 
ATOM   664  O  "O4'" . G   A 1 31 ? 4.876  -4.276  -0.746  1.00 48.30  ? 31  G   A "O4'" 1 
ATOM   665  C  "C3'" . G   A 1 31 ? 4.928  -6.641  -0.840  1.00 51.53  ? 31  G   A "C3'" 1 
ATOM   666  O  "O3'" . G   A 1 31 ? 5.543  -7.314  -1.928  1.00 54.69  ? 31  G   A "O3'" 1 
ATOM   667  C  "C2'" . G   A 1 31 ? 6.107  -6.131  -0.002  1.00 49.09  ? 31  G   A "C2'" 1 
ATOM   668  O  "O2'" . G   A 1 31 ? 7.352  -6.761  -0.222  1.00 50.09  ? 31  G   A "O2'" 1 
ATOM   669  C  "C1'" . G   A 1 31 ? 6.175  -4.666  -0.422  1.00 44.80  ? 31  G   A "C1'" 1 
ATOM   670  N  N9    . G   A 1 31 ? 6.813  -3.726  0.482   1.00 37.15  ? 31  G   A N9    1 
ATOM   671  C  C8    . G   A 1 31 ? 6.261  -3.026  1.517   1.00 34.55  ? 31  G   A C8    1 
ATOM   672  N  N7    . G   A 1 31 ? 7.131  -2.276  2.140   1.00 33.13  ? 31  G   A N7    1 
ATOM   673  C  C5    . G   A 1 31 ? 8.323  -2.500  1.467   1.00 31.82  ? 31  G   A C5    1 
ATOM   674  C  C6    . G   A 1 31 ? 9.615  -1.971  1.687   1.00 32.85  ? 31  G   A C6    1 
ATOM   675  O  O6    . G   A 1 31 ? 9.982  -1.177  2.565   1.00 34.91  ? 31  G   A O6    1 
ATOM   676  N  N1    . G   A 1 31 ? 10.536 -2.457  0.763   1.00 29.84  ? 31  G   A N1    1 
ATOM   677  C  C2    . G   A 1 31 ? 10.251 -3.342  -0.234  1.00 29.12  ? 31  G   A C2    1 
ATOM   678  N  N2    . G   A 1 31 ? 11.274 -3.681  -1.033  1.00 27.68  ? 31  G   A N2    1 
ATOM   679  N  N3    . G   A 1 31 ? 9.052  -3.856  -0.440  1.00 30.82  ? 31  G   A N3    1 
ATOM   680  C  C4    . G   A 1 31 ? 8.142  -3.387  0.440   1.00 32.68  ? 31  G   A C4    1 
ATOM   681  P  P     . C   A 1 32 ? 4.908  -8.641  -2.525  1.00 60.10  ? 32  C   A P     1 
ATOM   682  O  OP1   . C   A 1 32 ? 5.867  -9.035  -3.597  1.00 60.70  ? 32  C   A OP1   1 
ATOM   683  O  OP2   . C   A 1 32 ? 3.488  -8.354  -2.868  1.00 59.31  ? 32  C   A OP2   1 
ATOM   684  O  "O5'" . C   A 1 32 ? 5.005  -9.681  -1.317  1.00 62.27  ? 32  C   A "O5'" 1 
ATOM   685  C  "C5'" . C   A 1 32 ? 4.054  -10.725 -1.169  1.00 63.49  ? 32  C   A "C5'" 1 
ATOM   686  C  "C4'" . C   A 1 32 ? 4.178  -11.365 0.194   1.00 64.30  ? 32  C   A "C4'" 1 
ATOM   687  O  "O4'" . C   A 1 32 ? 5.448  -12.065 0.315   1.00 65.23  ? 32  C   A "O4'" 1 
ATOM   688  C  "C3'" . C   A 1 32 ? 4.195  -10.433 1.390   1.00 63.91  ? 32  C   A "C3'" 1 
ATOM   689  O  "O3'" . C   A 1 32 ? 2.901  -9.976  1.723   1.00 63.80  ? 32  C   A "O3'" 1 
ATOM   690  C  "C2'" . C   A 1 32 ? 4.767  -11.340 2.471   1.00 64.40  ? 32  C   A "C2'" 1 
ATOM   691  O  "O2'" . C   A 1 32 ? 3.843  -12.263 3.009   1.00 64.55  ? 32  C   A "O2'" 1 
ATOM   692  C  "C1'" . C   A 1 32 ? 5.841  -12.082 1.681   1.00 64.43  ? 32  C   A "C1'" 1 
ATOM   693  N  N1    . C   A 1 32 ? 7.104  -11.356 1.814   1.00 64.51  ? 32  C   A N1    1 
ATOM   694  C  C2    . C   A 1 32 ? 7.665  -11.236 3.090   1.00 62.91  ? 32  C   A C2    1 
ATOM   695  O  O2    . C   A 1 32 ? 7.102  -11.800 4.047   1.00 62.28  ? 32  C   A O2    1 
ATOM   696  N  N3    . C   A 1 32 ? 8.795  -10.517 3.248   1.00 60.59  ? 32  C   A N3    1 
ATOM   697  C  C4    . C   A 1 32 ? 9.369  -9.942  2.192   1.00 60.97  ? 32  C   A C4    1 
ATOM   698  N  N4    . C   A 1 32 ? 10.472 -9.229  2.398   1.00 61.17  ? 32  C   A N4    1 
ATOM   699  C  C5    . C   A 1 32 ? 8.836  -10.072 0.876   1.00 62.02  ? 32  C   A C5    1 
ATOM   700  C  C6    . C   A 1 32 ? 7.712  -10.784 0.733   1.00 63.36  ? 32  C   A C6    1 
ATOM   701  P  P     . C   A 1 33 ? 2.735  -8.591  2.510   1.00 64.50  ? 33  C   A P     1 
ATOM   702  O  OP1   . C   A 1 33 ? 1.314  -8.192  2.372   1.00 62.36  ? 33  C   A OP1   1 
ATOM   703  O  OP2   . C   A 1 33 ? 3.804  -7.658  2.073   1.00 64.08  ? 33  C   A OP2   1 
ATOM   704  O  "O5'" . C   A 1 33 ? 3.019  -8.973  4.029   1.00 64.62  ? 33  C   A "O5'" 1 
ATOM   705  C  "C5'" . C   A 1 33 ? 2.139  -9.831  4.751   1.00 63.09  ? 33  C   A "C5'" 1 
ATOM   706  C  "C4'" . C   A 1 33 ? 2.588  -9.934  6.180   1.00 61.92  ? 33  C   A "C4'" 1 
ATOM   707  O  "O4'" . C   A 1 33 ? 3.902  -10.545 6.202   1.00 61.51  ? 33  C   A "O4'" 1 
ATOM   708  C  "C3'" . C   A 1 33 ? 2.798  -8.597  6.863   1.00 62.11  ? 33  C   A "C3'" 1 
ATOM   709  O  "O3'" . C   A 1 33 ? 1.606  -8.101  7.440   1.00 63.62  ? 33  C   A "O3'" 1 
ATOM   710  C  "C2'" . C   A 1 33 ? 3.807  -8.933  7.946   1.00 61.24  ? 33  C   A "C2'" 1 
ATOM   711  O  "O2'" . C   A 1 33 ? 3.206  -9.460  9.106   1.00 62.67  ? 33  C   A "O2'" 1 
ATOM   712  C  "C1'" . C   A 1 33 ? 4.679  -9.970  7.238   1.00 59.77  ? 33  C   A "C1'" 1 
ATOM   713  N  N1    . C   A 1 33 ? 5.862  -9.350  6.632   1.00 57.35  ? 33  C   A N1    1 
ATOM   714  C  C2    . C   A 1 33 ? 6.890  -8.918  7.472   1.00 56.91  ? 33  C   A C2    1 
ATOM   715  O  O2    . C   A 1 33 ? 6.792  -9.118  8.691   1.00 56.14  ? 33  C   A O2    1 
ATOM   716  N  N3    . C   A 1 33 ? 7.962  -8.293  6.938   1.00 55.45  ? 33  C   A N3    1 
ATOM   717  C  C4    . C   A 1 33 ? 8.036  -8.109  5.620   1.00 55.33  ? 33  C   A C4    1 
ATOM   718  N  N4    . C   A 1 33 ? 9.108  -7.481  5.141   1.00 55.19  ? 33  C   A N4    1 
ATOM   719  C  C5    . C   A 1 33 ? 7.013  -8.562  4.737   1.00 56.73  ? 33  C   A C5    1 
ATOM   720  C  C6    . C   A 1 33 ? 5.954  -9.174  5.281   1.00 57.16  ? 33  C   A C6    1 
ATOM   721  P  P     . U   A 1 34 ? 1.325  -6.530  7.412   1.00 62.11  ? 34  U   A P     1 
ATOM   722  O  OP1   . U   A 1 34 ? -0.118 -6.287  7.181   1.00 61.00  ? 34  U   A OP1   1 
ATOM   723  O  OP2   . U   A 1 34 ? 2.320  -5.985  6.478   1.00 64.07  ? 34  U   A OP2   1 
ATOM   724  O  "O5'" . U   A 1 34 ? 1.743  -6.000  8.852   1.00 62.75  ? 34  U   A "O5'" 1 
ATOM   725  C  "C5'" . U   A 1 34 ? 1.806  -6.860  9.971   1.00 62.38  ? 34  U   A "C5'" 1 
ATOM   726  C  "C4'" . U   A 1 34 ? 2.810  -6.329  10.951  1.00 61.49  ? 34  U   A "C4'" 1 
ATOM   727  O  "O4'" . U   A 1 34 ? 4.135  -6.835  10.645  1.00 61.96  ? 34  U   A "O4'" 1 
ATOM   728  C  "C3'" . U   A 1 34 ? 3.003  -4.828  10.907  1.00 61.16  ? 34  U   A "C3'" 1 
ATOM   729  O  "O3'" . U   A 1 34 ? 1.935  -4.135  11.540  1.00 62.31  ? 34  U   A "O3'" 1 
ATOM   730  C  "C2'" . U   A 1 34 ? 4.339  -4.689  11.616  1.00 61.51  ? 34  U   A "C2'" 1 
ATOM   731  O  "O2'" . U   A 1 34 ? 4.211  -4.909  13.004  1.00 61.96  ? 34  U   A "O2'" 1 
ATOM   732  C  "C1'" . U   A 1 34 ? 5.105  -5.873  11.023  1.00 60.74  ? 34  U   A "C1'" 1 
ATOM   733  N  N1    . U   A 1 34 ? 5.913  -5.536  9.839   1.00 60.18  ? 34  U   A N1    1 
ATOM   734  C  C2    . U   A 1 34 ? 7.155  -4.963  10.050  1.00 60.33  ? 34  U   A C2    1 
ATOM   735  O  O2    . U   A 1 34 ? 7.578  -4.690  11.156  1.00 61.04  ? 34  U   A O2    1 
ATOM   736  N  N3    . U   A 1 34 ? 7.881  -4.715  8.912   1.00 59.54  ? 34  U   A N3    1 
ATOM   737  C  C4    . U   A 1 34 ? 7.496  -4.960  7.613   1.00 59.53  ? 34  U   A C4    1 
ATOM   738  O  O4    . U   A 1 34 ? 8.266  -4.687  6.693   1.00 60.09  ? 34  U   A O4    1 
ATOM   739  C  C5    . U   A 1 34 ? 6.190  -5.528  7.474   1.00 59.00  ? 34  U   A C5    1 
ATOM   740  C  C6    . U   A 1 34 ? 5.460  -5.791  8.565   1.00 58.74  ? 34  U   A C6    1 
ATOM   741  P  P     . U   A 1 35 ? 1.357  -2.788  10.869  1.00 64.09  ? 35  U   A P     1 
ATOM   742  O  OP1   . U   A 1 35 ? 0.105  -2.403  11.571  1.00 59.80  ? 35  U   A OP1   1 
ATOM   743  O  OP2   . U   A 1 35 ? 1.349  -2.937  9.383   1.00 61.16  ? 35  U   A OP2   1 
ATOM   744  O  "O5'" . U   A 1 35 ? 2.453  -1.706  11.264  1.00 61.59  ? 35  U   A "O5'" 1 
ATOM   745  C  "C5'" . U   A 1 35 ? 2.641  -1.357  12.625  1.00 60.12  ? 35  U   A "C5'" 1 
ATOM   746  C  "C4'" . U   A 1 35 ? 3.940  -0.627  12.797  1.00 57.79  ? 35  U   A "C4'" 1 
ATOM   747  O  "O4'" . U   A 1 35 ? 5.023  -1.459  12.318  1.00 57.40  ? 35  U   A "O4'" 1 
ATOM   748  C  "C3'" . U   A 1 35 ? 4.104  0.626   11.968  1.00 57.11  ? 35  U   A "C3'" 1 
ATOM   749  O  "O3'" . U   A 1 35 ? 3.455  1.721   12.583  1.00 58.14  ? 35  U   A "O3'" 1 
ATOM   750  C  "C2'" . U   A 1 35 ? 5.614  0.815   11.989  1.00 56.41  ? 35  U   A "C2'" 1 
ATOM   751  O  "O2'" . U   A 1 35 ? 6.077  1.468   13.154  1.00 57.49  ? 35  U   A "O2'" 1 
ATOM   752  C  "C1'" . U   A 1 35 ? 6.107  -0.633  11.948  1.00 54.61  ? 35  U   A "C1'" 1 
ATOM   753  N  N1    . U   A 1 35 ? 6.556  -1.006  10.606  1.00 48.90  ? 35  U   A N1    1 
ATOM   754  C  C2    . U   A 1 35 ? 7.829  -0.634  10.260  1.00 47.90  ? 35  U   A C2    1 
ATOM   755  O  O2    . U   A 1 35 ? 8.567  -0.048  11.027  1.00 48.11  ? 35  U   A O2    1 
ATOM   756  N  N3    . U   A 1 35 ? 8.206  -0.958  8.985   1.00 47.46  ? 35  U   A N3    1 
ATOM   757  C  C4    . U   A 1 35 ? 7.443  -1.597  8.036   1.00 47.21  ? 35  U   A C4    1 
ATOM   758  O  O4    . U   A 1 35 ? 7.898  -1.758  6.901   1.00 46.49  ? 35  U   A O4    1 
ATOM   759  C  C5    . U   A 1 35 ? 6.133  -1.969  8.480   1.00 46.75  ? 35  U   A C5    1 
ATOM   760  C  C6    . U   A 1 35 ? 5.746  -1.671  9.725   1.00 46.74  ? 35  U   A C6    1 
ATOM   761  P  P     . G   A 1 36 ? 2.643  2.768   11.686  1.00 58.77  ? 36  G   A P     1 
ATOM   762  O  OP1   . G   A 1 36 ? 2.373  3.990   12.490  1.00 57.08  ? 36  G   A OP1   1 
ATOM   763  O  OP2   . G   A 1 36 ? 1.515  2.020   11.088  1.00 57.26  ? 36  G   A OP2   1 
ATOM   764  O  "O5'" . G   A 1 36 ? 3.658  3.150   10.521  1.00 57.19  ? 36  G   A "O5'" 1 
ATOM   765  C  "C5'" . G   A 1 36 ? 4.891  3.850   10.760  1.00 54.91  ? 36  G   A "C5'" 1 
ATOM   766  C  "C4'" . G   A 1 36 ? 5.587  4.030   9.439   1.00 53.47  ? 36  G   A "C4'" 1 
ATOM   767  O  "O4'" . G   A 1 36 ? 5.760  2.739   8.829   1.00 53.37  ? 36  G   A "O4'" 1 
ATOM   768  C  "C3'" . G   A 1 36 ? 4.726  4.866   8.486   1.00 51.86  ? 36  G   A "C3'" 1 
ATOM   769  O  "O3'" . G   A 1 36 ? 5.661  5.646   7.727   1.00 49.81  ? 36  G   A "O3'" 1 
ATOM   770  C  "C2'" . G   A 1 36 ? 4.201  3.861   7.467   1.00 52.08  ? 36  G   A "C2'" 1 
ATOM   771  O  "O2'" . G   A 1 36 ? 3.997  4.319   6.154   1.00 53.16  ? 36  G   A "O2'" 1 
ATOM   772  C  "C1'" . G   A 1 36 ? 5.317  2.827   7.504   1.00 51.27  ? 36  G   A "C1'" 1 
ATOM   773  N  N9    . G   A 1 36 ? 5.012  1.517   6.976   1.00 46.20  ? 36  G   A N9    1 
ATOM   774  C  C8    . G   A 1 36 ? 3.951  0.713   7.292   1.00 44.14  ? 36  G   A C8    1 
ATOM   775  N  N7    . G   A 1 36 ? 3.940  -0.396  6.601   1.00 44.21  ? 36  G   A N7    1 
ATOM   776  C  C5    . G   A 1 36 ? 5.066  -0.311  5.791   1.00 41.52  ? 36  G   A C5    1 
ATOM   777  C  C6    . G   A 1 36 ? 5.562  -1.200  4.834   1.00 40.59  ? 36  G   A C6    1 
ATOM   778  O  O6    . G   A 1 36 ? 5.092  -2.275  4.490   1.00 43.06  ? 36  G   A O6    1 
ATOM   779  N  N1    . G   A 1 36 ? 6.724  -0.732  4.240   1.00 39.84  ? 36  G   A N1    1 
ATOM   780  C  C2    . G   A 1 36 ? 7.331  0.453   4.530   1.00 41.18  ? 36  G   A C2    1 
ATOM   781  N  N2    . G   A 1 36 ? 8.441  0.731   3.840   1.00 40.23  ? 36  G   A N2    1 
ATOM   782  N  N3    . G   A 1 36 ? 6.876  1.304   5.430   1.00 41.82  ? 36  G   A N3    1 
ATOM   783  C  C4    . G   A 1 36 ? 5.742  0.857   6.018   1.00 43.00  ? 36  G   A C4    1 
ATOM   784  P  P     . U   A 1 37 ? 5.771  7.227   7.894   1.00 48.03  ? 37  U   A P     1 
ATOM   785  O  OP1   . U   A 1 37 ? 6.214  7.518   9.281   1.00 47.47  ? 37  U   A OP1   1 
ATOM   786  O  OP2   . U   A 1 37 ? 4.485  7.786   7.410   1.00 46.27  ? 37  U   A OP2   1 
ATOM   787  O  "O5'" . U   A 1 37 ? 6.932  7.614   6.853   1.00 43.19  ? 37  U   A "O5'" 1 
ATOM   788  C  "C5'" . U   A 1 37 ? 8.337  7.365   7.108   1.00 42.96  ? 37  U   A "C5'" 1 
ATOM   789  C  "C4'" . U   A 1 37 ? 9.069  7.158   5.787   1.00 42.04  ? 37  U   A "C4'" 1 
ATOM   790  O  "O4'" . U   A 1 37 ? 8.705  5.887   5.218   1.00 39.31  ? 37  U   A "O4'" 1 
ATOM   791  C  "C3'" . U   A 1 37 ? 8.708  8.233   4.769   1.00 41.88  ? 37  U   A "C3'" 1 
ATOM   792  O  "O3'" . U   A 1 37 ? 9.877  8.733   4.075   1.00 43.84  ? 37  U   A "O3'" 1 
ATOM   793  C  "C2'" . U   A 1 37 ? 7.956  7.479   3.670   1.00 42.00  ? 37  U   A "C2'" 1 
ATOM   794  O  "O2'" . U   A 1 37 ? 8.152  7.940   2.356   1.00 41.50  ? 37  U   A "O2'" 1 
ATOM   795  C  "C1'" . U   A 1 37 ? 8.491  6.061   3.852   1.00 39.08  ? 37  U   A "C1'" 1 
ATOM   796  N  N1    . U   A 1 37 ? 7.711  4.937   3.335   1.00 36.57  ? 37  U   A N1    1 
ATOM   797  C  C2    . U   A 1 37 ? 8.247  4.236   2.261   1.00 36.21  ? 37  U   A C2    1 
ATOM   798  O  O2    . U   A 1 37 ? 9.302  4.542   1.716   1.00 36.61  ? 37  U   A O2    1 
ATOM   799  N  N3    . U   A 1 37 ? 7.509  3.163   1.852   1.00 34.20  ? 37  U   A N3    1 
ATOM   800  C  C4    . U   A 1 37 ? 6.323  2.727   2.390   1.00 35.08  ? 37  U   A C4    1 
ATOM   801  O  O4    . U   A 1 37 ? 5.810  1.693   1.956   1.00 38.30  ? 37  U   A O4    1 
ATOM   802  C  C5    . U   A 1 37 ? 5.827  3.518   3.475   1.00 34.56  ? 37  U   A C5    1 
ATOM   803  C  C6    . U   A 1 37 ? 6.519  4.574   3.895   1.00 35.93  ? 37  U   A C6    1 
ATOM   804  P  P     . A   A 1 38 ? 11.061 9.522   4.833   1.00 43.92  ? 38  A   A P     1 
ATOM   805  O  OP1   . A   A 1 38 ? 11.937 8.569   5.538   1.00 47.63  ? 38  A   A OP1   1 
ATOM   806  O  OP2   . A   A 1 38 ? 10.489 10.651  5.573   1.00 45.66  ? 38  A   A OP2   1 
ATOM   807  O  "O5'" . A   A 1 38 ? 11.931 10.071  3.616   1.00 42.78  ? 38  A   A "O5'" 1 
ATOM   808  C  "C5'" . A   A 1 38 ? 13.353 9.934   3.612   1.00 42.07  ? 38  A   A "C5'" 1 
ATOM   809  C  "C4'" . A   A 1 38 ? 13.877 9.862   2.191   1.00 43.22  ? 38  A   A "C4'" 1 
ATOM   810  O  "O4'" . A   A 1 38 ? 13.609 8.553   1.617   1.00 40.80  ? 38  A   A "O4'" 1 
ATOM   811  C  "C3'" . A   A 1 38 ? 13.260 10.846  1.207   1.00 42.73  ? 38  A   A "C3'" 1 
ATOM   812  O  "O3'" . A   A 1 38 ? 13.918 12.102  1.254   1.00 42.86  ? 38  A   A "O3'" 1 
ATOM   813  C  "C2'" . A   A 1 38 ? 13.518 10.156  -0.122  1.00 41.61  ? 38  A   A "C2'" 1 
ATOM   814  O  "O2'" . A   A 1 38 ? 14.863 10.303  -0.530  1.00 40.01  ? 38  A   A "O2'" 1 
ATOM   815  C  "C1'" . A   A 1 38 ? 13.248 8.696   0.250   1.00 39.83  ? 38  A   A "C1'" 1 
ATOM   816  N  N9    . A   A 1 38 ? 11.838 8.331   0.119   1.00 36.78  ? 38  A   A N9    1 
ATOM   817  C  C8    . A   A 1 38 ? 10.966 8.040   1.137   1.00 36.39  ? 38  A   A C8    1 
ATOM   818  N  N7    . A   A 1 38 ? 9.766  7.720   0.728   1.00 33.73  ? 38  A   A N7    1 
ATOM   819  C  C5    . A   A 1 38 ? 9.845  7.813   -0.650  1.00 32.81  ? 38  A   A C5    1 
ATOM   820  C  C6    . A   A 1 38 ? 8.906  7.580   -1.668  1.00 34.51  ? 38  A   A C6    1 
ATOM   821  N  N6    . A   A 1 38 ? 7.645  7.193   -1.445  1.00 34.52  ? 38  A   A N6    1 
ATOM   822  N  N1    . A   A 1 38 ? 9.307  7.753   -2.945  1.00 33.97  ? 38  A   A N1    1 
ATOM   823  C  C2    . A   A 1 38 ? 10.571 8.134   -3.172  1.00 34.53  ? 38  A   A C2    1 
ATOM   824  N  N3    . A   A 1 38 ? 11.546 8.378   -2.299  1.00 35.15  ? 38  A   A N3    1 
ATOM   825  C  C4    . A   A 1 38 ? 11.115 8.195   -1.041  1.00 34.41  ? 38  A   A C4    1 
ATOM   826  P  P     . A   A 1 39 ? 13.052 13.456  1.257   1.00 43.78  ? 39  A   A P     1 
ATOM   827  O  OP1   . A   A 1 39 ? 14.004 14.594  1.408   1.00 43.32  ? 39  A   A OP1   1 
ATOM   828  O  OP2   . A   A 1 39 ? 11.937 13.291  2.221   1.00 42.37  ? 39  A   A OP2   1 
ATOM   829  O  "O5'" . A   A 1 39 ? 12.416 13.535  -0.193  1.00 44.65  ? 39  A   A "O5'" 1 
ATOM   830  C  "C5'" . A   A 1 39 ? 13.229 13.639  -1.350  1.00 44.91  ? 39  A   A "C5'" 1 
ATOM   831  C  "C4'" . A   A 1 39 ? 12.410 13.293  -2.561  1.00 45.42  ? 39  A   A "C4'" 1 
ATOM   832  O  "O4'" . A   A 1 39 ? 11.947 11.920  -2.426  1.00 44.93  ? 39  A   A "O4'" 1 
ATOM   833  C  "C3'" . A   A 1 39 ? 11.122 14.087  -2.688  1.00 44.93  ? 39  A   A "C3'" 1 
ATOM   834  O  "O3'" . A   A 1 39 ? 11.326 15.335  -3.319  1.00 46.45  ? 39  A   A "O3'" 1 
ATOM   835  C  "C2'" . A   A 1 39 ? 10.275 13.166  -3.550  1.00 44.86  ? 39  A   A "C2'" 1 
ATOM   836  O  "O2'" . A   A 1 39 ? 10.616 13.245  -4.917  1.00 45.94  ? 39  A   A "O2'" 1 
ATOM   837  C  "C1'" . A   A 1 39 ? 10.643 11.797  -2.973  1.00 42.88  ? 39  A   A "C1'" 1 
ATOM   838  N  N9    . A   A 1 39 ? 9.716  11.389  -1.913  1.00 39.64  ? 39  A   A N9    1 
ATOM   839  C  C8    . A   A 1 39 ? 9.858  11.463  -0.549  1.00 38.84  ? 39  A   A C8    1 
ATOM   840  N  N7    . A   A 1 39 ? 8.796  11.065  0.113   1.00 37.67  ? 39  A   A N7    1 
ATOM   841  C  C5    . A   A 1 39 ? 7.904  10.688  -0.881  1.00 35.50  ? 39  A   A C5    1 
ATOM   842  C  C6    . A   A 1 39 ? 6.589  10.181  -0.840  1.00 35.86  ? 39  A   A C6    1 
ATOM   843  N  N6    . A   A 1 39 ? 5.902  9.959   0.280   1.00 35.57  ? 39  A   A N6    1 
ATOM   844  N  N1    . A   A 1 39 ? 5.990  9.906   -2.018  1.00 34.95  ? 39  A   A N1    1 
ATOM   845  C  C2    . A   A 1 39 ? 6.666  10.133  -3.151  1.00 35.52  ? 39  A   A C2    1 
ATOM   846  N  N3    . A   A 1 39 ? 7.894  10.609  -3.318  1.00 34.88  ? 39  A   A N3    1 
ATOM   847  C  C4    . A   A 1 39 ? 8.464  10.871  -2.131  1.00 37.05  ? 39  A   A C4    1 
ATOM   848  P  P     . C   A 1 40 ? 10.563 16.631  -2.769  1.00 46.45  ? 40  C   A P     1 
ATOM   849  O  OP1   . C   A 1 40 ? 11.171 17.797  -3.450  1.00 49.67  ? 40  C   A OP1   1 
ATOM   850  O  OP2   . C   A 1 40 ? 10.528 16.578  -1.289  1.00 48.60  ? 40  C   A OP2   1 
ATOM   851  O  "O5'" . C   A 1 40 ? 9.077  16.497  -3.314  1.00 44.87  ? 40  C   A "O5'" 1 
ATOM   852  C  "C5'" . C   A 1 40 ? 8.829  16.549  -4.707  1.00 44.25  ? 40  C   A "C5'" 1 
ATOM   853  C  "C4'" . C   A 1 40 ? 7.501  15.917  -5.024  1.00 43.83  ? 40  C   A "C4'" 1 
ATOM   854  O  "O4'" . C   A 1 40 ? 7.495  14.546  -4.543  1.00 43.03  ? 40  C   A "O4'" 1 
ATOM   855  C  "C3'" . C   A 1 40 ? 6.296  16.520  -4.332  1.00 43.99  ? 40  C   A "C3'" 1 
ATOM   856  O  "O3'" . C   A 1 40 ? 5.847  17.706  -4.978  1.00 43.97  ? 40  C   A "O3'" 1 
ATOM   857  C  "C2'" . C   A 1 40 ? 5.297  15.382  -4.473  1.00 44.29  ? 40  C   A "C2'" 1 
ATOM   858  O  "O2'" . C   A 1 40 ? 4.843  15.230  -5.802  1.00 46.43  ? 40  C   A "O2'" 1 
ATOM   859  C  "C1'" . C   A 1 40 ? 6.182  14.186  -4.150  1.00 42.22  ? 40  C   A "C1'" 1 
ATOM   860  N  N1    . C   A 1 40 ? 6.173  13.878  -2.711  1.00 41.61  ? 40  C   A N1    1 
ATOM   861  C  C2    . C   A 1 40 ? 5.063  13.209  -2.192  1.00 41.60  ? 40  C   A C2    1 
ATOM   862  O  O2    . C   A 1 40 ? 4.176  12.850  -2.966  1.00 43.50  ? 40  C   A O2    1 
ATOM   863  N  N3    . C   A 1 40 ? 4.992  12.961  -0.867  1.00 41.15  ? 40  C   A N3    1 
ATOM   864  C  C4    . C   A 1 40 ? 5.997  13.327  -0.068  1.00 40.57  ? 40  C   A C4    1 
ATOM   865  N  N4    . C   A 1 40 ? 5.894  13.049  1.231   1.00 36.62  ? 40  C   A N4    1 
ATOM   866  C  C5    . C   A 1 40 ? 7.160  13.990  -0.573  1.00 39.51  ? 40  C   A C5    1 
ATOM   867  C  C6    . C   A 1 40 ? 7.204  14.244  -1.890  1.00 41.31  ? 40  C   A C6    1 
ATOM   868  P  P     . C   A 1 41 ? 5.071  18.823  -4.125  1.00 48.21  ? 41  C   A P     1 
ATOM   869  O  OP1   . C   A 1 41 ? 4.912  20.028  -4.973  1.00 47.33  ? 41  C   A OP1   1 
ATOM   870  O  OP2   . C   A 1 41 ? 5.727  18.941  -2.801  1.00 44.15  ? 41  C   A OP2   1 
ATOM   871  O  "O5'" . C   A 1 41 ? 3.626  18.205  -3.896  1.00 45.73  ? 41  C   A "O5'" 1 
ATOM   872  C  "C5'" . C   A 1 41 ? 2.769  17.931  -4.995  1.00 45.72  ? 41  C   A "C5'" 1 
ATOM   873  C  "C4'" . C   A 1 41 ? 1.452  17.397  -4.494  1.00 46.07  ? 41  C   A "C4'" 1 
ATOM   874  O  "O4'" . C   A 1 41 ? 1.640  16.100  -3.864  1.00 46.26  ? 41  C   A "O4'" 1 
ATOM   875  C  "C3'" . C   A 1 41 ? 0.828  18.199  -3.372  1.00 47.27  ? 41  C   A "C3'" 1 
ATOM   876  O  "O3'" . C   A 1 41 ? 0.214  19.383  -3.850  1.00 49.48  ? 41  C   A "O3'" 1 
ATOM   877  C  "C2'" . C   A 1 41 ? -0.167 17.194  -2.802  1.00 45.38  ? 41  C   A "C2'" 1 
ATOM   878  O  "O2'" . C   A 1 41 ? -1.298 17.013  -3.628  1.00 46.79  ? 41  C   A "O2'" 1 
ATOM   879  C  "C1'" . C   A 1 41 ? 0.670  15.921  -2.838  1.00 43.04  ? 41  C   A "C1'" 1 
ATOM   880  N  N1    . C   A 1 41 ? 1.362  15.682  -1.558  1.00 36.14  ? 41  C   A N1    1 
ATOM   881  C  C2    . C   A 1 41 ? 0.648  15.096  -0.503  1.00 35.01  ? 41  C   A C2    1 
ATOM   882  O  O2    . C   A 1 41 ? -0.536 14.780  -0.673  1.00 33.83  ? 41  C   A O2    1 
ATOM   883  N  N3    . C   A 1 41 ? 1.265  14.884  0.669   1.00 34.35  ? 41  C   A N3    1 
ATOM   884  C  C4    . C   A 1 41 ? 2.547  15.224  0.820   1.00 33.88  ? 41  C   A C4    1 
ATOM   885  N  N4    . C   A 1 41 ? 3.113  15.002  2.005   1.00 34.85  ? 41  C   A N4    1 
ATOM   886  C  C5    . C   A 1 41 ? 3.299  15.808  -0.231  1.00 33.80  ? 41  C   A C5    1 
ATOM   887  C  C6    . C   A 1 41 ? 2.672  16.022  -1.393  1.00 35.26  ? 41  C   A C6    1 
ATOM   888  P  P     . G   A 1 42 ? 0.197  20.684  -2.919  1.00 49.87  ? 42  G   A P     1 
ATOM   889  O  OP1   . G   A 1 42 ? -0.325 21.768  -3.785  1.00 52.40  ? 42  G   A OP1   1 
ATOM   890  O  OP2   . G   A 1 42 ? 1.515  20.843  -2.256  1.00 48.48  ? 42  G   A OP2   1 
ATOM   891  O  "O5'" . G   A 1 42 ? -0.881 20.339  -1.800  1.00 47.99  ? 42  G   A "O5'" 1 
ATOM   892  C  "C5'" . G   A 1 42 ? -2.238 20.138  -2.155  1.00 51.10  ? 42  G   A "C5'" 1 
ATOM   893  C  "C4'" . G   A 1 42 ? -3.022 19.659  -0.962  1.00 53.32  ? 42  G   A "C4'" 1 
ATOM   894  O  "O4'" . G   A 1 42 ? -2.554 18.337  -0.573  1.00 53.05  ? 42  G   A "O4'" 1 
ATOM   895  C  "C3'" . G   A 1 42 ? -2.857 20.457  0.319   1.00 53.65  ? 42  G   A "C3'" 1 
ATOM   896  O  "O3'" . G   A 1 42 ? -3.610 21.664  0.317   1.00 55.95  ? 42  G   A "O3'" 1 
ATOM   897  C  "C2'" . G   A 1 42 ? -3.382 19.463  1.340   1.00 52.26  ? 42  G   A "C2'" 1 
ATOM   898  O  "O2'" . G   A 1 42 ? -4.793 19.376  1.294   1.00 53.31  ? 42  G   A "O2'" 1 
ATOM   899  C  "C1'" . G   A 1 42 ? -2.753 18.165  0.823   1.00 49.71  ? 42  G   A "C1'" 1 
ATOM   900  N  N9    . G   A 1 42 ? -1.462 17.914  1.457   1.00 44.80  ? 42  G   A N9    1 
ATOM   901  C  C8    . G   A 1 42 ? -0.224 18.285  1.004   1.00 42.79  ? 42  G   A C8    1 
ATOM   902  N  N7    . G   A 1 42 ? 0.736  17.992  1.840   1.00 41.42  ? 42  G   A N7    1 
ATOM   903  C  C5    . G   A 1 42 ? 0.092  17.372  2.901   1.00 40.87  ? 42  G   A C5    1 
ATOM   904  C  C6    . G   A 1 42 ? 0.607  16.847  4.110   1.00 40.48  ? 42  G   A C6    1 
ATOM   905  O  O6    . G   A 1 42 ? 1.779  16.826  4.511   1.00 40.26  ? 42  G   A O6    1 
ATOM   906  N  N1    . G   A 1 42 ? -0.396 16.304  4.899   1.00 39.84  ? 42  G   A N1    1 
ATOM   907  C  C2    . G   A 1 42 ? -1.718 16.264  4.570   1.00 40.58  ? 42  G   A C2    1 
ATOM   908  N  N2    . G   A 1 42 ? -2.521 15.682  5.464   1.00 40.85  ? 42  G   A N2    1 
ATOM   909  N  N3    . G   A 1 42 ? -2.216 16.751  3.451   1.00 42.58  ? 42  G   A N3    1 
ATOM   910  C  C4    . G   A 1 42 ? -1.260 17.292  2.668   1.00 42.67  ? 42  G   A C4    1 
ATOM   911  P  P     . A   A 1 43 ? -2.940 23.015  0.879   1.00 56.47  ? 43  A   A P     1 
ATOM   912  O  OP1   . A   A 1 43 ? -3.819 24.135  0.461   1.00 54.65  ? 43  A   A OP1   1 
ATOM   913  O  OP2   . A   A 1 43 ? -1.498 23.042  0.525   1.00 52.42  ? 43  A   A OP2   1 
ATOM   914  O  "O5'" . A   A 1 43 ? -3.014 22.859  2.457   1.00 54.81  ? 43  A   A "O5'" 1 
ATOM   915  C  "C5'" . A   A 1 43 ? -2.204 23.665  3.296   1.00 52.48  ? 43  A   A "C5'" 1 
ATOM   916  C  "C4'" . A   A 1 43 ? -2.708 23.588  4.708   1.00 51.52  ? 43  A   A "C4'" 1 
ATOM   917  O  "O4'" . A   A 1 43 ? -4.088 24.031  4.733   1.00 51.04  ? 43  A   A "O4'" 1 
ATOM   918  C  "C3'" . A   A 1 43 ? -2.750 22.182  5.268   1.00 51.46  ? 43  A   A "C3'" 1 
ATOM   919  O  "O3'" . A   A 1 43 ? -1.490 21.865  5.847   1.00 52.01  ? 43  A   A "O3'" 1 
ATOM   920  C  "C2'" . A   A 1 43 ? -3.862 22.272  6.306   1.00 50.63  ? 43  A   A "C2'" 1 
ATOM   921  O  "O2'" . A   A 1 43 ? -3.405 22.868  7.495   1.00 50.82  ? 43  A   A "O2'" 1 
ATOM   922  C  "C1'" . A   A 1 43 ? -4.839 23.230  5.623   1.00 49.82  ? 43  A   A "C1'" 1 
ATOM   923  N  N9    . A   A 1 43 ? -5.914 22.613  4.850   1.00 46.34  ? 43  A   A N9    1 
ATOM   924  C  C8    . A   A 1 43 ? -6.002 22.574  3.482   1.00 45.05  ? 43  A   A C8    1 
ATOM   925  N  N7    . A   A 1 43 ? -7.107 22.034  3.039   1.00 45.60  ? 43  A   A N7    1 
ATOM   926  C  C5    . A   A 1 43 ? -7.791 21.674  4.190   1.00 44.24  ? 43  A   A C5    1 
ATOM   927  C  C6    . A   A 1 43 ? -9.039 21.068  4.388   1.00 43.37  ? 43  A   A C6    1 
ATOM   928  N  N6    . A   A 1 43 ? -9.841 20.708  3.389   1.00 42.35  ? 43  A   A N6    1 
ATOM   929  N  N1    . A   A 1 43 ? -9.437 20.845  5.663   1.00 45.89  ? 43  A   A N1    1 
ATOM   930  C  C2    . A   A 1 43 ? -8.620 21.211  6.661   1.00 47.33  ? 43  A   A C2    1 
ATOM   931  N  N3    . A   A 1 43 ? -7.416 21.792  6.598   1.00 47.64  ? 43  A   A N3    1 
ATOM   932  C  C4    . A   A 1 43 ? -7.057 22.003  5.318   1.00 46.24  ? 43  A   A C4    1 
ATOM   933  P  P     . A   A 1 44 ? -0.919 20.369  5.726   1.00 49.49  ? 44  A   A P     1 
ATOM   934  O  OP1   . A   A 1 44 ? 0.481  20.368  6.238   1.00 51.69  ? 44  A   A OP1   1 
ATOM   935  O  OP2   . A   A 1 44 ? -1.202 19.887  4.352   1.00 47.92  ? 44  A   A OP2   1 
ATOM   936  O  "O5'" . A   A 1 44 ? -1.794 19.564  6.779   1.00 47.21  ? 44  A   A "O5'" 1 
ATOM   937  C  "C5'" . A   A 1 44 ? -1.662 19.857  8.164   1.00 44.00  ? 44  A   A "C5'" 1 
ATOM   938  C  "C4'" . A   A 1 44 ? -2.808 19.273  8.946   1.00 42.67  ? 44  A   A "C4'" 1 
ATOM   939  O  "O4'" . A   A 1 44 ? -4.062 19.802  8.456   1.00 42.49  ? 44  A   A "O4'" 1 
ATOM   940  C  "C3'" . A   A 1 44 ? -2.974 17.775  8.846   1.00 41.13  ? 44  A   A "C3'" 1 
ATOM   941  O  "O3'" . A   A 1 44 ? -2.100 17.162  9.768   1.00 39.55  ? 44  A   A "O3'" 1 
ATOM   942  C  "C2'" . A   A 1 44 ? -4.431 17.600  9.248   1.00 42.78  ? 44  A   A "C2'" 1 
ATOM   943  O  "O2'" . A   A 1 44 ? -4.621 17.693  10.647  1.00 45.05  ? 44  A   A "O2'" 1 
ATOM   944  C  "C1'" . A   A 1 44 ? -5.069 18.814  8.576   1.00 42.26  ? 44  A   A "C1'" 1 
ATOM   945  N  N9    . A   A 1 44 ? -5.597 18.556  7.241   1.00 43.91  ? 44  A   A N9    1 
ATOM   946  C  C8    . A   A 1 44 ? -4.933 18.623  6.038   1.00 44.67  ? 44  A   A C8    1 
ATOM   947  N  N7    . A   A 1 44 ? -5.703 18.415  4.994   1.00 44.77  ? 44  A   A N7    1 
ATOM   948  C  C5    . A   A 1 44 ? -6.953 18.174  5.551   1.00 44.12  ? 44  A   A C5    1 
ATOM   949  C  C6    . A   A 1 44 ? -8.204 17.898  4.976   1.00 43.78  ? 44  A   A C6    1 
ATOM   950  N  N6    . A   A 1 44 ? -8.399 17.810  3.662   1.00 42.58  ? 44  A   A N6    1 
ATOM   951  N  N1    . A   A 1 44 ? -9.256 17.712  5.807   1.00 44.66  ? 44  A   A N1    1 
ATOM   952  C  C2    . A   A 1 44 ? -9.048 17.797  7.133   1.00 45.92  ? 44  A   A C2    1 
ATOM   953  N  N3    . A   A 1 44 ? -7.918 18.052  7.795   1.00 46.34  ? 44  A   A N3    1 
ATOM   954  C  C4    . A   A 1 44 ? -6.898 18.238  6.934   1.00 44.61  ? 44  A   A C4    1 
ATOM   955  P  P     . A   A 1 45 ? -1.448 15.745  9.422   1.00 43.14  ? 45  A   A P     1 
ATOM   956  O  OP1   . A   A 1 45 ? -0.396 15.512  10.436  1.00 43.44  ? 45  A   A OP1   1 
ATOM   957  O  OP2   . A   A 1 45 ? -1.111 15.681  7.975   1.00 38.27  ? 45  A   A OP2   1 
ATOM   958  O  "O5'" . A   A 1 45 ? -2.620 14.726  9.755   1.00 43.46  ? 45  A   A "O5'" 1 
ATOM   959  C  "C5'" . A   A 1 45 ? -3.217 14.709  11.056  1.00 41.23  ? 45  A   A "C5'" 1 
ATOM   960  C  "C4'" . A   A 1 45 ? -4.524 13.965  11.009  1.00 40.98  ? 45  A   A "C4'" 1 
ATOM   961  O  "O4'" . A   A 1 45 ? -5.463 14.709  10.199  1.00 39.47  ? 45  A   A "O4'" 1 
ATOM   962  C  "C3'" . A   A 1 45 ? -4.436 12.616  10.323  1.00 41.16  ? 45  A   A "C3'" 1 
ATOM   963  O  "O3'" . A   A 1 45 ? -4.026 11.620  11.242  1.00 40.30  ? 45  A   A "O3'" 1 
ATOM   964  C  "C2'" . A   A 1 45 ? -5.867 12.392  9.864   1.00 40.05  ? 45  A   A "C2'" 1 
ATOM   965  O  "O2'" . A   A 1 45 ? -6.677 11.898  10.903  1.00 42.73  ? 45  A   A "O2'" 1 
ATOM   966  C  "C1'" . A   A 1 45 ? -6.298 13.811  9.503   1.00 38.55  ? 45  A   A "C1'" 1 
ATOM   967  N  N9    . A   A 1 45 ? -6.178 14.092  8.079   1.00 38.61  ? 45  A   A N9    1 
ATOM   968  C  C8    . A   A 1 45 ? -5.042 14.285  7.333   1.00 38.12  ? 45  A   A C8    1 
ATOM   969  N  N7    . A   A 1 45 ? -5.280 14.505  6.061   1.00 38.16  ? 45  A   A N7    1 
ATOM   970  C  C5    . A   A 1 45 ? -6.664 14.458  5.971   1.00 37.94  ? 45  A   A C5    1 
ATOM   971  C  C6    . A   A 1 45 ? -7.540 14.602  4.893   1.00 39.91  ? 45  A   A C6    1 
ATOM   972  N  N6    . A   A 1 45 ? -7.136 14.842  3.641   1.00 40.65  ? 45  A   A N6    1 
ATOM   973  N  N1    . A   A 1 45 ? -8.865 14.490  5.139   1.00 40.97  ? 45  A   A N1    1 
ATOM   974  C  C2    . A   A 1 45 ? -9.261 14.246  6.394   1.00 41.33  ? 45  A   A C2    1 
ATOM   975  N  N3    . A   A 1 45 ? -8.531 14.088  7.487   1.00 39.08  ? 45  A   A N3    1 
ATOM   976  C  C4    . A   A 1 45 ? -7.227 14.205  7.204   1.00 38.11  ? 45  A   A C4    1 
ATOM   977  P  P     . G   A 1 46 ? -3.044 10.450  10.756  1.00 39.83  ? 46  G   A P     1 
ATOM   978  O  OP1   . G   A 1 46 ? -3.004 9.496   11.886  1.00 42.96  ? 46  G   A OP1   1 
ATOM   979  O  OP2   . G   A 1 46 ? -1.787 11.029  10.233  1.00 41.45  ? 46  G   A OP2   1 
ATOM   980  O  "O5'" . G   A 1 46 ? -3.832 9.787   9.545   1.00 39.89  ? 46  G   A "O5'" 1 
ATOM   981  C  "C5'" . G   A 1 46 ? -3.168 9.377   8.366   1.00 39.82  ? 46  G   A "C5'" 1 
ATOM   982  C  "C4'" . G   A 1 46 ? -3.981 9.786   7.165   1.00 40.17  ? 46  G   A "C4'" 1 
ATOM   983  O  "O4'" . G   A 1 46 ? -3.995 11.235  7.064   1.00 40.47  ? 46  G   A "O4'" 1 
ATOM   984  C  "C3'" . G   A 1 46 ? -3.416 9.331   5.836   1.00 40.15  ? 46  G   A "C3'" 1 
ATOM   985  O  "O3'" . G   A 1 46 ? -3.836 8.017   5.544   1.00 42.05  ? 46  G   A "O3'" 1 
ATOM   986  C  "C2'" . G   A 1 46 ? -3.984 10.359  4.872   1.00 39.02  ? 46  G   A "C2'" 1 
ATOM   987  O  "O2'" . G   A 1 46 ? -5.333 10.146  4.529   1.00 40.34  ? 46  G   A "O2'" 1 
ATOM   988  C  "C1'" . G   A 1 46 ? -3.834 11.628  5.704   1.00 37.84  ? 46  G   A "C1'" 1 
ATOM   989  N  N9    . G   A 1 46 ? -2.480 12.147  5.543   1.00 38.16  ? 46  G   A N9    1 
ATOM   990  C  C8    . G   A 1 46 ? -1.473 12.146  6.470   1.00 37.07  ? 46  G   A C8    1 
ATOM   991  N  N7    . G   A 1 46 ? -0.358 12.635  6.010   1.00 36.23  ? 46  G   A N7    1 
ATOM   992  C  C5    . G   A 1 46 ? -0.648 12.987  4.702   1.00 35.31  ? 46  G   A C5    1 
ATOM   993  C  C6    . G   A 1 46 ? 0.178  13.548  3.694   1.00 37.31  ? 46  G   A C6    1 
ATOM   994  O  O6    . G   A 1 46 ? 1.369  13.839  3.750   1.00 39.87  ? 46  G   A O6    1 
ATOM   995  N  N1    . G   A 1 46 ? -0.521 13.752  2.517   1.00 39.13  ? 46  G   A N1    1 
ATOM   996  C  C2    . G   A 1 46 ? -1.840 13.443  2.318   1.00 39.06  ? 46  G   A C2    1 
ATOM   997  N  N2    . G   A 1 46 ? -2.334 13.713  1.104   1.00 37.66  ? 46  G   A N2    1 
ATOM   998  N  N3    . G   A 1 46 ? -2.619 12.908  3.246   1.00 37.91  ? 46  G   A N3    1 
ATOM   999  C  C4    . G   A 1 46 ? -1.958 12.708  4.405   1.00 36.97  ? 46  G   A C4    1 
ATOM   1000 P  P     . G   A 1 47 ? -2.836 7.028   4.782   1.00 45.42  ? 47  G   A P     1 
ATOM   1001 O  OP1   . G   A 1 47 ? -3.477 5.686   4.758   1.00 41.96  ? 47  G   A OP1   1 
ATOM   1002 O  OP2   . G   A 1 47 ? -1.479 7.193   5.376   1.00 37.90  ? 47  G   A OP2   1 
ATOM   1003 O  "O5'" . G   A 1 47 ? -2.774 7.603   3.302   1.00 43.91  ? 47  G   A "O5'" 1 
ATOM   1004 C  "C5'" . G   A 1 47 ? -3.947 7.772   2.529   1.00 41.44  ? 47  G   A "C5'" 1 
ATOM   1005 C  "C4'" . G   A 1 47 ? -3.609 8.499   1.255   1.00 40.98  ? 47  G   A "C4'" 1 
ATOM   1006 O  "O4'" . G   A 1 47 ? -3.126 9.830   1.574   1.00 40.70  ? 47  G   A "O4'" 1 
ATOM   1007 C  "C3'" . G   A 1 47 ? -2.450 7.913   0.475   1.00 39.64  ? 47  G   A "C3'" 1 
ATOM   1008 O  "O3'" . G   A 1 47 ? -2.842 6.791   -0.292  1.00 40.31  ? 47  G   A "O3'" 1 
ATOM   1009 C  "C2'" . G   A 1 47 ? -2.060 9.090   -0.402  1.00 40.54  ? 47  G   A "C2'" 1 
ATOM   1010 O  "O2'" . G   A 1 47 ? -2.930 9.270   -1.498  1.00 42.41  ? 47  G   A "O2'" 1 
ATOM   1011 C  "C1'" . G   A 1 47 ? -2.196 10.245  0.587   1.00 37.63  ? 47  G   A "C1'" 1 
ATOM   1012 N  N9    . G   A 1 47 ? -0.915 10.506  1.225   1.00 32.27  ? 47  G   A N9    1 
ATOM   1013 C  C8    . G   A 1 47 ? -0.519 10.227  2.514   1.00 29.50  ? 47  G   A C8    1 
ATOM   1014 N  N7    . G   A 1 47 ? 0.727  10.545  2.742   1.00 28.92  ? 47  G   A N7    1 
ATOM   1015 C  C5    . G   A 1 47 ? 1.172  11.068  1.533   1.00 29.21  ? 47  G   A C5    1 
ATOM   1016 C  C6    . G   A 1 47 ? 2.445  11.567  1.154   1.00 31.50  ? 47  G   A C6    1 
ATOM   1017 O  O6    . G   A 1 47 ? 3.468  11.653  1.834   1.00 34.87  ? 47  G   A O6    1 
ATOM   1018 N  N1    . G   A 1 47 ? 2.453  12.002  -0.175  1.00 29.50  ? 47  G   A N1    1 
ATOM   1019 C  C2    . G   A 1 47 ? 1.375  11.970  -1.020  1.00 30.68  ? 47  G   A C2    1 
ATOM   1020 N  N2    . G   A 1 47 ? 1.558  12.459  -2.260  1.00 31.80  ? 47  G   A N2    1 
ATOM   1021 N  N3    . G   A 1 47 ? 0.190  11.499  -0.676  1.00 30.41  ? 47  G   A N3    1 
ATOM   1022 C  C4    . G   A 1 47 ? 0.163  11.068  0.599   1.00 30.29  ? 47  G   A C4    1 
ATOM   1023 P  P     . G   A 1 48 ? -1.886 5.504   -0.355  1.00 39.59  ? 48  G   A P     1 
ATOM   1024 O  OP1   . G   A 1 48 ? -2.302 4.710   -1.529  1.00 40.42  ? 48  G   A OP1   1 
ATOM   1025 O  OP2   . G   A 1 48 ? -1.892 4.874   0.986   1.00 41.80  ? 48  G   A OP2   1 
ATOM   1026 O  "O5'" . G   A 1 48 ? -0.432 6.099   -0.633  1.00 39.39  ? 48  G   A "O5'" 1 
ATOM   1027 C  "C5'" . G   A 1 48 ? -0.018 6.436   -1.959  1.00 37.99  ? 48  G   A "C5'" 1 
ATOM   1028 C  "C4'" . G   A 1 48 ? 1.217  7.309   -1.929  1.00 37.93  ? 48  G   A "C4'" 1 
ATOM   1029 O  "O4'" . G   A 1 48 ? 2.380  6.523   -1.535  1.00 36.53  ? 48  G   A "O4'" 1 
ATOM   1030 C  "C3'" . G   A 1 48 ? 1.594  7.886   -3.285  1.00 37.69  ? 48  G   A "C3'" 1 
ATOM   1031 O  "O3'" . G   A 1 48 ? 0.857  9.081   -3.525  1.00 38.87  ? 48  G   A "O3'" 1 
ATOM   1032 C  "C2'" . G   A 1 48 ? 3.087  8.127   -3.119  1.00 35.54  ? 48  G   A "C2'" 1 
ATOM   1033 O  "O2'" . G   A 1 48 ? 3.363  9.276   -2.351  1.00 37.92  ? 48  G   A "O2'" 1 
ATOM   1034 C  "C1'" . G   A 1 48 ? 3.501  6.874   -2.339  1.00 35.54  ? 48  G   A "C1'" 1 
ATOM   1035 N  N9    . G   A 1 48 ? 3.778  5.754   -3.236  1.00 33.04  ? 48  G   A N9    1 
ATOM   1036 C  C8    . G   A 1 48 ? 2.952  4.687   -3.484  1.00 32.68  ? 48  G   A C8    1 
ATOM   1037 N  N7    . G   A 1 48 ? 3.410  3.885   -4.406  1.00 31.11  ? 48  G   A N7    1 
ATOM   1038 C  C5    . G   A 1 48 ? 4.621  4.444   -4.777  1.00 27.30  ? 48  G   A C5    1 
ATOM   1039 C  C6    . G   A 1 48 ? 5.548  4.029   -5.754  1.00 30.94  ? 48  G   A C6    1 
ATOM   1040 O  O6    . G   A 1 48 ? 5.477  3.057   -6.522  1.00 35.39  ? 48  G   A O6    1 
ATOM   1041 N  N1    . G   A 1 48 ? 6.648  4.876   -5.805  1.00 29.75  ? 48  G   A N1    1 
ATOM   1042 C  C2    . G   A 1 48 ? 6.829  5.983   -5.022  1.00 28.25  ? 48  G   A C2    1 
ATOM   1043 N  N2    . G   A 1 48 ? 7.963  6.664   -5.226  1.00 26.55  ? 48  G   A N2    1 
ATOM   1044 N  N3    . G   A 1 48 ? 5.964  6.392   -4.112  1.00 29.48  ? 48  G   A N3    1 
ATOM   1045 C  C4    . G   A 1 48 ? 4.884  5.579   -4.044  1.00 29.52  ? 48  G   A C4    1 
ATOM   1046 P  P     . G   A 1 49 ? 0.425  9.463   -5.017  1.00 39.84  ? 49  G   A P     1 
ATOM   1047 O  OP1   . G   A 1 49 ? -0.355 10.717  -4.939  1.00 38.50  ? 49  G   A OP1   1 
ATOM   1048 O  OP2   . G   A 1 49 ? -0.150 8.276   -5.697  1.00 33.43  ? 49  G   A OP2   1 
ATOM   1049 O  "O5'" . G   A 1 49 ? 1.801  9.830   -5.718  1.00 40.70  ? 49  G   A "O5'" 1 
ATOM   1050 C  "C5'" . G   A 1 49 ? 2.611  10.868  -5.201  1.00 40.58  ? 49  G   A "C5'" 1 
ATOM   1051 C  "C4'" . G   A 1 49 ? 3.922  10.906  -5.931  1.00 41.92  ? 49  G   A "C4'" 1 
ATOM   1052 O  "O4'" . G   A 1 49 ? 4.653  9.675   -5.691  1.00 40.76  ? 49  G   A "O4'" 1 
ATOM   1053 C  "C3'" . G   A 1 49 ? 3.817  10.944  -7.441  1.00 43.00  ? 49  G   A "C3'" 1 
ATOM   1054 O  "O3'" . G   A 1 49 ? 3.555  12.265  -7.884  1.00 46.27  ? 49  G   A "O3'" 1 
ATOM   1055 C  "C2'" . G   A 1 49 ? 5.210  10.483  -7.844  1.00 40.67  ? 49  G   A "C2'" 1 
ATOM   1056 O  "O2'" . G   A 1 49 ? 6.167  11.501  -7.670  1.00 40.91  ? 49  G   A "O2'" 1 
ATOM   1057 C  "C1'" . G   A 1 49 ? 5.453  9.381   -6.819  1.00 38.58  ? 49  G   A "C1'" 1 
ATOM   1058 N  N9    . G   A 1 49 ? 5.058  8.080   -7.339  1.00 32.25  ? 49  G   A N9    1 
ATOM   1059 C  C8    . G   A 1 49 ? 3.902  7.382   -7.078  1.00 30.58  ? 49  G   A C8    1 
ATOM   1060 N  N7    . G   A 1 49 ? 3.848  6.239   -7.708  1.00 29.58  ? 49  G   A N7    1 
ATOM   1061 C  C5    . G   A 1 49 ? 5.040  6.184   -8.423  1.00 29.10  ? 49  G   A C5    1 
ATOM   1062 C  C6    . G   A 1 49 ? 5.545  5.183   -9.290  1.00 32.74  ? 49  G   A C6    1 
ATOM   1063 O  O6    . G   A 1 49 ? 5.018  4.110   -9.621  1.00 35.61  ? 49  G   A O6    1 
ATOM   1064 N  N1    . G   A 1 49 ? 6.794  5.528   -9.794  1.00 32.59  ? 49  G   A N1    1 
ATOM   1065 C  C2    . G   A 1 49 ? 7.462  6.690   -9.507  1.00 33.64  ? 49  G   A C2    1 
ATOM   1066 N  N2    . G   A 1 49 ? 8.654  6.842   -10.092 1.00 35.16  ? 49  G   A N2    1 
ATOM   1067 N  N3    . G   A 1 49 ? 6.995  7.634   -8.710  1.00 30.82  ? 49  G   A N3    1 
ATOM   1068 C  C4    . G   A 1 49 ? 5.791  7.314   -8.206  1.00 29.30  ? 49  G   A C4    1 
ATOM   1069 P  P     . G   A 1 50 ? 3.113  12.514  -9.395  1.00 45.39  ? 50  G   A P     1 
ATOM   1070 O  OP1   . G   A 1 50 ? 3.223  13.980  -9.609  1.00 44.82  ? 50  G   A OP1   1 
ATOM   1071 O  OP2   . G   A 1 50 ? 1.823  11.821  -9.632  1.00 36.51  ? 50  G   A OP2   1 
ATOM   1072 O  "O5'" . G   A 1 50 ? 4.235  11.781  -10.257 1.00 44.64  ? 50  G   A "O5'" 1 
ATOM   1073 C  "C5'" . G   A 1 50 ? 4.897  12.450  -11.318 1.00 44.92  ? 50  G   A "C5'" 1 
ATOM   1074 C  "C4'" . G   A 1 50 ? 6.081  11.640  -11.790 1.00 44.20  ? 50  G   A "C4'" 1 
ATOM   1075 O  "O4'" . G   A 1 50 ? 6.137  10.376  -11.082 1.00 43.58  ? 50  G   A "O4'" 1 
ATOM   1076 C  "C3'" . G   A 1 50 ? 6.037  11.207  -13.240 1.00 42.75  ? 50  G   A "C3'" 1 
ATOM   1077 O  "O3'" . G   A 1 50 ? 6.440  12.255  -14.100 1.00 42.93  ? 50  G   A "O3'" 1 
ATOM   1078 C  "C2'" . G   A 1 50 ? 7.040  10.063  -13.253 1.00 41.21  ? 50  G   A "C2'" 1 
ATOM   1079 O  "O2'" . G   A 1 50 ? 8.378  10.512  -13.285 1.00 40.03  ? 50  G   A "O2'" 1 
ATOM   1080 C  "C1'" . G   A 1 50 ? 6.750  9.402   -11.909 1.00 40.17  ? 50  G   A "C1'" 1 
ATOM   1081 N  N9    . G   A 1 50 ? 5.851  8.258   -12.022 1.00 34.63  ? 50  G   A N9    1 
ATOM   1082 C  C8    . G   A 1 50 ? 4.620  8.115   -11.442 1.00 33.01  ? 50  G   A C8    1 
ATOM   1083 N  N7    . G   A 1 50 ? 4.054  6.975   -11.725 1.00 31.93  ? 50  G   A N7    1 
ATOM   1084 C  C5    . G   A 1 50 ? 4.969  6.326   -12.542 1.00 32.37  ? 50  G   A C5    1 
ATOM   1085 C  C6    . G   A 1 50 ? 4.914  5.038   -13.157 1.00 34.67  ? 50  G   A C6    1 
ATOM   1086 O  O6    . G   A 1 50 ? 4.013  4.177   -13.087 1.00 36.88  ? 50  G   A O6    1 
ATOM   1087 N  N1    . G   A 1 50 ? 6.054  4.777   -13.903 1.00 33.47  ? 50  G   A N1    1 
ATOM   1088 C  C2    . G   A 1 50 ? 7.125  5.625   -14.029 1.00 35.13  ? 50  G   A C2    1 
ATOM   1089 N  N2    . G   A 1 50 ? 8.145  5.174   -14.777 1.00 35.70  ? 50  G   A N2    1 
ATOM   1090 N  N3    . G   A 1 50 ? 7.190  6.821   -13.459 1.00 35.22  ? 50  G   A N3    1 
ATOM   1091 C  C4    . G   A 1 50 ? 6.081  7.102   -12.738 1.00 33.84  ? 50  G   A C4    1 
ATOM   1092 P  P     . A   A 1 51 ? 5.809  12.356  -15.570 1.00 42.07  ? 51  A   A P     1 
ATOM   1093 O  OP1   . A   A 1 51 ? 6.232  13.670  -16.114 1.00 39.64  ? 51  A   A OP1   1 
ATOM   1094 O  OP2   . A   A 1 51 ? 4.362  12.013  -15.477 1.00 36.34  ? 51  A   A OP2   1 
ATOM   1095 O  "O5'" . A   A 1 51 ? 6.517  11.207  -16.409 1.00 38.70  ? 51  A   A "O5'" 1 
ATOM   1096 C  "C5'" . A   A 1 51 ? 7.896  11.266  -16.702 1.00 37.49  ? 51  A   A "C5'" 1 
ATOM   1097 C  "C4'" . A   A 1 51 ? 8.334  9.975   -17.340 1.00 39.44  ? 51  A   A "C4'" 1 
ATOM   1098 O  "O4'" . A   A 1 51 ? 8.050  8.865   -16.438 1.00 39.85  ? 51  A   A "O4'" 1 
ATOM   1099 C  "C3'" . A   A 1 51 ? 7.584  9.577   -18.593 1.00 39.14  ? 51  A   A "C3'" 1 
ATOM   1100 O  "O3'" . A   A 1 51 ? 8.039  10.299  -19.726 1.00 41.12  ? 51  A   A "O3'" 1 
ATOM   1101 C  "C2'" . A   A 1 51 ? 7.891  8.086   -18.666 1.00 39.03  ? 51  A   A "C2'" 1 
ATOM   1102 O  "O2'" . A   A 1 51 ? 9.214  7.792   -19.091 1.00 38.06  ? 51  A   A "O2'" 1 
ATOM   1103 C  "C1'" . A   A 1 51 ? 7.760  7.697   -17.196 1.00 36.11  ? 51  A   A "C1'" 1 
ATOM   1104 N  N9    . A   A 1 51 ? 6.426  7.218   -16.829 1.00 30.75  ? 51  A   A N9    1 
ATOM   1105 C  C8    . A   A 1 51 ? 5.449  7.885   -16.134 1.00 30.85  ? 51  A   A C8    1 
ATOM   1106 N  N7    . A   A 1 51 ? 4.365  7.171   -15.922 1.00 30.31  ? 51  A   A N7    1 
ATOM   1107 C  C5    . A   A 1 51 ? 4.645  5.955   -16.522 1.00 29.02  ? 51  A   A C5    1 
ATOM   1108 C  C6    . A   A 1 51 ? 3.907  4.765   -16.633 1.00 28.73  ? 51  A   A C6    1 
ATOM   1109 N  N6    . A   A 1 51 ? 2.703  4.586   -16.095 1.00 25.90  ? 51  A   A N6    1 
ATOM   1110 N  N1    . A   A 1 51 ? 4.467  3.741   -17.313 1.00 30.95  ? 51  A   A N1    1 
ATOM   1111 C  C2    . A   A 1 51 ? 5.701  3.904   -17.825 1.00 31.30  ? 51  A   A C2    1 
ATOM   1112 N  N3    . A   A 1 51 ? 6.504  4.964   -17.766 1.00 31.71  ? 51  A   A N3    1 
ATOM   1113 C  C4    . A   A 1 51 ? 5.910  5.971   -17.097 1.00 30.86  ? 51  A   A C4    1 
ATOM   1114 P  P     . A   A 1 52 ? 6.984  10.753  -20.849 1.00 44.22  ? 52  A   A P     1 
ATOM   1115 O  OP1   . A   A 1 52 ? 7.657  11.779  -21.685 1.00 42.46  ? 52  A   A OP1   1 
ATOM   1116 O  OP2   . A   A 1 52 ? 5.701  11.078  -20.173 1.00 39.64  ? 52  A   A OP2   1 
ATOM   1117 O  "O5'" . A   A 1 52 ? 6.816  9.445   -21.738 1.00 43.43  ? 52  A   A "O5'" 1 
ATOM   1118 C  "C5'" . A   A 1 52 ? 7.966  8.809   -22.269 1.00 42.88  ? 52  A   A "C5'" 1 
ATOM   1119 C  "C4'" . A   A 1 52 ? 7.666  7.380   -22.615 1.00 43.28  ? 52  A   A "C4'" 1 
ATOM   1120 O  "O4'" . A   A 1 52 ? 7.269  6.646   -21.427 1.00 43.17  ? 52  A   A "O4'" 1 
ATOM   1121 C  "C3'" . A   A 1 52 ? 6.494  7.167   -23.543 1.00 44.29  ? 52  A   A "C3'" 1 
ATOM   1122 O  "O3'" . A   A 1 52 ? 6.863  7.426   -24.886 1.00 46.80  ? 52  A   A "O3'" 1 
ATOM   1123 C  "C2'" . A   A 1 52 ? 6.206  5.692   -23.309 1.00 44.28  ? 52  A   A "C2'" 1 
ATOM   1124 O  "O2'" . A   A 1 52 ? 7.187  4.880   -23.921 1.00 44.64  ? 52  A   A "O2'" 1 
ATOM   1125 C  "C1'" . A   A 1 52 ? 6.373  5.606   -21.792 1.00 42.19  ? 52  A   A "C1'" 1 
ATOM   1126 N  N9    . A   A 1 52 ? 5.126  5.791   -21.051 1.00 37.69  ? 52  A   A N9    1 
ATOM   1127 C  C8    . A   A 1 52 ? 4.668  6.953   -20.486 1.00 38.62  ? 52  A   A C8    1 
ATOM   1128 N  N7    . A   A 1 52 ? 3.529  6.819   -19.845 1.00 37.42  ? 52  A   A N7    1 
ATOM   1129 C  C5    . A   A 1 52 ? 3.211  5.482   -20.008 1.00 34.66  ? 52  A   A C5    1 
ATOM   1130 C  C6    . A   A 1 52 ? 2.130  4.715   -19.554 1.00 36.19  ? 52  A   A C6    1 
ATOM   1131 N  N6    . A   A 1 52 ? 1.133  5.218   -18.825 1.00 33.53  ? 52  A   A N6    1 
ATOM   1132 N  N1    . A   A 1 52 ? 2.105  3.400   -19.877 1.00 37.17  ? 52  A   A N1    1 
ATOM   1133 C  C2    . A   A 1 52 ? 3.106  2.910   -20.619 1.00 37.63  ? 52  A   A C2    1 
ATOM   1134 N  N3    . A   A 1 52 ? 4.180  3.540   -21.111 1.00 38.53  ? 52  A   A N3    1 
ATOM   1135 C  C4    . A   A 1 52 ? 4.175  4.837   -20.760 1.00 36.80  ? 52  A   A C4    1 
ATOM   1136 P  P     . U   A 1 53 ? 5.736  7.840   -25.939 1.00 48.10  ? 53  U   A P     1 
ATOM   1137 O  OP1   . U   A 1 53 ? 6.387  7.967   -27.268 1.00 46.83  ? 53  U   A OP1   1 
ATOM   1138 O  OP2   . U   A 1 53 ? 4.978  8.989   -25.390 1.00 39.58  ? 53  U   A OP2   1 
ATOM   1139 O  "O5'" . U   A 1 53 ? 4.798  6.545   -25.996 1.00 49.75  ? 53  U   A "O5'" 1 
ATOM   1140 C  "C5'" . U   A 1 53 ? 5.187  5.381   -26.731 1.00 47.81  ? 53  U   A "C5'" 1 
ATOM   1141 C  "C4'" . U   A 1 53 ? 4.108  4.331   -26.651 1.00 47.87  ? 53  U   A "C4'" 1 
ATOM   1142 O  "O4'" . U   A 1 53 ? 3.818  4.107   -25.254 1.00 47.61  ? 53  U   A "O4'" 1 
ATOM   1143 C  "C3'" . U   A 1 53 ? 2.760  4.697   -27.257 1.00 48.36  ? 53  U   A "C3'" 1 
ATOM   1144 O  "O3'" . U   A 1 53 ? 2.691  4.310   -28.642 1.00 49.10  ? 53  U   A "O3'" 1 
ATOM   1145 C  "C2'" . U   A 1 53 ? 1.796  3.823   -26.473 1.00 47.63  ? 53  U   A "C2'" 1 
ATOM   1146 O  "O2'" . U   A 1 53 ? 1.760  2.522   -27.017 1.00 49.27  ? 53  U   A "O2'" 1 
ATOM   1147 C  "C1'" . U   A 1 53 ? 2.454  3.787   -25.090 1.00 44.76  ? 53  U   A "C1'" 1 
ATOM   1148 N  N1    . U   A 1 53 ? 1.897  4.718   -24.098 1.00 38.34  ? 53  U   A N1    1 
ATOM   1149 C  C2    . U   A 1 53 ? 0.901  4.250   -23.243 1.00 38.15  ? 53  U   A C2    1 
ATOM   1150 O  O2    . U   A 1 53 ? 0.468  3.104   -23.280 1.00 40.90  ? 53  U   A O2    1 
ATOM   1151 N  N3    . U   A 1 53 ? 0.435  5.171   -22.342 1.00 35.03  ? 53  U   A N3    1 
ATOM   1152 C  C4    . U   A 1 53 ? 0.846  6.469   -22.200 1.00 35.26  ? 53  U   A C4    1 
ATOM   1153 O  O4    . U   A 1 53 ? 0.319  7.170   -21.342 1.00 36.75  ? 53  U   A O4    1 
ATOM   1154 C  C5    . U   A 1 53 ? 1.873  6.879   -23.107 1.00 35.30  ? 53  U   A C5    1 
ATOM   1155 C  C6    . U   A 1 53 ? 2.350  6.009   -24.007 1.00 37.32  ? 53  U   A C6    1 
HETATM 1156 SR SR    . SR  B 2 .  ? 18.193 -0.194  -0.768  0.50 106.01 ? 201 SR  A SR    1 
HETATM 1157 SR SR    . SR  C 2 .  ? 0.619  4.235   -10.283 1.00 111.83 ? 202 SR  A SR    1 
HETATM 1158 SR SR    . SR  D 2 .  ? 15.288 -6.436  4.614   0.50 85.94  ? 203 SR  A SR    1 
HETATM 1159 SR SR    . SR  E 2 .  ? 2.490  13.143  6.423   1.00 67.85  ? 204 SR  A SR    1 
HETATM 1160 SR SR    . SR  F 2 .  ? 3.675  21.234  3.198   1.00 106.73 ? 205 SR  A SR    1 
HETATM 1161 SR SR    . SR  G 2 .  ? 26.229 -24.345 6.567   0.50 92.46  ? 206 SR  A SR    1 
HETATM 1162 SR SR    . SR  H 2 .  ? 12.453 -1.877  -8.921  1.00 64.83  ? 207 SR  A SR    1 
HETATM 1163 SR SR    . SR  I 2 .  ? 2.684  -3.945  4.629   1.00 61.11  ? 208 SR  A SR    1 
HETATM 1164 SR SR    . SR  J 2 .  ? 12.878 9.618   8.271   1.00 90.72  ? 209 SR  A SR    1 
HETATM 1165 SR SR    . SR  K 2 .  ? 2.026  8.209   11.438  1.00 108.79 ? 210 SR  A SR    1 
HETATM 1166 SR SR    . SR  L 2 .  ? 28.154 -21.487 4.025   0.50 68.53  ? 211 SR  A SR    1 
HETATM 1167 SR SR    . SR  M 2 .  ? -9.648 2.641   -13.546 0.50 99.02  ? 212 SR  A SR    1 
HETATM 1168 SR SR    . SR  N 2 .  ? 18.503 -14.071 5.703   0.50 72.36  ? 213 SR  A SR    1 
HETATM 1169 SR SR    . SR  O 2 .  ? 14.220 -1.419  3.166   0.50 62.57  ? 214 SR  A SR    1 
HETATM 1170 SR SR    . SR  P 2 .  ? 9.393  12.643  4.152   1.00 102.71 ? 215 SR  A SR    1 
HETATM 1171 C  C2    . EEM Q 3 .  ? 3.388  3.077   -0.699  1.00 29.61  ? 216 EEM A C2    1 
HETATM 1172 N  N3    . EEM Q 3 .  ? 3.124  3.916   0.287   1.00 31.13  ? 216 EEM A N3    1 
HETATM 1173 C  C4    . EEM Q 3 .  ? 4.026  4.836   0.660   1.00 32.80  ? 216 EEM A C4    1 
HETATM 1174 C  "C1'" . EEM Q 3 .  ? 2.952  6.091   2.551   1.00 41.36  ? 216 EEM A "C1'" 1 
HETATM 1175 C  "C2'" . EEM Q 3 .  ? 1.596  6.240   1.861   1.00 42.80  ? 216 EEM A "C2'" 1 
HETATM 1176 C  "C3'" . EEM Q 3 .  ? 0.675  5.912   3.034   1.00 45.76  ? 216 EEM A "C3'" 1 
HETATM 1177 C  "C4'" . EEM Q 3 .  ? 1.411  4.692   3.590   1.00 48.00  ? 216 EEM A "C4'" 1 
HETATM 1178 C  "C5'" . EEM Q 3 .  ? 1.166  3.534   2.621   1.00 53.37  ? 216 EEM A "C5'" 1 
HETATM 1179 O  O     . EEM Q 3 .  ? -2.262 0.727   0.036   1.00 70.71  ? 216 EEM A O     1 
HETATM 1180 C  C     . EEM Q 3 .  ? -1.396 0.046   0.628   1.00 70.21  ? 216 EEM A C     1 
HETATM 1181 O  OXT   . EEM Q 3 .  ? -1.565 -0.591  1.691   1.00 70.66  ? 216 EEM A OXT   1 
HETATM 1182 C  CA    . EEM Q 3 .  ? 0.000  0.000   0.000   1.00 69.51  ? 216 EEM A CA    1 
HETATM 1183 N  N     . EEM Q 3 .  ? -0.072 0.402   -1.413  1.00 69.37  ? 216 EEM A N     1 
HETATM 1184 C  CB    . EEM Q 3 .  ? 0.919  0.971   0.742   1.00 68.81  ? 216 EEM A CB    1 
HETATM 1185 C  CG    . EEM Q 3 .  ? 1.124  0.565   2.204   1.00 64.82  ? 216 EEM A CG    1 
HETATM 1186 SE SE    . EEM Q 3 .  ? 1.934  1.932   3.168   1.00 59.00  ? 216 EEM A SE    1 
HETATM 1187 C  CE    . EEM Q 3 .  ? 1.142  1.682   4.816   1.00 57.10  ? 216 EEM A CE    1 
HETATM 1188 O  "O4'" . EEM Q 3 .  ? 2.803  5.047   3.530   1.00 44.86  ? 216 EEM A "O4'" 1 
HETATM 1189 O  "O3'" . EEM Q 3 .  ? 0.710  6.971   3.992   1.00 45.10  ? 216 EEM A "O3'" 1 
HETATM 1190 O  "O2'" . EEM Q 3 .  ? 1.407  7.608   1.497   1.00 44.20  ? 216 EEM A "O2'" 1 
HETATM 1191 N  N9    . EEM Q 3 .  ? 4.037  5.786   1.590   1.00 36.01  ? 216 EEM A N9    1 
HETATM 1192 C  C8    . EEM Q 3 .  ? 5.212  6.414   1.518   1.00 35.38  ? 216 EEM A C8    1 
HETATM 1193 N  N7    . EEM Q 3 .  ? 5.953  5.877   0.552   1.00 34.35  ? 216 EEM A N7    1 
HETATM 1194 C  C5    . EEM Q 3 .  ? 5.246  4.896   0.002   1.00 33.04  ? 216 EEM A C5    1 
HETATM 1195 N  N1    . EEM Q 3 .  ? 4.538  3.106   -1.350  1.00 30.67  ? 216 EEM A N1    1 
HETATM 1196 C  C6    . EEM Q 3 .  ? 5.487  3.994   -1.028  1.00 32.33  ? 216 EEM A C6    1 
HETATM 1197 N  N6    . EEM Q 3 .  ? 6.659  3.995   -1.656  1.00 35.37  ? 216 EEM A N6    1 
HETATM 1198 O  O     . HOH R 4 .  ? 5.037  -4.986  3.631   1.00 48.38  ? 217 HOH A O     1 
HETATM 1199 O  O     . HOH R 4 .  ? -4.935 5.426   -13.351 1.00 43.55  ? 218 HOH A O     1 
HETATM 1200 O  O     . HOH R 4 .  ? 10.147 -2.302  -7.161  1.00 43.65  ? 219 HOH A O     1 
HETATM 1201 O  O     . HOH R 4 .  ? 1.058  2.640   -29.091 1.00 45.75  ? 220 HOH A O     1 
HETATM 1202 O  O     . HOH R 4 .  ? 2.967  -2.618  -9.527  1.00 41.35  ? 221 HOH A O     1 
HETATM 1203 O  O     . HOH R 4 .  ? 23.976 -7.344  -4.425  1.00 45.28  ? 222 HOH A O     1 
HETATM 1204 O  O     . HOH R 4 .  ? 20.391 -12.985 4.054   1.00 49.44  ? 223 HOH A O     1 
HETATM 1205 O  O     . HOH R 4 .  ? 12.907 -23.057 7.491   1.00 43.06  ? 224 HOH A O     1 
HETATM 1206 O  O     . HOH R 4 .  ? 17.941 -10.855 10.120  1.00 46.89  ? 225 HOH A O     1 
HETATM 1207 O  O     . HOH R 4 .  ? 2.243  7.010   -28.989 1.00 47.76  ? 226 HOH A O     1 
HETATM 1208 O  O     . HOH R 4 .  ? -6.646 4.594   -11.605 1.00 37.38  ? 227 HOH A O     1 
# 
